data_1EM0
# 
_entry.id   1EM0 
# 
_audit_conform.dict_name       mmcif_pdbx.dic 
_audit_conform.dict_version    5.385 
_audit_conform.dict_location   http://mmcif.pdb.org/dictionaries/ascii/mmcif_pdbx.dic 
# 
loop_
_database_2.database_id 
_database_2.database_code 
_database_2.pdbx_database_accession 
_database_2.pdbx_DOI 
PDB   1EM0         pdb_00001em0 10.2210/pdb1em0/pdb 
NDB   DD0027       ?            ?                   
RCSB  RCSB010713   ?            ?                   
WWPDB D_1000010713 ?            ?                   
# 
loop_
_pdbx_audit_revision_history.ordinal 
_pdbx_audit_revision_history.data_content_type 
_pdbx_audit_revision_history.major_revision 
_pdbx_audit_revision_history.minor_revision 
_pdbx_audit_revision_history.revision_date 
1 'Structure model' 1 0 2000-08-21 
2 'Structure model' 1 1 2008-04-27 
3 'Structure model' 1 2 2011-07-13 
4 'Structure model' 1 3 2024-02-07 
# 
_pdbx_audit_revision_details.ordinal             1 
_pdbx_audit_revision_details.revision_ordinal    1 
_pdbx_audit_revision_details.data_content_type   'Structure model' 
_pdbx_audit_revision_details.provider            repository 
_pdbx_audit_revision_details.type                'Initial release' 
_pdbx_audit_revision_details.description         ? 
_pdbx_audit_revision_details.details             ? 
# 
loop_
_pdbx_audit_revision_group.ordinal 
_pdbx_audit_revision_group.revision_ordinal 
_pdbx_audit_revision_group.data_content_type 
_pdbx_audit_revision_group.group 
1 2 'Structure model' 'Version format compliance' 
2 3 'Structure model' 'Version format compliance' 
3 4 'Structure model' 'Data collection'           
4 4 'Structure model' 'Database references'       
5 4 'Structure model' 'Derived calculations'      
# 
loop_
_pdbx_audit_revision_category.ordinal 
_pdbx_audit_revision_category.revision_ordinal 
_pdbx_audit_revision_category.data_content_type 
_pdbx_audit_revision_category.category 
1 4 'Structure model' chem_comp_atom         
2 4 'Structure model' chem_comp_bond         
3 4 'Structure model' database_2             
4 4 'Structure model' diffrn_source          
5 4 'Structure model' pdbx_struct_conn_angle 
6 4 'Structure model' struct_conn            
7 4 'Structure model' struct_conn_type       
8 4 'Structure model' struct_site            
# 
loop_
_pdbx_audit_revision_item.ordinal 
_pdbx_audit_revision_item.revision_ordinal 
_pdbx_audit_revision_item.data_content_type 
_pdbx_audit_revision_item.item 
1  4 'Structure model' '_database_2.pdbx_DOI'                      
2  4 'Structure model' '_database_2.pdbx_database_accession'       
3  4 'Structure model' '_diffrn_source.pdbx_synchrotron_site'      
4  4 'Structure model' '_pdbx_struct_conn_angle.ptnr1_auth_seq_id' 
5  4 'Structure model' '_pdbx_struct_conn_angle.ptnr3_auth_seq_id' 
6  4 'Structure model' '_pdbx_struct_conn_angle.value'             
7  4 'Structure model' '_struct_conn.conn_type_id'                 
8  4 'Structure model' '_struct_conn.id'                           
9  4 'Structure model' '_struct_conn.pdbx_dist_value'              
10 4 'Structure model' '_struct_conn.pdbx_leaving_atom_flag'       
11 4 'Structure model' '_struct_conn.pdbx_ptnr1_label_alt_id'      
12 4 'Structure model' '_struct_conn.pdbx_ptnr2_label_alt_id'      
13 4 'Structure model' '_struct_conn.ptnr1_auth_asym_id'           
14 4 'Structure model' '_struct_conn.ptnr1_auth_comp_id'           
15 4 'Structure model' '_struct_conn.ptnr1_auth_seq_id'            
16 4 'Structure model' '_struct_conn.ptnr1_label_asym_id'          
17 4 'Structure model' '_struct_conn.ptnr1_label_atom_id'          
18 4 'Structure model' '_struct_conn.ptnr1_label_comp_id'          
19 4 'Structure model' '_struct_conn.ptnr1_label_seq_id'           
20 4 'Structure model' '_struct_conn.ptnr2_auth_asym_id'           
21 4 'Structure model' '_struct_conn.ptnr2_auth_comp_id'           
22 4 'Structure model' '_struct_conn.ptnr2_auth_seq_id'            
23 4 'Structure model' '_struct_conn.ptnr2_label_asym_id'          
24 4 'Structure model' '_struct_conn.ptnr2_label_atom_id'          
25 4 'Structure model' '_struct_conn.ptnr2_label_comp_id'          
26 4 'Structure model' '_struct_conn.ptnr2_label_seq_id'           
27 4 'Structure model' '_struct_conn_type.id'                      
28 4 'Structure model' '_struct_site.pdbx_auth_asym_id'            
29 4 'Structure model' '_struct_site.pdbx_auth_comp_id'            
30 4 'Structure model' '_struct_site.pdbx_auth_seq_id'             
# 
_pdbx_database_status.status_code                     REL 
_pdbx_database_status.entry_id                        1EM0 
_pdbx_database_status.recvd_initial_deposition_date   2000-03-14 
_pdbx_database_status.deposit_site                    RCSB 
_pdbx_database_status.process_site                    RCSB 
_pdbx_database_status.status_code_sf                  REL 
_pdbx_database_status.SG_entry                        . 
_pdbx_database_status.pdb_format_compatible           Y 
_pdbx_database_status.status_code_mr                  ? 
_pdbx_database_status.status_code_cs                  ? 
_pdbx_database_status.status_code_nmr_data            ? 
_pdbx_database_status.methods_development_category    ? 
# 
loop_
_audit_author.name 
_audit_author.pdbx_ordinal 
'Neidle, S.'    1 
'Sanderson, M.' 2 
'Bennett, M.'   3 
'Krah, A.'      4 
'Wien, F.'      5 
'Garman, E.'    6 
'McKenna, R.'   7 
# 
_citation.id                        primary 
_citation.title                     
'A DNA-porphyrin minor-groove complex at atomic resolution: the structural consequences of porphyrin ruffling.' 
_citation.journal_abbrev            Proc.Natl.Acad.Sci.USA 
_citation.journal_volume            97 
_citation.page_first                9476 
_citation.page_last                 9481 
_citation.year                      2000 
_citation.journal_id_ASTM           PNASA6 
_citation.country                   US 
_citation.journal_id_ISSN           0027-8424 
_citation.journal_id_CSD            0040 
_citation.book_publisher            ? 
_citation.pdbx_database_id_PubMed   10920199 
_citation.pdbx_database_id_DOI      10.1073/pnas.160271897 
# 
loop_
_citation_author.citation_id 
_citation_author.name 
_citation_author.ordinal 
_citation_author.identifier_ORCID 
primary 'Bennett, M.'   1 ? 
primary 'Krah, A.'      2 ? 
primary 'Wien, F.'      3 ? 
primary 'Garman, E.'    4 ? 
primary 'McKenna, R.'   5 ? 
primary 'Sanderson, M.' 6 ? 
primary 'Neidle, S.'    7 ? 
# 
loop_
_entity.id 
_entity.type 
_entity.src_method 
_entity.pdbx_description 
_entity.formula_weight 
_entity.pdbx_number_of_molecules 
_entity.pdbx_ec 
_entity.pdbx_mutation 
_entity.pdbx_fragment 
_entity.details 
1 polymer     syn 
;DNA (5'-D(*(CBR)P*CP*TP*AP*GP*G)-3')
;
1888.113 4   ? ? ? ? 
2 non-polymer syn 'MAGNESIUM ION'                            24.305   2   ? ? ? ? 
3 non-polymer syn 'TETRA[N-METHYL-PYRIDYL] PORPHYRIN-NICKEL' 735.504  2   ? ? ? ? 
4 water       nat water                                      18.015   214 ? ? ? ? 
# 
_entity_poly.entity_id                      1 
_entity_poly.type                           polydeoxyribonucleotide 
_entity_poly.nstd_linkage                   no 
_entity_poly.nstd_monomer                   yes 
_entity_poly.pdbx_seq_one_letter_code       '(CBR)(DC)(DT)(DA)(DG)(DG)' 
_entity_poly.pdbx_seq_one_letter_code_can   CCTAGG 
_entity_poly.pdbx_strand_id                 A,B,C,D 
_entity_poly.pdbx_target_identifier         ? 
# 
loop_
_pdbx_entity_nonpoly.entity_id 
_pdbx_entity_nonpoly.name 
_pdbx_entity_nonpoly.comp_id 
2 'MAGNESIUM ION'                            MG  
3 'TETRA[N-METHYL-PYRIDYL] PORPHYRIN-NICKEL' PNI 
4 water                                      HOH 
# 
loop_
_entity_poly_seq.entity_id 
_entity_poly_seq.num 
_entity_poly_seq.mon_id 
_entity_poly_seq.hetero 
1 1 CBR n 
1 2 DC  n 
1 3 DT  n 
1 4 DA  n 
1 5 DG  n 
1 6 DG  n 
# 
loop_
_chem_comp.id 
_chem_comp.type 
_chem_comp.mon_nstd_flag 
_chem_comp.name 
_chem_comp.pdbx_synonyms 
_chem_comp.formula 
_chem_comp.formula_weight 
CBR 'DNA linking' n "5-BROMO-2'-DEOXY-CYTIDINE-5'-MONOPHOSPHATE" ? 'C9 H13 Br N3 O7 P' 386.093 
DA  'DNA linking' y "2'-DEOXYADENOSINE-5'-MONOPHOSPHATE"         ? 'C10 H14 N5 O6 P'   331.222 
DC  'DNA linking' y "2'-DEOXYCYTIDINE-5'-MONOPHOSPHATE"          ? 'C9 H14 N3 O7 P'    307.197 
DG  'DNA linking' y "2'-DEOXYGUANOSINE-5'-MONOPHOSPHATE"         ? 'C10 H14 N5 O7 P'   347.221 
DT  'DNA linking' y "THYMIDINE-5'-MONOPHOSPHATE"                 ? 'C10 H15 N2 O8 P'   322.208 
HOH non-polymer   . WATER                                        ? 'H2 O'              18.015  
MG  non-polymer   . 'MAGNESIUM ION'                              ? 'Mg 2'              24.305  
PNI non-polymer   . 'TETRA[N-METHYL-PYRIDYL] PORPHYRIN-NICKEL'   ? 'C44 H36 N8 Ni'     735.504 
# 
loop_
_pdbx_poly_seq_scheme.asym_id 
_pdbx_poly_seq_scheme.entity_id 
_pdbx_poly_seq_scheme.seq_id 
_pdbx_poly_seq_scheme.mon_id 
_pdbx_poly_seq_scheme.ndb_seq_num 
_pdbx_poly_seq_scheme.pdb_seq_num 
_pdbx_poly_seq_scheme.auth_seq_num 
_pdbx_poly_seq_scheme.pdb_mon_id 
_pdbx_poly_seq_scheme.auth_mon_id 
_pdbx_poly_seq_scheme.pdb_strand_id 
_pdbx_poly_seq_scheme.pdb_ins_code 
_pdbx_poly_seq_scheme.hetero 
A 1 1 CBR 1 1  1  CBR BRO A . n 
A 1 2 DC  2 2  2  DC  C   A . n 
A 1 3 DT  3 3  3  DT  T   A . n 
A 1 4 DA  4 4  4  DA  A   A . n 
A 1 5 DG  5 5  5  DG  G   A . n 
A 1 6 DG  6 6  6  DG  G   A . n 
B 1 1 CBR 1 7  7  CBR BRO B . n 
B 1 2 DC  2 8  8  DC  C   B . n 
B 1 3 DT  3 9  9  DT  T   B . n 
B 1 4 DA  4 10 10 DA  A   B . n 
B 1 5 DG  5 11 11 DG  G   B . n 
B 1 6 DG  6 12 12 DG  G   B . n 
C 1 1 CBR 1 13 13 CBR BRO C . n 
C 1 2 DC  2 14 14 DC  C   C . n 
C 1 3 DT  3 15 15 DT  T   C . n 
C 1 4 DA  4 16 16 DA  A   C . n 
C 1 5 DG  5 17 17 DG  G   C . n 
C 1 6 DG  6 18 18 DG  G   C . n 
D 1 1 CBR 1 19 19 CBR BRO D . n 
D 1 2 DC  2 20 20 DC  C   D . n 
D 1 3 DT  3 21 21 DT  T   D . n 
D 1 4 DA  4 22 22 DA  A   D . n 
D 1 5 DG  5 23 23 DG  G   D . n 
D 1 6 DG  6 24 24 DG  G   D . n 
# 
loop_
_pdbx_nonpoly_scheme.asym_id 
_pdbx_nonpoly_scheme.entity_id 
_pdbx_nonpoly_scheme.mon_id 
_pdbx_nonpoly_scheme.ndb_seq_num 
_pdbx_nonpoly_scheme.pdb_seq_num 
_pdbx_nonpoly_scheme.auth_seq_num 
_pdbx_nonpoly_scheme.pdb_mon_id 
_pdbx_nonpoly_scheme.auth_mon_id 
_pdbx_nonpoly_scheme.pdb_strand_id 
_pdbx_nonpoly_scheme.pdb_ins_code 
E 2 MG  1  27  27  MG  MO6 A . 
F 3 PNI 1  25  25  PNI PNI B . 
G 2 MG  1  28  28  MG  MO6 C . 
H 3 PNI 1  26  26  PNI PNI D . 
I 4 HOH 1  506 506 HOH HOH A . 
I 4 HOH 2  507 507 HOH HOH A . 
I 4 HOH 3  511 511 HOH HOH A . 
I 4 HOH 4  518 518 HOH HOH A . 
I 4 HOH 5  521 521 HOH HOH A . 
I 4 HOH 6  522 522 HOH HOH A . 
I 4 HOH 7  524 524 HOH HOH A . 
I 4 HOH 8  529 529 HOH HOH A . 
I 4 HOH 9  530 530 HOH HOH A . 
I 4 HOH 10 535 535 HOH HOH A . 
I 4 HOH 11 538 538 HOH HOH A . 
I 4 HOH 12 544 544 HOH HOH A . 
I 4 HOH 13 548 548 HOH HOH A . 
I 4 HOH 14 549 549 HOH HOH A . 
I 4 HOH 15 552 552 HOH HOH A . 
I 4 HOH 16 557 557 HOH HOH A . 
I 4 HOH 17 569 569 HOH HOH A . 
I 4 HOH 18 570 570 HOH HOH A . 
I 4 HOH 19 571 571 HOH HOH A . 
I 4 HOH 20 577 577 HOH HOH A . 
I 4 HOH 21 579 579 HOH HOH A . 
I 4 HOH 22 581 581 HOH HOH A . 
I 4 HOH 23 583 583 HOH HOH A . 
I 4 HOH 24 592 592 HOH HOH A . 
I 4 HOH 25 595 595 HOH HOH A . 
I 4 HOH 26 604 604 HOH HOH A . 
I 4 HOH 27 607 607 HOH HOH A . 
I 4 HOH 28 608 608 HOH HOH A . 
I 4 HOH 29 611 611 HOH HOH A . 
I 4 HOH 30 612 612 HOH HOH A . 
I 4 HOH 31 614 614 HOH HOH A . 
I 4 HOH 32 621 621 HOH HOH A . 
I 4 HOH 33 624 624 HOH HOH A . 
I 4 HOH 34 626 626 HOH HOH A . 
I 4 HOH 35 629 629 HOH HOH A . 
I 4 HOH 36 632 632 HOH HOH A . 
I 4 HOH 37 634 634 HOH HOH A . 
I 4 HOH 38 635 635 HOH HOH A . 
I 4 HOH 39 636 636 HOH HOH A . 
I 4 HOH 40 637 637 HOH HOH A . 
I 4 HOH 41 638 638 HOH HOH A . 
I 4 HOH 42 646 646 HOH HOH A . 
I 4 HOH 43 649 649 HOH HOH A . 
I 4 HOH 44 655 655 HOH HOH A . 
I 4 HOH 45 659 659 HOH HOH A . 
I 4 HOH 46 660 660 HOH HOH A . 
I 4 HOH 47 662 662 HOH HOH A . 
I 4 HOH 48 663 663 HOH HOH A . 
I 4 HOH 49 667 667 HOH HOH A . 
I 4 HOH 50 669 669 HOH HOH A . 
I 4 HOH 51 673 673 HOH HOH A . 
I 4 HOH 52 690 690 HOH HOH A . 
I 4 HOH 53 691 691 HOH HOH A . 
I 4 HOH 54 696 696 HOH HOH A . 
I 4 HOH 55 701 701 HOH HOH A . 
I 4 HOH 56 703 27  HOH MO6 A . 
I 4 HOH 57 704 27  HOH MO6 A . 
I 4 HOH 58 705 27  HOH MO6 A . 
I 4 HOH 59 706 27  HOH MO6 A . 
I 4 HOH 60 707 27  HOH MO6 A . 
I 4 HOH 61 708 27  HOH MO6 A . 
J 4 HOH 1  501 501 HOH HOH B . 
J 4 HOH 2  502 502 HOH HOH B . 
J 4 HOH 3  508 508 HOH HOH B . 
J 4 HOH 4  510 510 HOH HOH B . 
J 4 HOH 5  515 515 HOH HOH B . 
J 4 HOH 6  517 517 HOH HOH B . 
J 4 HOH 7  527 527 HOH HOH B . 
J 4 HOH 8  528 528 HOH HOH B . 
J 4 HOH 9  536 536 HOH HOH B . 
J 4 HOH 10 540 540 HOH HOH B . 
J 4 HOH 11 541 541 HOH HOH B . 
J 4 HOH 12 545 545 HOH HOH B . 
J 4 HOH 13 556 556 HOH HOH B . 
J 4 HOH 14 558 558 HOH HOH B . 
J 4 HOH 15 563 563 HOH HOH B . 
J 4 HOH 16 566 566 HOH HOH B . 
J 4 HOH 17 567 567 HOH HOH B . 
J 4 HOH 18 573 573 HOH HOH B . 
J 4 HOH 19 575 575 HOH HOH B . 
J 4 HOH 20 580 580 HOH HOH B . 
J 4 HOH 21 582 582 HOH HOH B . 
J 4 HOH 22 586 586 HOH HOH B . 
J 4 HOH 23 589 589 HOH HOH B . 
J 4 HOH 24 590 590 HOH HOH B . 
J 4 HOH 25 591 591 HOH HOH B . 
J 4 HOH 26 599 599 HOH HOH B . 
J 4 HOH 27 601 601 HOH HOH B . 
J 4 HOH 28 602 602 HOH HOH B . 
J 4 HOH 29 606 606 HOH HOH B . 
J 4 HOH 30 609 609 HOH HOH B . 
J 4 HOH 31 619 619 HOH HOH B . 
J 4 HOH 32 622 622 HOH HOH B . 
J 4 HOH 33 630 630 HOH HOH B . 
J 4 HOH 34 640 640 HOH HOH B . 
J 4 HOH 35 642 642 HOH HOH B . 
J 4 HOH 36 643 643 HOH HOH B . 
J 4 HOH 37 644 644 HOH HOH B . 
J 4 HOH 38 650 650 HOH HOH B . 
J 4 HOH 39 651 651 HOH HOH B . 
J 4 HOH 40 653 653 HOH HOH B . 
J 4 HOH 41 658 658 HOH HOH B . 
J 4 HOH 42 671 671 HOH HOH B . 
J 4 HOH 43 676 676 HOH HOH B . 
J 4 HOH 44 678 678 HOH HOH B . 
J 4 HOH 45 679 679 HOH HOH B . 
J 4 HOH 46 682 682 HOH HOH B . 
J 4 HOH 47 684 684 HOH HOH B . 
J 4 HOH 48 695 695 HOH HOH B . 
K 4 HOH 1  505 505 HOH HOH C . 
K 4 HOH 2  509 509 HOH HOH C . 
K 4 HOH 3  519 519 HOH HOH C . 
K 4 HOH 4  520 520 HOH HOH C . 
K 4 HOH 5  523 523 HOH HOH C . 
K 4 HOH 6  526 526 HOH HOH C . 
K 4 HOH 7  531 531 HOH HOH C . 
K 4 HOH 8  537 537 HOH HOH C . 
K 4 HOH 9  539 539 HOH HOH C . 
K 4 HOH 10 542 542 HOH HOH C . 
K 4 HOH 11 543 543 HOH HOH C . 
K 4 HOH 12 546 546 HOH HOH C . 
K 4 HOH 13 550 550 HOH HOH C . 
K 4 HOH 14 553 553 HOH HOH C . 
K 4 HOH 15 560 560 HOH HOH C . 
K 4 HOH 16 564 564 HOH HOH C . 
K 4 HOH 17 565 565 HOH HOH C . 
K 4 HOH 18 572 572 HOH HOH C . 
K 4 HOH 19 574 574 HOH HOH C . 
K 4 HOH 20 587 587 HOH HOH C . 
K 4 HOH 21 593 593 HOH HOH C . 
K 4 HOH 22 596 596 HOH HOH C . 
K 4 HOH 23 598 598 HOH HOH C . 
K 4 HOH 24 600 600 HOH HOH C . 
K 4 HOH 25 610 610 HOH HOH C . 
K 4 HOH 26 615 615 HOH HOH C . 
K 4 HOH 27 620 620 HOH HOH C . 
K 4 HOH 28 623 623 HOH HOH C . 
K 4 HOH 29 625 625 HOH HOH C . 
K 4 HOH 30 627 627 HOH HOH C . 
K 4 HOH 31 628 628 HOH HOH C . 
K 4 HOH 32 631 631 HOH HOH C . 
K 4 HOH 33 633 633 HOH HOH C . 
K 4 HOH 34 645 645 HOH HOH C . 
K 4 HOH 35 654 654 HOH HOH C . 
K 4 HOH 36 656 656 HOH HOH C . 
K 4 HOH 37 657 657 HOH HOH C . 
K 4 HOH 38 664 664 HOH HOH C . 
K 4 HOH 39 665 665 HOH HOH C . 
K 4 HOH 40 668 668 HOH HOH C . 
K 4 HOH 41 674 674 HOH HOH C . 
K 4 HOH 42 677 677 HOH HOH C . 
K 4 HOH 43 686 686 HOH HOH C . 
K 4 HOH 44 687 687 HOH HOH C . 
K 4 HOH 45 688 688 HOH HOH C . 
K 4 HOH 46 689 689 HOH HOH C . 
K 4 HOH 47 692 692 HOH HOH C . 
K 4 HOH 48 699 699 HOH HOH C . 
K 4 HOH 49 702 702 HOH HOH C . 
K 4 HOH 50 709 28  HOH MO6 C . 
K 4 HOH 51 710 28  HOH MO6 C . 
K 4 HOH 52 711 28  HOH MO6 C . 
K 4 HOH 53 712 28  HOH MO6 C . 
K 4 HOH 54 713 28  HOH MO6 C . 
K 4 HOH 55 714 28  HOH MO6 C . 
L 4 HOH 1  503 503 HOH HOH D . 
L 4 HOH 2  504 504 HOH HOH D . 
L 4 HOH 3  512 512 HOH HOH D . 
L 4 HOH 4  513 513 HOH HOH D . 
L 4 HOH 5  514 514 HOH HOH D . 
L 4 HOH 6  516 516 HOH HOH D . 
L 4 HOH 7  525 525 HOH HOH D . 
L 4 HOH 8  532 532 HOH HOH D . 
L 4 HOH 9  533 533 HOH HOH D . 
L 4 HOH 10 534 534 HOH HOH D . 
L 4 HOH 11 547 547 HOH HOH D . 
L 4 HOH 12 551 551 HOH HOH D . 
L 4 HOH 13 554 554 HOH HOH D . 
L 4 HOH 14 555 555 HOH HOH D . 
L 4 HOH 15 559 559 HOH HOH D . 
L 4 HOH 16 561 561 HOH HOH D . 
L 4 HOH 17 562 562 HOH HOH D . 
L 4 HOH 18 568 568 HOH HOH D . 
L 4 HOH 19 576 576 HOH HOH D . 
L 4 HOH 20 578 578 HOH HOH D . 
L 4 HOH 21 584 584 HOH HOH D . 
L 4 HOH 22 585 585 HOH HOH D . 
L 4 HOH 23 588 588 HOH HOH D . 
L 4 HOH 24 594 594 HOH HOH D . 
L 4 HOH 25 597 597 HOH HOH D . 
L 4 HOH 26 603 603 HOH HOH D . 
L 4 HOH 27 605 605 HOH HOH D . 
L 4 HOH 28 613 613 HOH HOH D . 
L 4 HOH 29 616 616 HOH HOH D . 
L 4 HOH 30 617 617 HOH HOH D . 
L 4 HOH 31 618 618 HOH HOH D . 
L 4 HOH 32 639 639 HOH HOH D . 
L 4 HOH 33 641 641 HOH HOH D . 
L 4 HOH 34 647 647 HOH HOH D . 
L 4 HOH 35 648 648 HOH HOH D . 
L 4 HOH 36 652 652 HOH HOH D . 
L 4 HOH 37 661 661 HOH HOH D . 
L 4 HOH 38 666 666 HOH HOH D . 
L 4 HOH 39 670 670 HOH HOH D . 
L 4 HOH 40 672 672 HOH HOH D . 
L 4 HOH 41 675 675 HOH HOH D . 
L 4 HOH 42 680 680 HOH HOH D . 
L 4 HOH 43 681 681 HOH HOH D . 
L 4 HOH 44 683 683 HOH HOH D . 
L 4 HOH 45 685 685 HOH HOH D . 
L 4 HOH 46 693 693 HOH HOH D . 
L 4 HOH 47 694 694 HOH HOH D . 
L 4 HOH 48 697 697 HOH HOH D . 
L 4 HOH 49 698 698 HOH HOH D . 
L 4 HOH 50 700 700 HOH HOH D . 
# 
loop_
_software.name 
_software.classification 
_software.version 
_software.citation_id 
_software.pdbx_ordinal 
CCP4      'model building' 'MAD PROGS'   ? 1 
SHELXL-97 refinement       .             ? 2 
DENZO     'data reduction' .             ? 3 
SCALEPACK 'data scaling'   .             ? 4 
CCP4      phasing          '(MAD PROGS)' ? 5 
# 
_cell.entry_id           1EM0 
_cell.length_a           32.210 
_cell.length_b           32.210 
_cell.length_c           62.257 
_cell.angle_alpha        90.00 
_cell.angle_beta         90.00 
_cell.angle_gamma        90.00 
_cell.Z_PDB              16 
_cell.pdbx_unique_axis   ? 
# 
_symmetry.entry_id                         1EM0 
_symmetry.space_group_name_H-M             'P 41' 
_symmetry.pdbx_full_space_group_name_H-M   ? 
_symmetry.cell_setting                     tetragonal 
_symmetry.Int_Tables_number                76 
# 
_exptl.entry_id          1EM0 
_exptl.method            'X-RAY DIFFRACTION' 
_exptl.crystals_number   1 
# 
_exptl_crystal.id                    1 
_exptl_crystal.density_meas          ? 
_exptl_crystal.density_percent_sol   42.44 
_exptl_crystal.density_Matthews      2.14 
_exptl_crystal.description           ? 
# 
_exptl_crystal_grow.crystal_id      1 
_exptl_crystal_grow.method          'VAPOR DIFFUSION, SITTING DROP' 
_exptl_crystal_grow.temp            290 
_exptl_crystal_grow.temp_details    ? 
_exptl_crystal_grow.pH              7.0 
_exptl_crystal_grow.pdbx_details    
;1.25UM DNA, 1.25UM NI-PORPHYRIN, 50UM MGCL2, 5% MPD, 30MM SODIUM CACODYLATE, AGAINST 500UM RESERVOIR OF 55% MPD, pH 7.0, VAPOR DIFFUSION, SITTING DROP, temperature 290K
;
_exptl_crystal_grow.pdbx_pH_range   ? 
# 
loop_
_diffrn.id 
_diffrn.ambient_temp 
_diffrn.ambient_temp_details 
_diffrn.crystal_id 
1 100 ? 1 
2 100 ? 1 
# 
loop_
_diffrn_detector.diffrn_id 
_diffrn_detector.detector 
_diffrn_detector.type 
_diffrn_detector.pdbx_collection_date 
_diffrn_detector.details 
1 'IMAGE PLATE' MARRESEARCH ? ? 
2 'IMAGE PLATE' MARRESEARCH ? ? 
# 
loop_
_diffrn_radiation.diffrn_id 
_diffrn_radiation.wavelength_id 
_diffrn_radiation.pdbx_monochromatic_or_laue_m_l 
_diffrn_radiation.monochromator 
_diffrn_radiation.pdbx_diffrn_protocol 
_diffrn_radiation.pdbx_scattering_type 
1 1 M ? 'SINGLE WAVELENGTH' x-ray 
2 1 M ? 'SINGLE WAVELENGTH' x-ray 
# 
loop_
_diffrn_radiation_wavelength.id 
_diffrn_radiation_wavelength.wavelength 
_diffrn_radiation_wavelength.wt 
1 0.9189 1.0 
2 0.9057 1.0 
# 
loop_
_diffrn_source.diffrn_id 
_diffrn_source.source 
_diffrn_source.type 
_diffrn_source.pdbx_synchrotron_site 
_diffrn_source.pdbx_synchrotron_beamline 
_diffrn_source.pdbx_wavelength 
_diffrn_source.pdbx_wavelength_list 
1 SYNCHROTRON 'ESRF BEAMLINE BM14'              ESRF                 BM14 0.9189 ? 
2 SYNCHROTRON 'EMBL/DESY, HAMBURG BEAMLINE X11' 'EMBL/DESY, HAMBURG' X11  0.9057 ? 
# 
_reflns.entry_id                     1EM0 
_reflns.observed_criterion_sigma_I   2 
_reflns.observed_criterion_sigma_F   4 
_reflns.d_resolution_low             30. 
_reflns.d_resolution_high            0.86 
_reflns.number_obs                   45197 
_reflns.number_all                   ? 
_reflns.percent_possible_obs         93 
_reflns.pdbx_Rmerge_I_obs            0.021 
_reflns.pdbx_Rsym_value              ? 
_reflns.pdbx_netI_over_sigmaI        ? 
_reflns.B_iso_Wilson_estimate        ? 
_reflns.pdbx_redundancy              8 
_reflns.R_free_details               ? 
_reflns.pdbx_diffrn_id               1,2 
_reflns.pdbx_ordinal                 1 
# 
_reflns_shell.d_res_high             0.9 
_reflns_shell.d_res_low              1.0 
_reflns_shell.percent_possible_all   70.3 
_reflns_shell.Rmerge_I_obs           0.124 
_reflns_shell.pdbx_Rsym_value        ? 
_reflns_shell.meanI_over_sigI_obs    ? 
_reflns_shell.pdbx_redundancy        8 
_reflns_shell.percent_possible_obs   ? 
_reflns_shell.number_unique_all      ? 
_reflns_shell.pdbx_diffrn_id         ? 
_reflns_shell.pdbx_ordinal           1 
# 
_refine.entry_id                                 1EM0 
_refine.ls_number_reflns_obs                     37075 
_refine.ls_number_reflns_all                     42874 
_refine.pdbx_ls_sigma_I                          2 
_refine.pdbx_ls_sigma_F                          4 
_refine.pdbx_data_cutoff_high_absF               ? 
_refine.pdbx_data_cutoff_low_absF                ? 
_refine.pdbx_data_cutoff_high_rms_absF           ? 
_refine.ls_d_res_low                             6. 
_refine.ls_d_res_high                            0.9 
_refine.ls_percent_reflns_obs                    ? 
_refine.ls_R_factor_obs                          0.152 
_refine.ls_R_factor_all                          0.151 
_refine.ls_R_factor_R_work                       0.152 
_refine.ls_R_factor_R_free                       0.172 
_refine.ls_R_factor_R_free_error                 ? 
_refine.ls_R_factor_R_free_error_details         ? 
_refine.ls_percent_reflns_R_free                 5 
_refine.ls_number_reflns_R_free                  2323 
_refine.ls_number_parameters                     3867 
_refine.ls_number_restraints                     0 
_refine.occupancy_min                            ? 
_refine.occupancy_max                            ? 
_refine.B_iso_mean                               ? 
_refine.aniso_B[1][1]                            ? 
_refine.aniso_B[2][2]                            ? 
_refine.aniso_B[3][3]                            ? 
_refine.aniso_B[1][2]                            ? 
_refine.aniso_B[1][3]                            ? 
_refine.aniso_B[2][3]                            ? 
_refine.solvent_model_details                    ? 
_refine.solvent_model_param_ksol                 ? 
_refine.solvent_model_param_bsol                 ? 
_refine.pdbx_ls_cross_valid_method               THROUGHOUT 
_refine.details                                  'FULL-MATRIX LEAST-SQUARES' 
_refine.pdbx_starting_model                      ? 
_refine.pdbx_method_to_determine_struct          ? 
_refine.pdbx_isotropic_thermal_model             ? 
_refine.pdbx_stereochemistry_target_values       'NO RESTRAINTS USED, THEREFORE THE RMSD DEVIATIONS ABOVE DO NOT HAVE ANY MEANING' 
_refine.pdbx_stereochem_target_val_spec_case     ? 
_refine.pdbx_R_Free_selection_details            RANDOM 
_refine.pdbx_overall_ESU_R                       ? 
_refine.pdbx_overall_ESU_R_Free                  ? 
_refine.overall_SU_ML                            ? 
_refine.overall_SU_B                             ? 
_refine.ls_redundancy_reflns_obs                 ? 
_refine.correlation_coeff_Fo_to_Fc               ? 
_refine.correlation_coeff_Fo_to_Fc_free          ? 
_refine.overall_SU_R_Cruickshank_DPI             ? 
_refine.overall_SU_R_free                        ? 
_refine.pdbx_refine_id                           'X-RAY DIFFRACTION' 
_refine.pdbx_diffrn_id                           1 
_refine.pdbx_TLS_residual_ADP_flag               ? 
_refine.pdbx_solvent_vdw_probe_radii             ? 
_refine.pdbx_solvent_ion_probe_radii             ? 
_refine.pdbx_solvent_shrinkage_radii             ? 
_refine.pdbx_overall_phase_error                 ? 
_refine.pdbx_overall_SU_R_free_Cruickshank_DPI   ? 
_refine.pdbx_overall_SU_R_Blow_DPI               ? 
_refine.pdbx_overall_SU_R_free_Blow_DPI          ? 
# 
_refine_hist.pdbx_refine_id                   'X-RAY DIFFRACTION' 
_refine_hist.cycle_id                         LAST 
_refine_hist.pdbx_number_atoms_protein        0 
_refine_hist.pdbx_number_atoms_nucleic_acid   772 
_refine_hist.pdbx_number_atoms_ligand         196 
_refine_hist.number_atoms_solvent             202 
_refine_hist.number_atoms_total               1170 
_refine_hist.d_res_high                       0.9 
_refine_hist.d_res_low                        6. 
# 
_pdbx_refine.entry_id                                    1EM0 
_pdbx_refine.R_factor_all_no_cutoff                      ? 
_pdbx_refine.R_factor_obs_no_cutoff                      ? 
_pdbx_refine.free_R_factor_no_cutoff                     ? 
_pdbx_refine.free_R_val_test_set_size_perc_no_cutoff     ? 
_pdbx_refine.free_R_val_test_set_ct_no_cutoff            ? 
_pdbx_refine.R_factor_all_4sig_cutoff                    0.142 
_pdbx_refine.R_factor_obs_4sig_cutoff                    0.142 
_pdbx_refine.free_R_factor_4sig_cutoff                   0.161 
_pdbx_refine.free_R_val_test_set_size_perc_4sig_cutoff   5.4 
_pdbx_refine.free_R_val_test_set_ct_4sig_cutoff          1990 
_pdbx_refine.number_reflns_obs_4sig_cutoff               37075 
_pdbx_refine.number_reflns_obs_no_cutoff                 ? 
_pdbx_refine.pdbx_refine_id                              'X-RAY DIFFRACTION' 
_pdbx_refine.free_R_error_no_cutoff                      ? 
# 
_struct.entry_id                  1EM0 
_struct.title                     'COMPLEX OF D(CCTAGG) WITH TETRA-[N-METHYL-PYRIDYL] PORPHYRIN' 
_struct.pdbx_model_details        ? 
_struct.pdbx_CASP_flag            ? 
_struct.pdbx_model_type_details   ? 
# 
_struct_keywords.entry_id        1EM0 
_struct_keywords.pdbx_keywords   DNA 
_struct_keywords.text            'PORPHYRIN, RUFFLING, DNA DISTORTION, GROOVE BINDING, DNA' 
# 
loop_
_struct_asym.id 
_struct_asym.pdbx_blank_PDB_chainid_flag 
_struct_asym.pdbx_modified 
_struct_asym.entity_id 
_struct_asym.details 
A N N 1 ? 
B N N 1 ? 
C N N 1 ? 
D N N 1 ? 
E N N 2 ? 
F N N 3 ? 
G N N 2 ? 
H N N 3 ? 
I N N 4 ? 
J N N 4 ? 
K N N 4 ? 
L N N 4 ? 
# 
_struct_ref.id                         1 
_struct_ref.entity_id                  1 
_struct_ref.db_name                    PDB 
_struct_ref.db_code                    1EM0 
_struct_ref.pdbx_db_accession          1EM0 
_struct_ref.pdbx_db_isoform            ? 
_struct_ref.pdbx_seq_one_letter_code   ? 
_struct_ref.pdbx_align_begin           ? 
# 
loop_
_struct_ref_seq.align_id 
_struct_ref_seq.ref_id 
_struct_ref_seq.pdbx_PDB_id_code 
_struct_ref_seq.pdbx_strand_id 
_struct_ref_seq.seq_align_beg 
_struct_ref_seq.pdbx_seq_align_beg_ins_code 
_struct_ref_seq.seq_align_end 
_struct_ref_seq.pdbx_seq_align_end_ins_code 
_struct_ref_seq.pdbx_db_accession 
_struct_ref_seq.db_align_beg 
_struct_ref_seq.pdbx_db_align_beg_ins_code 
_struct_ref_seq.db_align_end 
_struct_ref_seq.pdbx_db_align_end_ins_code 
_struct_ref_seq.pdbx_auth_seq_align_beg 
_struct_ref_seq.pdbx_auth_seq_align_end 
1 1 1EM0 A 1 ? 6 ? 1EM0 1  ? 6  ? 1  6  
2 1 1EM0 B 1 ? 6 ? 1EM0 7  ? 12 ? 7  12 
3 1 1EM0 C 1 ? 6 ? 1EM0 13 ? 18 ? 13 18 
4 1 1EM0 D 1 ? 6 ? 1EM0 19 ? 24 ? 19 24 
# 
_pdbx_struct_assembly.id                   1 
_pdbx_struct_assembly.details              author_defined_assembly 
_pdbx_struct_assembly.method_details       ? 
_pdbx_struct_assembly.oligomeric_details   tetrameric 
_pdbx_struct_assembly.oligomeric_count     4 
# 
_pdbx_struct_assembly_gen.assembly_id       1 
_pdbx_struct_assembly_gen.oper_expression   1 
_pdbx_struct_assembly_gen.asym_id_list      A,B,C,D,E,F,G,H,I,J,K,L 
# 
_pdbx_struct_oper_list.id                   1 
_pdbx_struct_oper_list.type                 'identity operation' 
_pdbx_struct_oper_list.name                 1_555 
_pdbx_struct_oper_list.symmetry_operation   x,y,z 
_pdbx_struct_oper_list.matrix[1][1]         1.0000000000 
_pdbx_struct_oper_list.matrix[1][2]         0.0000000000 
_pdbx_struct_oper_list.matrix[1][3]         0.0000000000 
_pdbx_struct_oper_list.vector[1]            0.0000000000 
_pdbx_struct_oper_list.matrix[2][1]         0.0000000000 
_pdbx_struct_oper_list.matrix[2][2]         1.0000000000 
_pdbx_struct_oper_list.matrix[2][3]         0.0000000000 
_pdbx_struct_oper_list.vector[2]            0.0000000000 
_pdbx_struct_oper_list.matrix[3][1]         0.0000000000 
_pdbx_struct_oper_list.matrix[3][2]         0.0000000000 
_pdbx_struct_oper_list.matrix[3][3]         1.0000000000 
_pdbx_struct_oper_list.vector[3]            0.0000000000 
# 
_struct_biol.id                    1 
_struct_biol.pdbx_parent_biol_id   ? 
_struct_biol.details               ? 
# 
loop_
_struct_conn.id 
_struct_conn.conn_type_id 
_struct_conn.pdbx_leaving_atom_flag 
_struct_conn.pdbx_PDB_id 
_struct_conn.ptnr1_label_asym_id 
_struct_conn.ptnr1_label_comp_id 
_struct_conn.ptnr1_label_seq_id 
_struct_conn.ptnr1_label_atom_id 
_struct_conn.pdbx_ptnr1_label_alt_id 
_struct_conn.pdbx_ptnr1_PDB_ins_code 
_struct_conn.pdbx_ptnr1_standard_comp_id 
_struct_conn.ptnr1_symmetry 
_struct_conn.ptnr2_label_asym_id 
_struct_conn.ptnr2_label_comp_id 
_struct_conn.ptnr2_label_seq_id 
_struct_conn.ptnr2_label_atom_id 
_struct_conn.pdbx_ptnr2_label_alt_id 
_struct_conn.pdbx_ptnr2_PDB_ins_code 
_struct_conn.ptnr1_auth_asym_id 
_struct_conn.ptnr1_auth_comp_id 
_struct_conn.ptnr1_auth_seq_id 
_struct_conn.ptnr2_auth_asym_id 
_struct_conn.ptnr2_auth_comp_id 
_struct_conn.ptnr2_auth_seq_id 
_struct_conn.ptnr2_symmetry 
_struct_conn.pdbx_ptnr3_label_atom_id 
_struct_conn.pdbx_ptnr3_label_seq_id 
_struct_conn.pdbx_ptnr3_label_comp_id 
_struct_conn.pdbx_ptnr3_label_asym_id 
_struct_conn.pdbx_ptnr3_label_alt_id 
_struct_conn.pdbx_ptnr3_PDB_ins_code 
_struct_conn.details 
_struct_conn.pdbx_dist_value 
_struct_conn.pdbx_value_order 
_struct_conn.pdbx_role 
covale1  covale both ? A CBR 1 "O3'" ? ? ? 1_555 A DC  2 P  ? ? A CBR 1  A DC  2   1_555 ? ? ? ? ? ? ?            1.509 ? ? 
covale2  covale both ? B CBR 1 "O3'" A ? ? 1_555 B DC  2 P  A ? B CBR 7  B DC  8   1_555 ? ? ? ? ? ? ?            1.490 ? ? 
covale3  covale both ? B CBR 1 "O3'" B ? ? 1_555 B DC  2 P  B ? B CBR 7  B DC  8   1_555 ? ? ? ? ? ? ?            1.688 ? ? 
covale4  covale both ? C CBR 1 "O3'" ? ? ? 1_555 C DC  2 P  ? ? C CBR 13 C DC  14  1_555 ? ? ? ? ? ? ?            1.488 ? ? 
covale5  covale both ? D CBR 1 "O3'" D ? ? 1_555 D DC  2 P  D ? D CBR 19 D DC  20  1_555 ? ? ? ? ? ? ?            1.636 ? ? 
covale6  covale both ? D CBR 1 "O3'" C ? ? 1_555 D DC  2 P  C ? D CBR 19 D DC  20  1_555 ? ? ? ? ? ? ?            1.634 ? ? 
metalc1  metalc ?    ? E MG  . MG    ? ? ? 1_555 I HOH . O  ? ? A MG  27 A HOH 703 1_555 ? ? ? ? ? ? ?            2.075 ? ? 
metalc2  metalc ?    ? E MG  . MG    ? ? ? 1_555 I HOH . O  ? ? A MG  27 A HOH 704 1_555 ? ? ? ? ? ? ?            2.013 ? ? 
metalc3  metalc ?    ? E MG  . MG    ? ? ? 1_555 I HOH . O  ? ? A MG  27 A HOH 705 1_555 ? ? ? ? ? ? ?            2.099 ? ? 
metalc4  metalc ?    ? E MG  . MG    ? ? ? 1_555 I HOH . O  ? ? A MG  27 A HOH 706 1_555 ? ? ? ? ? ? ?            2.065 ? ? 
metalc5  metalc ?    ? E MG  . MG    ? ? ? 1_555 I HOH . O  ? ? A MG  27 A HOH 707 1_555 ? ? ? ? ? ? ?            2.129 ? ? 
metalc6  metalc ?    ? E MG  . MG    ? ? ? 1_555 I HOH . O  ? ? A MG  27 A HOH 708 1_555 ? ? ? ? ? ? ?            2.122 ? ? 
metalc7  metalc ?    ? G MG  . MG    ? ? ? 1_555 K HOH . O  ? ? C MG  28 C HOH 709 1_555 ? ? ? ? ? ? ?            2.042 ? ? 
metalc8  metalc ?    ? G MG  . MG    ? ? ? 1_555 K HOH . O  ? ? C MG  28 C HOH 710 1_555 ? ? ? ? ? ? ?            2.022 ? ? 
metalc9  metalc ?    ? G MG  . MG    ? ? ? 1_555 K HOH . O  ? ? C MG  28 C HOH 711 1_555 ? ? ? ? ? ? ?            2.080 ? ? 
metalc10 metalc ?    ? G MG  . MG    ? ? ? 1_555 K HOH . O  ? ? C MG  28 C HOH 712 1_555 ? ? ? ? ? ? ?            2.146 ? ? 
metalc11 metalc ?    ? G MG  . MG    ? ? ? 1_555 K HOH . O  ? ? C MG  28 C HOH 713 1_555 ? ? ? ? ? ? ?            2.026 ? ? 
metalc12 metalc ?    ? G MG  . MG    ? ? ? 1_555 K HOH . O  ? ? C MG  28 C HOH 714 1_555 ? ? ? ? ? ? ?            2.115 ? ? 
hydrog1  hydrog ?    ? A CBR 1 N3    ? ? ? 1_555 B DG  6 N1 ? ? A CBR 1  B DG  12  1_555 ? ? ? ? ? ? WATSON-CRICK ?     ? ? 
hydrog2  hydrog ?    ? A CBR 1 N4    ? ? ? 1_555 B DG  6 O6 ? ? A CBR 1  B DG  12  1_555 ? ? ? ? ? ? WATSON-CRICK ?     ? ? 
hydrog3  hydrog ?    ? A CBR 1 O2    ? ? ? 1_555 B DG  6 N2 ? ? A CBR 1  B DG  12  1_555 ? ? ? ? ? ? WATSON-CRICK ?     ? ? 
hydrog4  hydrog ?    ? A DC  2 N3    ? ? ? 1_555 B DG  5 N1 ? ? A DC  2  B DG  11  1_555 ? ? ? ? ? ? WATSON-CRICK ?     ? ? 
hydrog5  hydrog ?    ? A DC  2 N4    ? ? ? 1_555 B DG  5 O6 ? ? A DC  2  B DG  11  1_555 ? ? ? ? ? ? WATSON-CRICK ?     ? ? 
hydrog6  hydrog ?    ? A DC  2 O2    ? ? ? 1_555 B DG  5 N2 ? ? A DC  2  B DG  11  1_555 ? ? ? ? ? ? WATSON-CRICK ?     ? ? 
hydrog7  hydrog ?    ? A DT  3 N3    ? ? ? 1_555 B DA  4 N1 ? ? A DT  3  B DA  10  1_555 ? ? ? ? ? ? WATSON-CRICK ?     ? ? 
hydrog8  hydrog ?    ? A DT  3 O4    ? ? ? 1_555 B DA  4 N6 ? ? A DT  3  B DA  10  1_555 ? ? ? ? ? ? WATSON-CRICK ?     ? ? 
hydrog9  hydrog ?    ? A DA  4 N1    ? ? ? 1_555 B DT  3 N3 ? ? A DA  4  B DT  9   1_555 ? ? ? ? ? ? WATSON-CRICK ?     ? ? 
hydrog10 hydrog ?    ? A DA  4 N6    ? ? ? 1_555 B DT  3 O4 ? ? A DA  4  B DT  9   1_555 ? ? ? ? ? ? WATSON-CRICK ?     ? ? 
hydrog11 hydrog ?    ? A DG  5 N1    ? ? ? 1_555 B DC  2 N3 ? ? A DG  5  B DC  8   1_555 ? ? ? ? ? ? WATSON-CRICK ?     ? ? 
hydrog12 hydrog ?    ? A DG  5 N2    ? ? ? 1_555 B DC  2 O2 ? ? A DG  5  B DC  8   1_555 ? ? ? ? ? ? WATSON-CRICK ?     ? ? 
hydrog13 hydrog ?    ? A DG  5 O6    ? ? ? 1_555 B DC  2 N4 ? ? A DG  5  B DC  8   1_555 ? ? ? ? ? ? WATSON-CRICK ?     ? ? 
hydrog14 hydrog ?    ? A DG  6 N1    ? ? ? 1_555 B CBR 1 N3 ? ? A DG  6  B CBR 7   1_555 ? ? ? ? ? ? WATSON-CRICK ?     ? ? 
hydrog15 hydrog ?    ? A DG  6 N2    ? ? ? 1_555 B CBR 1 O2 ? ? A DG  6  B CBR 7   1_555 ? ? ? ? ? ? WATSON-CRICK ?     ? ? 
hydrog16 hydrog ?    ? A DG  6 O6    ? ? ? 1_555 B CBR 1 N4 ? ? A DG  6  B CBR 7   1_555 ? ? ? ? ? ? WATSON-CRICK ?     ? ? 
hydrog17 hydrog ?    ? C CBR 1 N3    ? ? ? 1_555 D DG  6 N1 ? ? C CBR 13 D DG  24  1_555 ? ? ? ? ? ? WATSON-CRICK ?     ? ? 
hydrog18 hydrog ?    ? C CBR 1 N4    ? ? ? 1_555 D DG  6 O6 ? ? C CBR 13 D DG  24  1_555 ? ? ? ? ? ? WATSON-CRICK ?     ? ? 
hydrog19 hydrog ?    ? C CBR 1 O2    ? ? ? 1_555 D DG  6 N2 ? ? C CBR 13 D DG  24  1_555 ? ? ? ? ? ? WATSON-CRICK ?     ? ? 
hydrog20 hydrog ?    ? C DC  2 N3    ? ? ? 1_555 D DG  5 N1 ? ? C DC  14 D DG  23  1_555 ? ? ? ? ? ? WATSON-CRICK ?     ? ? 
hydrog21 hydrog ?    ? C DC  2 N4    ? ? ? 1_555 D DG  5 O6 ? ? C DC  14 D DG  23  1_555 ? ? ? ? ? ? WATSON-CRICK ?     ? ? 
hydrog22 hydrog ?    ? C DC  2 O2    ? ? ? 1_555 D DG  5 N2 ? ? C DC  14 D DG  23  1_555 ? ? ? ? ? ? WATSON-CRICK ?     ? ? 
hydrog23 hydrog ?    ? C DT  3 N3    ? ? ? 1_555 D DA  4 N1 ? ? C DT  15 D DA  22  1_555 ? ? ? ? ? ? WATSON-CRICK ?     ? ? 
hydrog24 hydrog ?    ? C DT  3 O4    ? ? ? 1_555 D DA  4 N6 ? ? C DT  15 D DA  22  1_555 ? ? ? ? ? ? WATSON-CRICK ?     ? ? 
hydrog25 hydrog ?    ? C DA  4 N1    ? ? ? 1_555 D DT  3 N3 ? ? C DA  16 D DT  21  1_555 ? ? ? ? ? ? WATSON-CRICK ?     ? ? 
hydrog26 hydrog ?    ? C DA  4 N6    ? ? ? 1_555 D DT  3 O4 ? ? C DA  16 D DT  21  1_555 ? ? ? ? ? ? WATSON-CRICK ?     ? ? 
# 
loop_
_struct_conn_type.id 
_struct_conn_type.criteria 
_struct_conn_type.reference 
covale ? ? 
metalc ? ? 
hydrog ? ? 
# 
loop_
_pdbx_struct_conn_angle.id 
_pdbx_struct_conn_angle.ptnr1_label_atom_id 
_pdbx_struct_conn_angle.ptnr1_label_alt_id 
_pdbx_struct_conn_angle.ptnr1_label_asym_id 
_pdbx_struct_conn_angle.ptnr1_label_comp_id 
_pdbx_struct_conn_angle.ptnr1_label_seq_id 
_pdbx_struct_conn_angle.ptnr1_auth_atom_id 
_pdbx_struct_conn_angle.ptnr1_auth_asym_id 
_pdbx_struct_conn_angle.ptnr1_auth_comp_id 
_pdbx_struct_conn_angle.ptnr1_auth_seq_id 
_pdbx_struct_conn_angle.ptnr1_PDB_ins_code 
_pdbx_struct_conn_angle.ptnr1_symmetry 
_pdbx_struct_conn_angle.ptnr2_label_atom_id 
_pdbx_struct_conn_angle.ptnr2_label_alt_id 
_pdbx_struct_conn_angle.ptnr2_label_asym_id 
_pdbx_struct_conn_angle.ptnr2_label_comp_id 
_pdbx_struct_conn_angle.ptnr2_label_seq_id 
_pdbx_struct_conn_angle.ptnr2_auth_atom_id 
_pdbx_struct_conn_angle.ptnr2_auth_asym_id 
_pdbx_struct_conn_angle.ptnr2_auth_comp_id 
_pdbx_struct_conn_angle.ptnr2_auth_seq_id 
_pdbx_struct_conn_angle.ptnr2_PDB_ins_code 
_pdbx_struct_conn_angle.ptnr2_symmetry 
_pdbx_struct_conn_angle.ptnr3_label_atom_id 
_pdbx_struct_conn_angle.ptnr3_label_alt_id 
_pdbx_struct_conn_angle.ptnr3_label_asym_id 
_pdbx_struct_conn_angle.ptnr3_label_comp_id 
_pdbx_struct_conn_angle.ptnr3_label_seq_id 
_pdbx_struct_conn_angle.ptnr3_auth_atom_id 
_pdbx_struct_conn_angle.ptnr3_auth_asym_id 
_pdbx_struct_conn_angle.ptnr3_auth_comp_id 
_pdbx_struct_conn_angle.ptnr3_auth_seq_id 
_pdbx_struct_conn_angle.ptnr3_PDB_ins_code 
_pdbx_struct_conn_angle.ptnr3_symmetry 
_pdbx_struct_conn_angle.value 
_pdbx_struct_conn_angle.value_esd 
1  O ? I HOH . ? A HOH 703 ? 1_555 MG ? E MG . ? A MG 27 ? 1_555 O ? I HOH . ? A HOH 704 ? 1_555 178.6 ? 
2  O ? I HOH . ? A HOH 703 ? 1_555 MG ? E MG . ? A MG 27 ? 1_555 O ? I HOH . ? A HOH 705 ? 1_555 88.9  ? 
3  O ? I HOH . ? A HOH 704 ? 1_555 MG ? E MG . ? A MG 27 ? 1_555 O ? I HOH . ? A HOH 705 ? 1_555 89.9  ? 
4  O ? I HOH . ? A HOH 703 ? 1_555 MG ? E MG . ? A MG 27 ? 1_555 O ? I HOH . ? A HOH 706 ? 1_555 87.7  ? 
5  O ? I HOH . ? A HOH 704 ? 1_555 MG ? E MG . ? A MG 27 ? 1_555 O ? I HOH . ? A HOH 706 ? 1_555 93.6  ? 
6  O ? I HOH . ? A HOH 705 ? 1_555 MG ? E MG . ? A MG 27 ? 1_555 O ? I HOH . ? A HOH 706 ? 1_555 176.5 ? 
7  O ? I HOH . ? A HOH 703 ? 1_555 MG ? E MG . ? A MG 27 ? 1_555 O ? I HOH . ? A HOH 707 ? 1_555 90.7  ? 
8  O ? I HOH . ? A HOH 704 ? 1_555 MG ? E MG . ? A MG 27 ? 1_555 O ? I HOH . ? A HOH 707 ? 1_555 89.8  ? 
9  O ? I HOH . ? A HOH 705 ? 1_555 MG ? E MG . ? A MG 27 ? 1_555 O ? I HOH . ? A HOH 707 ? 1_555 88.2  ? 
10 O ? I HOH . ? A HOH 706 ? 1_555 MG ? E MG . ? A MG 27 ? 1_555 O ? I HOH . ? A HOH 707 ? 1_555 91.1  ? 
11 O ? I HOH . ? A HOH 703 ? 1_555 MG ? E MG . ? A MG 27 ? 1_555 O ? I HOH . ? A HOH 708 ? 1_555 91.7  ? 
12 O ? I HOH . ? A HOH 704 ? 1_555 MG ? E MG . ? A MG 27 ? 1_555 O ? I HOH . ? A HOH 708 ? 1_555 87.6  ? 
13 O ? I HOH . ? A HOH 705 ? 1_555 MG ? E MG . ? A MG 27 ? 1_555 O ? I HOH . ? A HOH 708 ? 1_555 84.9  ? 
14 O ? I HOH . ? A HOH 706 ? 1_555 MG ? E MG . ? A MG 27 ? 1_555 O ? I HOH . ? A HOH 708 ? 1_555 95.9  ? 
15 O ? I HOH . ? A HOH 707 ? 1_555 MG ? E MG . ? A MG 27 ? 1_555 O ? I HOH . ? A HOH 708 ? 1_555 172.7 ? 
16 O ? K HOH . ? C HOH 709 ? 1_555 MG ? G MG . ? C MG 28 ? 1_555 O ? K HOH . ? C HOH 710 ? 1_555 178.2 ? 
17 O ? K HOH . ? C HOH 709 ? 1_555 MG ? G MG . ? C MG 28 ? 1_555 O ? K HOH . ? C HOH 711 ? 1_555 92.4  ? 
18 O ? K HOH . ? C HOH 710 ? 1_555 MG ? G MG . ? C MG 28 ? 1_555 O ? K HOH . ? C HOH 711 ? 1_555 89.0  ? 
19 O ? K HOH . ? C HOH 709 ? 1_555 MG ? G MG . ? C MG 28 ? 1_555 O ? K HOH . ? C HOH 712 ? 1_555 91.0  ? 
20 O ? K HOH . ? C HOH 710 ? 1_555 MG ? G MG . ? C MG 28 ? 1_555 O ? K HOH . ? C HOH 712 ? 1_555 87.4  ? 
21 O ? K HOH . ? C HOH 711 ? 1_555 MG ? G MG . ? C MG 28 ? 1_555 O ? K HOH . ? C HOH 712 ? 1_555 171.5 ? 
22 O ? K HOH . ? C HOH 709 ? 1_555 MG ? G MG . ? C MG 28 ? 1_555 O ? K HOH . ? C HOH 713 ? 1_555 85.7  ? 
23 O ? K HOH . ? C HOH 710 ? 1_555 MG ? G MG . ? C MG 28 ? 1_555 O ? K HOH . ? C HOH 713 ? 1_555 95.5  ? 
24 O ? K HOH . ? C HOH 711 ? 1_555 MG ? G MG . ? C MG 28 ? 1_555 O ? K HOH . ? C HOH 713 ? 1_555 91.1  ? 
25 O ? K HOH . ? C HOH 712 ? 1_555 MG ? G MG . ? C MG 28 ? 1_555 O ? K HOH . ? C HOH 713 ? 1_555 97.0  ? 
26 O ? K HOH . ? C HOH 709 ? 1_555 MG ? G MG . ? C MG 28 ? 1_555 O ? K HOH . ? C HOH 714 ? 1_555 88.4  ? 
27 O ? K HOH . ? C HOH 710 ? 1_555 MG ? G MG . ? C MG 28 ? 1_555 O ? K HOH . ? C HOH 714 ? 1_555 90.5  ? 
28 O ? K HOH . ? C HOH 711 ? 1_555 MG ? G MG . ? C MG 28 ? 1_555 O ? K HOH . ? C HOH 714 ? 1_555 87.7  ? 
29 O ? K HOH . ? C HOH 712 ? 1_555 MG ? G MG . ? C MG 28 ? 1_555 O ? K HOH . ? C HOH 714 ? 1_555 84.6  ? 
30 O ? K HOH . ? C HOH 713 ? 1_555 MG ? G MG . ? C MG 28 ? 1_555 O ? K HOH . ? C HOH 714 ? 1_555 173.9 ? 
# 
loop_
_struct_site.id 
_struct_site.pdbx_evidence_code 
_struct_site.pdbx_auth_asym_id 
_struct_site.pdbx_auth_comp_id 
_struct_site.pdbx_auth_seq_id 
_struct_site.pdbx_auth_ins_code 
_struct_site.pdbx_num_residues 
_struct_site.details 
AC1 Software A MG  27 ? 6  'BINDING SITE FOR RESIDUE MG A 27'  
AC2 Software C MG  28 ? 6  'BINDING SITE FOR RESIDUE MG C 28'  
AC3 Software B PNI 25 ? 16 'BINDING SITE FOR RESIDUE PNI B 25' 
AC4 Software D PNI 26 ? 13 'BINDING SITE FOR RESIDUE PNI D 26' 
1   ?        ? ?   ?  ? ?  ?                                   
# 
loop_
_struct_site_gen.id 
_struct_site_gen.site_id 
_struct_site_gen.pdbx_num_res 
_struct_site_gen.label_comp_id 
_struct_site_gen.label_asym_id 
_struct_site_gen.label_seq_id 
_struct_site_gen.pdbx_auth_ins_code 
_struct_site_gen.auth_comp_id 
_struct_site_gen.auth_asym_id 
_struct_site_gen.auth_seq_id 
_struct_site_gen.label_atom_id 
_struct_site_gen.label_alt_id 
_struct_site_gen.symmetry 
_struct_site_gen.details 
1  AC1 6  HOH I . ? HOH A 703 . ? 1_555 ? 
2  AC1 6  HOH I . ? HOH A 704 . ? 1_555 ? 
3  AC1 6  HOH I . ? HOH A 705 . ? 1_555 ? 
4  AC1 6  HOH I . ? HOH A 706 . ? 1_555 ? 
5  AC1 6  HOH I . ? HOH A 707 . ? 1_555 ? 
6  AC1 6  HOH I . ? HOH A 708 . ? 1_555 ? 
7  AC2 6  HOH K . ? HOH C 709 . ? 1_555 ? 
8  AC2 6  HOH K . ? HOH C 710 . ? 1_555 ? 
9  AC2 6  HOH K . ? HOH C 711 . ? 1_555 ? 
10 AC2 6  HOH K . ? HOH C 712 . ? 1_555 ? 
11 AC2 6  HOH K . ? HOH C 713 . ? 1_555 ? 
12 AC2 6  HOH K . ? HOH C 714 . ? 1_555 ? 
13 AC3 16 DC  A 2 ? DC  A 2   . ? 4_564 ? 
14 AC3 16 DT  A 3 ? DT  A 3   . ? 4_564 ? 
15 AC3 16 DA  A 4 ? DA  A 4   . ? 4_564 ? 
16 AC3 16 DG  A 5 ? DG  A 5   . ? 4_564 ? 
17 AC3 16 DG  A 6 ? DG  A 6   . ? 1_555 ? 
18 AC3 16 DG  A 6 ? DG  A 6   . ? 4_564 ? 
19 AC3 16 HOH I . ? HOH A 662 . ? 4_564 ? 
20 AC3 16 CBR B 1 ? CBR B 7   . ? 1_555 ? 
21 AC3 16 DC  B 2 ? DC  B 8   . ? 1_555 ? 
22 AC3 16 DT  B 3 ? DT  B 9   . ? 4_564 ? 
23 AC3 16 DA  B 4 ? DA  B 10  . ? 4_564 ? 
24 AC3 16 DG  B 6 ? DG  B 12  . ? 4_564 ? 
25 AC3 16 CBR C 1 ? CBR C 13  . ? 4_564 ? 
26 AC3 16 DA  D 4 ? DA  D 22  . ? 2_654 ? 
27 AC3 16 HOH L . ? HOH D 555 . ? 2_654 ? 
28 AC3 16 HOH L . ? HOH D 605 . ? 2_654 ? 
29 AC4 13 CBR A 1 ? CBR A 1   . ? 3_555 ? 
30 AC4 13 DA  B 4 ? DA  B 10  . ? 2_655 ? 
31 AC4 13 DC  C 2 ? DC  C 14  . ? 3_555 ? 
32 AC4 13 DT  C 3 ? DT  C 15  . ? 3_555 ? 
33 AC4 13 DA  C 4 ? DA  C 16  . ? 3_555 ? 
34 AC4 13 DG  C 5 ? DG  C 17  . ? 3_555 ? 
35 AC4 13 DG  C 6 ? DG  C 18  . ? 1_555 ? 
36 AC4 13 DG  C 6 ? DG  C 18  . ? 3_555 ? 
37 AC4 13 CBR D 1 ? CBR D 19  . ? 1_555 ? 
38 AC4 13 DC  D 2 ? DC  D 20  . ? 1_555 ? 
39 AC4 13 DT  D 3 ? DT  D 21  . ? 3_555 ? 
40 AC4 13 DA  D 4 ? DA  D 22  . ? 3_555 ? 
41 AC4 13 DG  D 6 ? DG  D 24  . ? 3_555 ? 
# 
loop_
_pdbx_validate_close_contact.id 
_pdbx_validate_close_contact.PDB_model_num 
_pdbx_validate_close_contact.auth_atom_id_1 
_pdbx_validate_close_contact.auth_asym_id_1 
_pdbx_validate_close_contact.auth_comp_id_1 
_pdbx_validate_close_contact.auth_seq_id_1 
_pdbx_validate_close_contact.PDB_ins_code_1 
_pdbx_validate_close_contact.label_alt_id_1 
_pdbx_validate_close_contact.auth_atom_id_2 
_pdbx_validate_close_contact.auth_asym_id_2 
_pdbx_validate_close_contact.auth_comp_id_2 
_pdbx_validate_close_contact.auth_seq_id_2 
_pdbx_validate_close_contact.PDB_ins_code_2 
_pdbx_validate_close_contact.label_alt_id_2 
_pdbx_validate_close_contact.dist 
1 1 O   B HOH 650 ? ? O D HOH 551 ? ? 1.49 
2 1 O   B HOH 556 ? ? O B HOH 606 ? ? 1.85 
3 1 O   B HOH 650 ? ? O D HOH 514 ? ? 1.99 
4 1 O   D HOH 584 ? ? O D HOH 685 ? ? 2.03 
5 1 OP2 D DG  23  ? ? O D HOH 693 ? ? 2.08 
6 1 O   B HOH 556 ? ? O B HOH 695 ? ? 2.14 
7 1 O   A HOH 690 ? ? O A HOH 696 ? ? 2.16 
# 
loop_
_pdbx_validate_symm_contact.id 
_pdbx_validate_symm_contact.PDB_model_num 
_pdbx_validate_symm_contact.auth_atom_id_1 
_pdbx_validate_symm_contact.auth_asym_id_1 
_pdbx_validate_symm_contact.auth_comp_id_1 
_pdbx_validate_symm_contact.auth_seq_id_1 
_pdbx_validate_symm_contact.PDB_ins_code_1 
_pdbx_validate_symm_contact.label_alt_id_1 
_pdbx_validate_symm_contact.site_symmetry_1 
_pdbx_validate_symm_contact.auth_atom_id_2 
_pdbx_validate_symm_contact.auth_asym_id_2 
_pdbx_validate_symm_contact.auth_comp_id_2 
_pdbx_validate_symm_contact.auth_seq_id_2 
_pdbx_validate_symm_contact.PDB_ins_code_2 
_pdbx_validate_symm_contact.label_alt_id_2 
_pdbx_validate_symm_contact.site_symmetry_2 
_pdbx_validate_symm_contact.dist 
1 1 O B HOH 679 ? ? 1_555 O B HOH 682 ? ? 3_655 2.09 
2 1 O A HOH 662 ? ? 1_555 O B HOH 609 ? ? 3_655 2.16 
# 
loop_
_pdbx_validate_rmsd_bond.id 
_pdbx_validate_rmsd_bond.PDB_model_num 
_pdbx_validate_rmsd_bond.auth_atom_id_1 
_pdbx_validate_rmsd_bond.auth_asym_id_1 
_pdbx_validate_rmsd_bond.auth_comp_id_1 
_pdbx_validate_rmsd_bond.auth_seq_id_1 
_pdbx_validate_rmsd_bond.PDB_ins_code_1 
_pdbx_validate_rmsd_bond.label_alt_id_1 
_pdbx_validate_rmsd_bond.auth_atom_id_2 
_pdbx_validate_rmsd_bond.auth_asym_id_2 
_pdbx_validate_rmsd_bond.auth_comp_id_2 
_pdbx_validate_rmsd_bond.auth_seq_id_2 
_pdbx_validate_rmsd_bond.PDB_ins_code_2 
_pdbx_validate_rmsd_bond.label_alt_id_2 
_pdbx_validate_rmsd_bond.bond_value 
_pdbx_validate_rmsd_bond.bond_target_value 
_pdbx_validate_rmsd_bond.bond_deviation 
_pdbx_validate_rmsd_bond.bond_standard_deviation 
_pdbx_validate_rmsd_bond.linker_flag 
1  1 "O3'" A CBR 1  ? ? P     A DC 2  ? ? 1.509 1.607 -0.098 0.012 Y 
2  1 "C5'" A DC  2  ? ? "C4'" A DC 2  ? ? 1.441 1.509 -0.068 0.011 N 
3  1 N3    A DC  2  ? ? C4    A DC 2  ? ? 1.283 1.335 -0.052 0.007 N 
4  1 "C5'" A DT  3  ? ? "C4'" A DT 3  ? ? 1.430 1.509 -0.079 0.011 N 
5  1 C5    A DT  3  ? ? C7    A DT 3  ? ? 1.535 1.496 0.039  0.006 N 
6  1 "C2'" A DA  4  ? ? "C1'" A DA 4  ? ? 1.580 1.519 0.061  0.010 N 
7  1 C5    A DA  4  ? ? N7    A DA 4  ? ? 1.336 1.388 -0.052 0.006 N 
8  1 N9    A DA  4  ? ? C4    A DA 4  ? ? 1.334 1.374 -0.040 0.006 N 
9  1 N1    A DG  5  ? ? C2    A DG 5  ? ? 1.464 1.373 0.091  0.008 N 
10 1 N3    A DG  5  ? ? C4    A DG 5  ? ? 1.247 1.350 -0.103 0.007 N 
11 1 C4    A DG  5  ? ? C5    A DG 5  ? ? 1.429 1.379 0.050  0.007 N 
12 1 N7    A DG  5  ? ? C8    A DG 5  ? ? 1.268 1.305 -0.037 0.006 N 
13 1 N9    A DG  5  ? ? C4    A DG 5  ? ? 1.460 1.375 0.085  0.008 N 
14 1 "C4'" A DG  6  ? ? "C3'" A DG 6  ? ? 1.174 1.521 -0.347 0.010 N 
15 1 "C3'" A DG  6  ? ? "C2'" A DG 6  ? ? 1.642 1.518 0.124  0.012 N 
16 1 "O4'" A DG  6  ? ? "C1'" A DG 6  ? ? 1.504 1.420 0.084  0.011 N 
17 1 "O4'" A DG  6  ? ? "C4'" A DG 6  ? ? 1.544 1.449 0.095  0.009 N 
18 1 "O3'" A DG  6  ? ? "C3'" A DG 6  ? ? 1.582 1.435 0.147  0.013 N 
19 1 C2    A DG  6  ? ? N3    A DG 6  ? ? 1.394 1.323 0.071  0.008 N 
20 1 N3    A DG  6  ? ? C4    A DG 6  ? ? 1.283 1.350 -0.067 0.007 N 
21 1 C6    A DG  6  ? ? N1    A DG 6  ? ? 1.343 1.391 -0.048 0.007 N 
22 1 N9    A DG  6  ? ? C4    A DG 6  ? ? 1.441 1.375 0.066  0.008 N 
23 1 C2    A DG  6  ? ? N2    A DG 6  ? ? 1.271 1.341 -0.070 0.010 N 
24 1 "O3'" B CBR 7  ? A P     B DC 8  ? A 1.490 1.607 -0.117 0.012 Y 
25 1 "O3'" B CBR 7  ? B P     B DC 8  ? B 1.688 1.607 0.081  0.012 Y 
26 1 P     B DC  8  ? A OP1   B DC 8  ? A 1.316 1.485 -0.169 0.017 N 
27 1 P     B DC  8  ? A OP2   B DC 8  ? A 1.625 1.485 0.140  0.017 N 
28 1 P     B DC  8  ? B "O5'" B DC 8  ? B 1.478 1.593 -0.115 0.010 N 
29 1 "O5'" B DC  8  ? A "C5'" B DC 8  ? A 1.243 1.418 -0.175 0.025 N 
30 1 "C5'" B DC  8  ? A "C4'" B DC 8  ? ? 1.127 1.509 -0.382 0.011 N 
31 1 "C5'" B DC  8  ? B "C4'" B DC 8  ? ? 1.735 1.512 0.223  0.007 N 
32 1 "O3'" B DC  8  ? ? "C3'" B DC 8  ? ? 1.329 1.419 -0.090 0.006 N 
33 1 C2    B DC  8  ? ? O2    B DC 8  ? ? 1.171 1.240 -0.069 0.009 N 
34 1 N3    B DC  8  ? ? C4    B DC 8  ? ? 1.377 1.335 0.042  0.007 N 
35 1 P     B DT  9  ? ? OP2   B DT 9  ? ? 1.381 1.485 -0.104 0.017 N 
36 1 "C5'" B DT  9  ? ? "C4'" B DT 9  ? ? 1.555 1.512 0.043  0.007 N 
37 1 "C3'" B DT  9  ? ? "C2'" B DT 9  ? ? 1.417 1.516 -0.099 0.008 N 
38 1 C6    B DT  9  ? ? N1    B DT 9  ? ? 1.335 1.378 -0.043 0.007 N 
39 1 C2    B DT  9  ? ? O2    B DT 9  ? ? 1.167 1.220 -0.053 0.008 N 
40 1 "C5'" B DA  10 ? ? "C4'" B DA 10 ? ? 1.440 1.509 -0.069 0.011 N 
41 1 C4    B DA  10 ? ? C5    B DA 10 ? ? 1.323 1.383 -0.060 0.007 N 
42 1 N7    B DA  10 ? ? C8    B DA 10 ? ? 1.264 1.311 -0.047 0.007 N 
43 1 N3    B DG  11 ? ? C4    B DG 11 ? ? 1.427 1.350 0.077  0.007 N 
44 1 N7    B DG  11 ? ? C8    B DG 11 ? ? 1.255 1.305 -0.050 0.006 N 
45 1 N1    B DG  12 ? ? C2    B DG 12 ? ? 1.446 1.373 0.073  0.008 N 
46 1 C6    B DG  12 ? ? N1    B DG 12 ? ? 1.339 1.391 -0.052 0.007 N 
47 1 C5    B DG  12 ? ? N7    B DG 12 ? ? 1.429 1.388 0.041  0.006 N 
48 1 "O3'" C CBR 13 ? ? P     C DC 14 ? ? 1.488 1.607 -0.119 0.012 Y 
49 1 P     C DC  14 ? ? OP2   C DC 14 ? ? 1.619 1.485 0.134  0.017 N 
50 1 "C5'" C DC  14 ? ? "C4'" C DC 14 ? ? 1.431 1.509 -0.078 0.011 N 
51 1 "C2'" C DC  14 ? ? "C1'" C DC 14 ? ? 1.458 1.518 -0.060 0.010 N 
52 1 N3    C DC  14 ? ? C4    C DC 14 ? ? 1.292 1.335 -0.043 0.007 N 
53 1 "C5'" C DT  15 ? ? "C4'" C DT 15 ? ? 1.441 1.509 -0.068 0.011 N 
54 1 "O3'" C DA  16 ? ? "C3'" C DA 16 ? ? 1.377 1.419 -0.042 0.006 N 
55 1 C5    C DA  16 ? ? N7    C DA 16 ? ? 1.345 1.388 -0.043 0.006 N 
56 1 N1    C DG  17 ? ? C2    C DG 17 ? ? 1.445 1.373 0.072  0.008 N 
57 1 C2    C DG  17 ? ? N3    C DG 17 ? ? 1.260 1.323 -0.063 0.008 N 
58 1 N7    C DG  17 ? ? C8    C DG 17 ? ? 1.260 1.305 -0.045 0.006 N 
59 1 "O5'" C DG  18 ? ? "C5'" C DG 18 ? ? 1.602 1.440 0.162  0.016 N 
60 1 "C5'" C DG  18 ? ? "C4'" C DG 18 ? ? 1.663 1.512 0.151  0.007 N 
61 1 "C4'" C DG  18 ? ? "C3'" C DG 18 ? ? 1.211 1.521 -0.310 0.010 N 
62 1 "C2'" C DG  18 ? ? "C1'" C DG 18 ? ? 1.793 1.519 0.274  0.010 N 
63 1 N3    C DG  18 ? ? C4    C DG 18 ? ? 1.272 1.350 -0.078 0.007 N 
64 1 C4    C DG  18 ? ? C5    C DG 18 ? ? 1.438 1.379 0.059  0.007 N 
65 1 C6    C DG  18 ? ? N1    C DG 18 ? ? 1.317 1.391 -0.074 0.007 N 
66 1 C8    C DG  18 ? ? N9    C DG 18 ? ? 1.269 1.374 -0.105 0.007 N 
67 1 N9    C DG  18 ? ? C4    C DG 18 ? ? 1.441 1.375 0.066  0.008 N 
68 1 C2    C DG  18 ? ? N2    C DG 18 ? ? 1.262 1.341 -0.079 0.010 N 
69 1 P     D DC  20 ? C OP2   D DC 20 ? C 1.591 1.485 0.106  0.017 N 
70 1 "O5'" D DC  20 ? C "C5'" D DC 20 ? C 1.582 1.440 0.142  0.016 N 
71 1 "C5'" D DC  20 ? C "C4'" D DC 20 ? ? 1.029 1.509 -0.480 0.011 N 
72 1 "C5'" D DC  20 ? D "C4'" D DC 20 ? ? 1.679 1.512 0.167  0.007 N 
73 1 "C2'" D DC  20 ? ? "C1'" D DC 20 ? ? 1.430 1.518 -0.088 0.010 N 
74 1 "O3'" D DC  20 ? ? "C3'" D DC 20 ? ? 1.359 1.419 -0.060 0.006 N 
75 1 C2    D DC  20 ? ? O2    D DC 20 ? ? 1.180 1.240 -0.060 0.009 N 
76 1 C2    D DC  20 ? ? N3    D DC 20 ? ? 1.441 1.353 0.088  0.008 N 
77 1 P     D DT  21 ? ? OP2   D DT 21 ? ? 1.362 1.485 -0.123 0.017 N 
78 1 "C5'" D DT  21 ? ? "C4'" D DT 21 ? ? 1.585 1.512 0.073  0.007 N 
79 1 "C4'" D DT  21 ? ? "C3'" D DT 21 ? ? 1.424 1.521 -0.097 0.010 N 
80 1 "O4'" D DT  21 ? ? "C4'" D DT 21 ? ? 1.510 1.449 0.061  0.009 N 
81 1 C5    D DT  21 ? ? C6    D DT 21 ? ? 1.399 1.339 0.060  0.007 N 
82 1 C6    D DT  21 ? ? N1    D DT 21 ? ? 1.333 1.378 -0.045 0.007 N 
83 1 C2    D DT  21 ? ? O2    D DT 21 ? ? 1.170 1.220 -0.050 0.008 N 
84 1 C2    D DA  22 ? ? N3    D DA 22 ? ? 1.393 1.331 0.062  0.009 N 
85 1 C4    D DA  22 ? ? C5    D DA 22 ? ? 1.335 1.383 -0.048 0.007 N 
86 1 C5    D DA  22 ? ? C6    D DA 22 ? ? 1.467 1.406 0.061  0.009 N 
87 1 N7    D DA  22 ? ? C8    D DA 22 ? ? 1.238 1.311 -0.073 0.007 N 
88 1 N3    D DG  23 ? ? C4    D DG 23 ? ? 1.394 1.350 0.044  0.007 N 
# 
loop_
_pdbx_validate_rmsd_angle.id 
_pdbx_validate_rmsd_angle.PDB_model_num 
_pdbx_validate_rmsd_angle.auth_atom_id_1 
_pdbx_validate_rmsd_angle.auth_asym_id_1 
_pdbx_validate_rmsd_angle.auth_comp_id_1 
_pdbx_validate_rmsd_angle.auth_seq_id_1 
_pdbx_validate_rmsd_angle.PDB_ins_code_1 
_pdbx_validate_rmsd_angle.label_alt_id_1 
_pdbx_validate_rmsd_angle.auth_atom_id_2 
_pdbx_validate_rmsd_angle.auth_asym_id_2 
_pdbx_validate_rmsd_angle.auth_comp_id_2 
_pdbx_validate_rmsd_angle.auth_seq_id_2 
_pdbx_validate_rmsd_angle.PDB_ins_code_2 
_pdbx_validate_rmsd_angle.label_alt_id_2 
_pdbx_validate_rmsd_angle.auth_atom_id_3 
_pdbx_validate_rmsd_angle.auth_asym_id_3 
_pdbx_validate_rmsd_angle.auth_comp_id_3 
_pdbx_validate_rmsd_angle.auth_seq_id_3 
_pdbx_validate_rmsd_angle.PDB_ins_code_3 
_pdbx_validate_rmsd_angle.label_alt_id_3 
_pdbx_validate_rmsd_angle.angle_value 
_pdbx_validate_rmsd_angle.angle_target_value 
_pdbx_validate_rmsd_angle.angle_deviation 
_pdbx_validate_rmsd_angle.angle_standard_deviation 
_pdbx_validate_rmsd_angle.linker_flag 
1  1 "C3'" A CBR 1  ? ? "O3'" A CBR 1  ? ? P     A DC 2  ? ? 129.83 119.70 10.13  1.20 Y 
2  1 C6    A DG  5  ? ? N1    A DG  5  ? ? C2    A DG 5  ? ? 119.98 125.10 -5.12  0.60 N 
3  1 N3    A DG  5  ? ? C4    A DG  5  ? ? C5    A DG 5  ? ? 133.56 128.60 4.96   0.50 N 
4  1 C4    A DG  5  ? ? C5    A DG  5  ? ? C6    A DG 5  ? ? 113.75 118.80 -5.05  0.60 N 
5  1 C5    A DG  5  ? ? C6    A DG  5  ? ? N1    A DG 5  ? ? 116.48 111.50 4.98   0.50 N 
6  1 N9    A DG  5  ? ? C4    A DG  5  ? ? C5    A DG 5  ? ? 100.81 105.40 -4.59  0.40 N 
7  1 C5    A DG  5  ? ? C6    A DG  5  ? ? O6    A DG 5  ? ? 124.86 128.60 -3.74  0.60 N 
8  1 "C1'" A DG  6  ? ? "O4'" A DG  6  ? ? "C4'" A DG 6  ? ? 103.35 110.10 -6.75  1.00 N 
9  1 "C4'" A DG  6  ? ? "C3'" A DG  6  ? ? "O3'" A DG 6  ? ? 124.33 112.30 12.03  2.00 N 
10 1 "C2'" A DG  6  ? ? "C3'" A DG  6  ? ? "O3'" A DG 6  ? ? 92.23  109.40 -17.17 2.50 N 
11 1 "C4'" A DG  6  ? ? "C3'" A DG  6  ? ? "C2'" A DG 6  ? ? 119.46 103.10 16.36  0.90 N 
12 1 "C3'" A DG  6  ? ? "C2'" A DG  6  ? ? "C1'" A DG 6  ? ? 92.47  102.40 -9.93  0.80 N 
13 1 N9    A DG  6  ? ? "C1'" A DG  6  ? ? "C2'" A DG 6  ? ? 127.18 114.30 12.88  1.40 N 
14 1 "O4'" A DG  6  ? ? "C1'" A DG  6  ? ? N9    A DG 6  ? ? 102.65 108.00 -5.35  0.70 N 
15 1 C6    A DG  6  ? ? N1    A DG  6  ? ? C2    A DG 6  ? ? 130.53 125.10 5.43   0.60 N 
16 1 N1    A DG  6  ? ? C2    A DG  6  ? ? N3    A DG 6  ? ? 118.50 123.90 -5.40  0.60 N 
17 1 N9    A DG  6  ? ? C4    A DG  6  ? ? C5    A DG 6  ? ? 102.65 105.40 -2.75  0.40 N 
18 1 N1    A DG  6  ? ? C6    A DG  6  ? ? O6    A DG 6  ? ? 123.70 119.90 3.80   0.60 N 
19 1 "C3'" B CBR 7  ? A "O3'" B CBR 7  ? A P     B DC 8  ? A 135.46 119.70 15.76  1.20 Y 
20 1 "C3'" B CBR 7  ? B "O3'" B CBR 7  ? B P     B DC 8  ? B 110.70 119.70 -9.00  1.20 Y 
21 1 P     B DC  8  ? A "O5'" B DC  8  ? A "C5'" B DC 8  ? A 134.60 120.90 13.70  1.60 N 
22 1 "C5'" B DC  8  ? A "C4'" B DC  8  ? ? "C3'" B DC 8  ? ? 123.16 115.70 7.46   1.20 N 
23 1 "O4'" B DC  8  ? ? "C1'" B DC  8  ? ? "C2'" B DC 8  ? ? 109.95 106.80 3.15   0.50 N 
24 1 C6    B DC  8  ? ? N1    B DC  8  ? ? C2    B DC 8  ? ? 122.93 120.30 2.63   0.40 N 
25 1 "O4'" B DT  9  ? ? "C1'" B DT  9  ? ? N1    B DT 9  ? ? 111.05 108.30 2.75   0.30 N 
26 1 "O4'" B DG  11 ? ? "C1'" B DG  11 ? ? N9    B DG 11 ? ? 111.48 108.30 3.18   0.30 N 
27 1 C8    B DG  11 ? ? N9    B DG  11 ? ? C4    B DG 11 ? ? 102.71 106.40 -3.69  0.40 N 
28 1 N9    B DG  11 ? ? C4    B DG  11 ? ? C5    B DG 11 ? ? 108.92 105.40 3.52   0.40 N 
29 1 "C3'" C CBR 13 ? ? "O3'" C CBR 13 ? ? P     C DC 14 ? ? 128.97 119.70 9.27   1.20 Y 
30 1 "C1'" C DC  14 ? ? "O4'" C DC  14 ? ? "C4'" C DC 14 ? ? 103.67 110.10 -6.43  1.00 N 
31 1 "O4'" C DC  14 ? ? "C1'" C DC  14 ? ? N1    C DC 14 ? ? 103.45 108.00 -4.55  0.70 N 
32 1 N1    C DC  14 ? ? C2    C DC  14 ? ? N3    C DC 14 ? ? 114.89 119.20 -4.31  0.70 N 
33 1 C2    C DA  16 ? ? N3    C DA  16 ? ? C4    C DA 16 ? ? 107.12 110.60 -3.48  0.50 N 
34 1 C6    C DG  17 ? ? N1    C DG  17 ? ? C2    C DG 17 ? ? 120.53 125.10 -4.57  0.60 N 
35 1 C5    C DG  17 ? ? C6    C DG  17 ? ? N1    C DG 17 ? ? 114.83 111.50 3.33   0.50 N 
36 1 C5    C DG  17 ? ? C6    C DG  17 ? ? O6    C DG 17 ? ? 123.85 128.60 -4.75  0.60 N 
37 1 "O5'" C DG  18 ? ? "C5'" C DG  18 ? ? "C4'" C DG 18 ? ? 102.98 109.40 -6.42  0.80 N 
38 1 P     C DG  18 ? ? "O5'" C DG  18 ? ? "C5'" C DG 18 ? ? 110.78 120.90 -10.12 1.60 N 
39 1 "O4'" C DG  18 ? ? "C4'" C DG  18 ? ? "C3'" C DG 18 ? ? 110.01 106.00 4.01   0.60 N 
40 1 "C4'" C DG  18 ? ? "C3'" C DG  18 ? ? "C2'" C DG 18 ? ? 113.62 103.10 10.52  0.90 N 
41 1 "C3'" C DG  18 ? ? "C2'" C DG  18 ? ? "C1'" C DG 18 ? ? 91.81  102.40 -10.59 0.80 N 
42 1 "O4'" C DG  18 ? ? "C1'" C DG  18 ? ? "C2'" C DG 18 ? ? 89.98  105.90 -15.92 0.80 N 
43 1 N9    C DG  18 ? ? "C1'" C DG  18 ? ? "C2'" C DG 18 ? ? 124.90 114.30 10.60  1.40 N 
44 1 "O4'" C DG  18 ? ? "C1'" C DG  18 ? ? N9    C DG 18 ? ? 102.62 108.00 -5.38  0.70 N 
45 1 C6    C DG  18 ? ? N1    C DG  18 ? ? C2    C DG 18 ? ? 131.00 125.10 5.90   0.60 N 
46 1 N1    C DG  18 ? ? C2    C DG  18 ? ? N3    C DG 18 ? ? 118.98 123.90 -4.92  0.60 N 
47 1 C5    C DG  18 ? ? N7    C DG  18 ? ? C8    C DG 18 ? ? 107.65 104.30 3.35   0.50 N 
48 1 C8    C DG  18 ? ? N9    C DG  18 ? ? C4    C DG 18 ? ? 110.63 106.40 4.23   0.40 N 
49 1 N9    C DG  18 ? ? C4    C DG  18 ? ? C5    C DG 18 ? ? 99.99  105.40 -5.41  0.40 N 
50 1 N3    C DG  18 ? ? C4    C DG  18 ? ? N9    C DG 18 ? ? 131.10 126.00 5.10   0.60 N 
51 1 N1    C DG  18 ? ? C6    C DG  18 ? ? O6    C DG 18 ? ? 125.85 119.90 5.95   0.60 N 
52 1 C5    C DG  18 ? ? C6    C DG  18 ? ? O6    C DG 18 ? ? 123.66 128.60 -4.94  0.60 N 
53 1 C4    C DG  18 ? ? N9    C DG  18 ? ? "C1'" C DG 18 ? ? 115.98 126.50 -10.52 1.30 N 
54 1 "C3'" D CBR 19 ? C "O3'" D CBR 19 ? C P     D DC 20 ? C 131.87 119.70 12.17  1.20 Y 
55 1 P     D DC  20 ? C "O5'" D DC  20 ? C "C5'" D DC 20 ? C 132.41 120.90 11.51  1.60 N 
56 1 "C5'" D DC  20 ? C "C4'" D DC  20 ? ? "C3'" D DC 20 ? ? 126.14 115.70 10.44  1.20 N 
57 1 C6    D DC  20 ? ? N1    D DC  20 ? ? C2    D DC 20 ? ? 124.34 120.30 4.04   0.40 N 
58 1 C4    D DC  20 ? ? C5    D DC  20 ? ? C6    D DC 20 ? ? 121.37 117.40 3.97   0.50 N 
59 1 N1    D DC  20 ? ? C2    D DC  20 ? ? O2    D DC 20 ? ? 122.73 118.90 3.83   0.60 N 
60 1 "C1'" D DT  21 ? ? "O4'" D DT  21 ? ? "C4'" D DT 21 ? ? 103.57 110.10 -6.53  1.00 N 
61 1 "C3'" D DT  21 ? ? "C2'" D DT  21 ? ? "C1'" D DT 21 ? ? 96.31  102.40 -6.09  0.80 N 
62 1 C4    D DT  21 ? ? C5    D DT  21 ? ? C6    D DT 21 ? ? 113.75 118.00 -4.25  0.60 N 
63 1 C6    D DG  23 ? ? N1    D DG  23 ? ? C2    D DG 23 ? ? 129.38 125.10 4.28   0.60 N 
64 1 C2    D DG  24 ? ? N3    D DG  24 ? ? C4    D DG 24 ? ? 115.15 111.90 3.25   0.50 N 
# 
loop_
_pdbx_validate_planes.id 
_pdbx_validate_planes.PDB_model_num 
_pdbx_validate_planes.auth_comp_id 
_pdbx_validate_planes.auth_asym_id 
_pdbx_validate_planes.auth_seq_id 
_pdbx_validate_planes.PDB_ins_code 
_pdbx_validate_planes.label_alt_id 
_pdbx_validate_planes.rmsd 
_pdbx_validate_planes.type 
1 1 DC A 2  ? ? 0.113 'SIDE CHAIN' 
2 1 DA A 4  ? ? 0.056 'SIDE CHAIN' 
3 1 DG A 5  ? ? 0.068 'SIDE CHAIN' 
4 1 DA B 10 ? ? 0.067 'SIDE CHAIN' 
5 1 DG B 12 ? ? 0.089 'SIDE CHAIN' 
6 1 DC C 14 ? ? 0.098 'SIDE CHAIN' 
7 1 DG C 17 ? ? 0.069 'SIDE CHAIN' 
8 1 DA D 22 ? ? 0.077 'SIDE CHAIN' 
9 1 DG D 24 ? ? 0.083 'SIDE CHAIN' 
# 
loop_
_pdbx_struct_mod_residue.id 
_pdbx_struct_mod_residue.label_asym_id 
_pdbx_struct_mod_residue.label_comp_id 
_pdbx_struct_mod_residue.label_seq_id 
_pdbx_struct_mod_residue.auth_asym_id 
_pdbx_struct_mod_residue.auth_comp_id 
_pdbx_struct_mod_residue.auth_seq_id 
_pdbx_struct_mod_residue.PDB_ins_code 
_pdbx_struct_mod_residue.parent_comp_id 
_pdbx_struct_mod_residue.details 
1 A CBR 1 A CBR 1  ? DC ? 
2 B CBR 1 B CBR 7  ? DC ? 
3 C CBR 1 C CBR 13 ? DC ? 
4 D CBR 1 D CBR 19 ? DC ? 
# 
_struct_site_keywords.site_id   1 
_struct_site_keywords.text      'MINOR GROOVE BINDER' 
# 
loop_
_chem_comp_atom.comp_id 
_chem_comp_atom.atom_id 
_chem_comp_atom.type_symbol 
_chem_comp_atom.pdbx_aromatic_flag 
_chem_comp_atom.pdbx_stereo_config 
_chem_comp_atom.pdbx_ordinal 
CBR BR     BR N N 1   
CBR P      P  N N 2   
CBR OP1    O  N N 3   
CBR OP2    O  N N 4   
CBR "O5'"  O  N N 5   
CBR N1     N  N N 6   
CBR C6     C  N N 7   
CBR C2     C  N N 8   
CBR O2     O  N N 9   
CBR N3     N  N N 10  
CBR C4     C  N N 11  
CBR N4     N  N N 12  
CBR C5     C  N N 13  
CBR "C2'"  C  N N 14  
CBR "C5'"  C  N N 15  
CBR "C4'"  C  N R 16  
CBR "O4'"  O  N N 17  
CBR "C1'"  C  N R 18  
CBR "C3'"  C  N S 19  
CBR "O3'"  O  N N 20  
CBR OP3    O  N N 21  
CBR HOP2   H  N N 22  
CBR H6     H  N N 23  
CBR H41    H  N N 24  
CBR H42    H  N N 25  
CBR "H2'"  H  N N 26  
CBR "H2''" H  N N 27  
CBR "H5'"  H  N N 28  
CBR "H5''" H  N N 29  
CBR "H4'"  H  N N 30  
CBR "H1'"  H  N N 31  
CBR "H3'"  H  N N 32  
CBR "HO3'" H  N N 33  
CBR HOP3   H  N N 34  
DA  OP3    O  N N 35  
DA  P      P  N N 36  
DA  OP1    O  N N 37  
DA  OP2    O  N N 38  
DA  "O5'"  O  N N 39  
DA  "C5'"  C  N N 40  
DA  "C4'"  C  N R 41  
DA  "O4'"  O  N N 42  
DA  "C3'"  C  N S 43  
DA  "O3'"  O  N N 44  
DA  "C2'"  C  N N 45  
DA  "C1'"  C  N R 46  
DA  N9     N  Y N 47  
DA  C8     C  Y N 48  
DA  N7     N  Y N 49  
DA  C5     C  Y N 50  
DA  C6     C  Y N 51  
DA  N6     N  N N 52  
DA  N1     N  Y N 53  
DA  C2     C  Y N 54  
DA  N3     N  Y N 55  
DA  C4     C  Y N 56  
DA  HOP3   H  N N 57  
DA  HOP2   H  N N 58  
DA  "H5'"  H  N N 59  
DA  "H5''" H  N N 60  
DA  "H4'"  H  N N 61  
DA  "H3'"  H  N N 62  
DA  "HO3'" H  N N 63  
DA  "H2'"  H  N N 64  
DA  "H2''" H  N N 65  
DA  "H1'"  H  N N 66  
DA  H8     H  N N 67  
DA  H61    H  N N 68  
DA  H62    H  N N 69  
DA  H2     H  N N 70  
DC  OP3    O  N N 71  
DC  P      P  N N 72  
DC  OP1    O  N N 73  
DC  OP2    O  N N 74  
DC  "O5'"  O  N N 75  
DC  "C5'"  C  N N 76  
DC  "C4'"  C  N R 77  
DC  "O4'"  O  N N 78  
DC  "C3'"  C  N S 79  
DC  "O3'"  O  N N 80  
DC  "C2'"  C  N N 81  
DC  "C1'"  C  N R 82  
DC  N1     N  N N 83  
DC  C2     C  N N 84  
DC  O2     O  N N 85  
DC  N3     N  N N 86  
DC  C4     C  N N 87  
DC  N4     N  N N 88  
DC  C5     C  N N 89  
DC  C6     C  N N 90  
DC  HOP3   H  N N 91  
DC  HOP2   H  N N 92  
DC  "H5'"  H  N N 93  
DC  "H5''" H  N N 94  
DC  "H4'"  H  N N 95  
DC  "H3'"  H  N N 96  
DC  "HO3'" H  N N 97  
DC  "H2'"  H  N N 98  
DC  "H2''" H  N N 99  
DC  "H1'"  H  N N 100 
DC  H41    H  N N 101 
DC  H42    H  N N 102 
DC  H5     H  N N 103 
DC  H6     H  N N 104 
DG  OP3    O  N N 105 
DG  P      P  N N 106 
DG  OP1    O  N N 107 
DG  OP2    O  N N 108 
DG  "O5'"  O  N N 109 
DG  "C5'"  C  N N 110 
DG  "C4'"  C  N R 111 
DG  "O4'"  O  N N 112 
DG  "C3'"  C  N S 113 
DG  "O3'"  O  N N 114 
DG  "C2'"  C  N N 115 
DG  "C1'"  C  N R 116 
DG  N9     N  Y N 117 
DG  C8     C  Y N 118 
DG  N7     N  Y N 119 
DG  C5     C  Y N 120 
DG  C6     C  N N 121 
DG  O6     O  N N 122 
DG  N1     N  N N 123 
DG  C2     C  N N 124 
DG  N2     N  N N 125 
DG  N3     N  N N 126 
DG  C4     C  Y N 127 
DG  HOP3   H  N N 128 
DG  HOP2   H  N N 129 
DG  "H5'"  H  N N 130 
DG  "H5''" H  N N 131 
DG  "H4'"  H  N N 132 
DG  "H3'"  H  N N 133 
DG  "HO3'" H  N N 134 
DG  "H2'"  H  N N 135 
DG  "H2''" H  N N 136 
DG  "H1'"  H  N N 137 
DG  H8     H  N N 138 
DG  H1     H  N N 139 
DG  H21    H  N N 140 
DG  H22    H  N N 141 
DT  OP3    O  N N 142 
DT  P      P  N N 143 
DT  OP1    O  N N 144 
DT  OP2    O  N N 145 
DT  "O5'"  O  N N 146 
DT  "C5'"  C  N N 147 
DT  "C4'"  C  N R 148 
DT  "O4'"  O  N N 149 
DT  "C3'"  C  N S 150 
DT  "O3'"  O  N N 151 
DT  "C2'"  C  N N 152 
DT  "C1'"  C  N R 153 
DT  N1     N  N N 154 
DT  C2     C  N N 155 
DT  O2     O  N N 156 
DT  N3     N  N N 157 
DT  C4     C  N N 158 
DT  O4     O  N N 159 
DT  C5     C  N N 160 
DT  C7     C  N N 161 
DT  C6     C  N N 162 
DT  HOP3   H  N N 163 
DT  HOP2   H  N N 164 
DT  "H5'"  H  N N 165 
DT  "H5''" H  N N 166 
DT  "H4'"  H  N N 167 
DT  "H3'"  H  N N 168 
DT  "HO3'" H  N N 169 
DT  "H2'"  H  N N 170 
DT  "H2''" H  N N 171 
DT  "H1'"  H  N N 172 
DT  H3     H  N N 173 
DT  H71    H  N N 174 
DT  H72    H  N N 175 
DT  H73    H  N N 176 
DT  H6     H  N N 177 
HOH O      O  N N 178 
HOH H1     H  N N 179 
HOH H2     H  N N 180 
MG  MG     MG N N 181 
PNI NI     NI N N 182 
PNI NA     N  Y N 183 
PNI C1A    C  Y N 184 
PNI C2A    C  Y N 185 
PNI C3A    C  Y N 186 
PNI C4A    C  Y N 187 
PNI C5A    C  N N 188 
PNI C6A    C  N N 189 
PNI C7A    C  N N 190 
PNI C8A    C  N N 191 
PNI NPA    N  N N 192 
PNI C9A    C  N N 193 
PNI C0A    C  N N 194 
PNI CMA    C  N N 195 
PNI NB     N  Y N 196 
PNI C1B    C  Y N 197 
PNI C2B    C  Y N 198 
PNI C3B    C  Y N 199 
PNI C4B    C  Y N 200 
PNI C5B    C  N N 201 
PNI C6B    C  N N 202 
PNI C7B    C  N N 203 
PNI C8B    C  N N 204 
PNI NPB    N  N N 205 
PNI C9B    C  N N 206 
PNI C0B    C  N N 207 
PNI CMB    C  N N 208 
PNI NC     N  Y N 209 
PNI C1C    C  Y N 210 
PNI C2C    C  Y N 211 
PNI C3C    C  Y N 212 
PNI C4C    C  Y N 213 
PNI C5C    C  N N 214 
PNI C6C    C  N N 215 
PNI C7C    C  N N 216 
PNI C8C    C  N N 217 
PNI NPC    N  N N 218 
PNI C9C    C  N N 219 
PNI C0C    C  N N 220 
PNI CMC    C  N N 221 
PNI ND     N  Y N 222 
PNI C1D    C  Y N 223 
PNI C2D    C  Y N 224 
PNI C3D    C  Y N 225 
PNI C4D    C  Y N 226 
PNI C5D    C  N N 227 
PNI C6D    C  N N 228 
PNI C7D    C  N N 229 
PNI C8D    C  N N 230 
PNI C9D    C  N N 231 
PNI C0D    C  N N 232 
PNI CMD    C  N N 233 
PNI NPD    N  N N 234 
PNI H2A    H  N N 235 
PNI H3A    H  N N 236 
PNI H7A    H  N N 237 
PNI H8A    H  N N 238 
PNI H9A    H  N N 239 
PNI H0A    H  N N 240 
PNI HMA1   H  N N 241 
PNI HMA2   H  N N 242 
PNI HMA3   H  N N 243 
PNI H2B    H  N N 244 
PNI H3B    H  N N 245 
PNI H7B    H  N N 246 
PNI H8B    H  N N 247 
PNI H9B    H  N N 248 
PNI H0B    H  N N 249 
PNI HMB1   H  N N 250 
PNI HMB2   H  N N 251 
PNI HMB3   H  N N 252 
PNI H2C    H  N N 253 
PNI H3C    H  N N 254 
PNI H7C    H  N N 255 
PNI H8C    H  N N 256 
PNI H9C    H  N N 257 
PNI H0C    H  N N 258 
PNI HMC1   H  N N 259 
PNI HMC2   H  N N 260 
PNI HMC3   H  N N 261 
PNI H2D    H  N N 262 
PNI H3D    H  N N 263 
PNI H7D    H  N N 264 
PNI H8D    H  N N 265 
PNI H9D    H  N N 266 
PNI H0D    H  N N 267 
PNI HMD1   H  N N 268 
PNI HMD2   H  N N 269 
PNI HMD3   H  N N 270 
# 
loop_
_chem_comp_bond.comp_id 
_chem_comp_bond.atom_id_1 
_chem_comp_bond.atom_id_2 
_chem_comp_bond.value_order 
_chem_comp_bond.pdbx_aromatic_flag 
_chem_comp_bond.pdbx_stereo_config 
_chem_comp_bond.pdbx_ordinal 
CBR BR    C5     sing N N 1   
CBR P     OP1    doub N N 2   
CBR P     OP2    sing N N 3   
CBR P     "O5'"  sing N N 4   
CBR P     OP3    sing N N 5   
CBR OP2   HOP2   sing N N 6   
CBR "O5'" "C5'"  sing N N 7   
CBR N1    C6     sing N N 8   
CBR N1    C2     sing N N 9   
CBR N1    "C1'"  sing N N 10  
CBR C6    C5     doub N N 11  
CBR C6    H6     sing N N 12  
CBR C2    O2     doub N N 13  
CBR C2    N3     sing N N 14  
CBR N3    C4     doub N N 15  
CBR C4    N4     sing N N 16  
CBR C4    C5     sing N N 17  
CBR N4    H41    sing N N 18  
CBR N4    H42    sing N N 19  
CBR "C2'" "C1'"  sing N N 20  
CBR "C2'" "C3'"  sing N N 21  
CBR "C2'" "H2'"  sing N N 22  
CBR "C2'" "H2''" sing N N 23  
CBR "C5'" "C4'"  sing N N 24  
CBR "C5'" "H5'"  sing N N 25  
CBR "C5'" "H5''" sing N N 26  
CBR "C4'" "O4'"  sing N N 27  
CBR "C4'" "C3'"  sing N N 28  
CBR "C4'" "H4'"  sing N N 29  
CBR "O4'" "C1'"  sing N N 30  
CBR "C1'" "H1'"  sing N N 31  
CBR "C3'" "O3'"  sing N N 32  
CBR "C3'" "H3'"  sing N N 33  
CBR "O3'" "HO3'" sing N N 34  
CBR OP3   HOP3   sing N N 35  
DA  OP3   P      sing N N 36  
DA  OP3   HOP3   sing N N 37  
DA  P     OP1    doub N N 38  
DA  P     OP2    sing N N 39  
DA  P     "O5'"  sing N N 40  
DA  OP2   HOP2   sing N N 41  
DA  "O5'" "C5'"  sing N N 42  
DA  "C5'" "C4'"  sing N N 43  
DA  "C5'" "H5'"  sing N N 44  
DA  "C5'" "H5''" sing N N 45  
DA  "C4'" "O4'"  sing N N 46  
DA  "C4'" "C3'"  sing N N 47  
DA  "C4'" "H4'"  sing N N 48  
DA  "O4'" "C1'"  sing N N 49  
DA  "C3'" "O3'"  sing N N 50  
DA  "C3'" "C2'"  sing N N 51  
DA  "C3'" "H3'"  sing N N 52  
DA  "O3'" "HO3'" sing N N 53  
DA  "C2'" "C1'"  sing N N 54  
DA  "C2'" "H2'"  sing N N 55  
DA  "C2'" "H2''" sing N N 56  
DA  "C1'" N9     sing N N 57  
DA  "C1'" "H1'"  sing N N 58  
DA  N9    C8     sing Y N 59  
DA  N9    C4     sing Y N 60  
DA  C8    N7     doub Y N 61  
DA  C8    H8     sing N N 62  
DA  N7    C5     sing Y N 63  
DA  C5    C6     sing Y N 64  
DA  C5    C4     doub Y N 65  
DA  C6    N6     sing N N 66  
DA  C6    N1     doub Y N 67  
DA  N6    H61    sing N N 68  
DA  N6    H62    sing N N 69  
DA  N1    C2     sing Y N 70  
DA  C2    N3     doub Y N 71  
DA  C2    H2     sing N N 72  
DA  N3    C4     sing Y N 73  
DC  OP3   P      sing N N 74  
DC  OP3   HOP3   sing N N 75  
DC  P     OP1    doub N N 76  
DC  P     OP2    sing N N 77  
DC  P     "O5'"  sing N N 78  
DC  OP2   HOP2   sing N N 79  
DC  "O5'" "C5'"  sing N N 80  
DC  "C5'" "C4'"  sing N N 81  
DC  "C5'" "H5'"  sing N N 82  
DC  "C5'" "H5''" sing N N 83  
DC  "C4'" "O4'"  sing N N 84  
DC  "C4'" "C3'"  sing N N 85  
DC  "C4'" "H4'"  sing N N 86  
DC  "O4'" "C1'"  sing N N 87  
DC  "C3'" "O3'"  sing N N 88  
DC  "C3'" "C2'"  sing N N 89  
DC  "C3'" "H3'"  sing N N 90  
DC  "O3'" "HO3'" sing N N 91  
DC  "C2'" "C1'"  sing N N 92  
DC  "C2'" "H2'"  sing N N 93  
DC  "C2'" "H2''" sing N N 94  
DC  "C1'" N1     sing N N 95  
DC  "C1'" "H1'"  sing N N 96  
DC  N1    C2     sing N N 97  
DC  N1    C6     sing N N 98  
DC  C2    O2     doub N N 99  
DC  C2    N3     sing N N 100 
DC  N3    C4     doub N N 101 
DC  C4    N4     sing N N 102 
DC  C4    C5     sing N N 103 
DC  N4    H41    sing N N 104 
DC  N4    H42    sing N N 105 
DC  C5    C6     doub N N 106 
DC  C5    H5     sing N N 107 
DC  C6    H6     sing N N 108 
DG  OP3   P      sing N N 109 
DG  OP3   HOP3   sing N N 110 
DG  P     OP1    doub N N 111 
DG  P     OP2    sing N N 112 
DG  P     "O5'"  sing N N 113 
DG  OP2   HOP2   sing N N 114 
DG  "O5'" "C5'"  sing N N 115 
DG  "C5'" "C4'"  sing N N 116 
DG  "C5'" "H5'"  sing N N 117 
DG  "C5'" "H5''" sing N N 118 
DG  "C4'" "O4'"  sing N N 119 
DG  "C4'" "C3'"  sing N N 120 
DG  "C4'" "H4'"  sing N N 121 
DG  "O4'" "C1'"  sing N N 122 
DG  "C3'" "O3'"  sing N N 123 
DG  "C3'" "C2'"  sing N N 124 
DG  "C3'" "H3'"  sing N N 125 
DG  "O3'" "HO3'" sing N N 126 
DG  "C2'" "C1'"  sing N N 127 
DG  "C2'" "H2'"  sing N N 128 
DG  "C2'" "H2''" sing N N 129 
DG  "C1'" N9     sing N N 130 
DG  "C1'" "H1'"  sing N N 131 
DG  N9    C8     sing Y N 132 
DG  N9    C4     sing Y N 133 
DG  C8    N7     doub Y N 134 
DG  C8    H8     sing N N 135 
DG  N7    C5     sing Y N 136 
DG  C5    C6     sing N N 137 
DG  C5    C4     doub Y N 138 
DG  C6    O6     doub N N 139 
DG  C6    N1     sing N N 140 
DG  N1    C2     sing N N 141 
DG  N1    H1     sing N N 142 
DG  C2    N2     sing N N 143 
DG  C2    N3     doub N N 144 
DG  N2    H21    sing N N 145 
DG  N2    H22    sing N N 146 
DG  N3    C4     sing N N 147 
DT  OP3   P      sing N N 148 
DT  OP3   HOP3   sing N N 149 
DT  P     OP1    doub N N 150 
DT  P     OP2    sing N N 151 
DT  P     "O5'"  sing N N 152 
DT  OP2   HOP2   sing N N 153 
DT  "O5'" "C5'"  sing N N 154 
DT  "C5'" "C4'"  sing N N 155 
DT  "C5'" "H5'"  sing N N 156 
DT  "C5'" "H5''" sing N N 157 
DT  "C4'" "O4'"  sing N N 158 
DT  "C4'" "C3'"  sing N N 159 
DT  "C4'" "H4'"  sing N N 160 
DT  "O4'" "C1'"  sing N N 161 
DT  "C3'" "O3'"  sing N N 162 
DT  "C3'" "C2'"  sing N N 163 
DT  "C3'" "H3'"  sing N N 164 
DT  "O3'" "HO3'" sing N N 165 
DT  "C2'" "C1'"  sing N N 166 
DT  "C2'" "H2'"  sing N N 167 
DT  "C2'" "H2''" sing N N 168 
DT  "C1'" N1     sing N N 169 
DT  "C1'" "H1'"  sing N N 170 
DT  N1    C2     sing N N 171 
DT  N1    C6     sing N N 172 
DT  C2    O2     doub N N 173 
DT  C2    N3     sing N N 174 
DT  N3    C4     sing N N 175 
DT  N3    H3     sing N N 176 
DT  C4    O4     doub N N 177 
DT  C4    C5     sing N N 178 
DT  C5    C7     sing N N 179 
DT  C5    C6     doub N N 180 
DT  C7    H71    sing N N 181 
DT  C7    H72    sing N N 182 
DT  C7    H73    sing N N 183 
DT  C6    H6     sing N N 184 
HOH O     H1     sing N N 185 
HOH O     H2     sing N N 186 
PNI NI    NA     sing N N 187 
PNI NI    NB     sing N N 188 
PNI NI    NC     sing N N 189 
PNI NI    ND     sing N N 190 
PNI NA    C1A    sing Y N 191 
PNI NA    C4A    sing Y N 192 
PNI C1A   C2A    doub Y N 193 
PNI C1A   C5D    sing N N 194 
PNI C2A   C3A    sing Y N 195 
PNI C2A   H2A    sing N N 196 
PNI C3A   C4A    doub Y N 197 
PNI C3A   H3A    sing N N 198 
PNI C4A   C5A    sing N N 199 
PNI C5A   C6A    doub N N 200 
PNI C5A   C1B    sing N N 201 
PNI C6A   C7A    sing N N 202 
PNI C6A   C0A    sing N N 203 
PNI C7A   C8A    doub N N 204 
PNI C7A   H7A    sing N N 205 
PNI C8A   NPA    sing N N 206 
PNI C8A   H8A    sing N N 207 
PNI NPA   C9A    sing N N 208 
PNI NPA   CMA    sing N N 209 
PNI C9A   C0A    doub N N 210 
PNI C9A   H9A    sing N N 211 
PNI C0A   H0A    sing N N 212 
PNI CMA   HMA1   sing N N 213 
PNI CMA   HMA2   sing N N 214 
PNI CMA   HMA3   sing N N 215 
PNI NB    C1B    sing Y N 216 
PNI NB    C4B    sing Y N 217 
PNI C1B   C2B    doub Y N 218 
PNI C2B   C3B    sing Y N 219 
PNI C2B   H2B    sing N N 220 
PNI C3B   C4B    doub Y N 221 
PNI C3B   H3B    sing N N 222 
PNI C4B   C5B    sing N N 223 
PNI C5B   C6B    doub N N 224 
PNI C5B   C1C    sing N N 225 
PNI C6B   C7B    sing N N 226 
PNI C6B   C0B    sing N N 227 
PNI C7B   C8B    doub N N 228 
PNI C7B   H7B    sing N N 229 
PNI C8B   NPB    sing N N 230 
PNI C8B   H8B    sing N N 231 
PNI NPB   C9B    sing N N 232 
PNI NPB   CMB    sing N N 233 
PNI C9B   C0B    doub N N 234 
PNI C9B   H9B    sing N N 235 
PNI C0B   H0B    sing N N 236 
PNI CMB   HMB1   sing N N 237 
PNI CMB   HMB2   sing N N 238 
PNI CMB   HMB3   sing N N 239 
PNI NC    C1C    sing Y N 240 
PNI NC    C4C    sing Y N 241 
PNI C1C   C2C    doub Y N 242 
PNI C2C   C3C    sing Y N 243 
PNI C2C   H2C    sing N N 244 
PNI C3C   C4C    doub Y N 245 
PNI C3C   H3C    sing N N 246 
PNI C4C   C5C    sing N N 247 
PNI C5C   C6C    doub N N 248 
PNI C5C   C1D    sing N N 249 
PNI C6C   C7C    sing N N 250 
PNI C6C   C0C    sing N N 251 
PNI C7C   C8C    doub N N 252 
PNI C7C   H7C    sing N N 253 
PNI C8C   NPC    sing N N 254 
PNI C8C   H8C    sing N N 255 
PNI NPC   C9C    sing N N 256 
PNI NPC   CMC    sing N N 257 
PNI C9C   C0C    doub N N 258 
PNI C9C   H9C    sing N N 259 
PNI C0C   H0C    sing N N 260 
PNI CMC   HMC1   sing N N 261 
PNI CMC   HMC2   sing N N 262 
PNI CMC   HMC3   sing N N 263 
PNI ND    C1D    sing Y N 264 
PNI ND    C4D    sing Y N 265 
PNI C1D   C2D    doub Y N 266 
PNI C2D   C3D    sing Y N 267 
PNI C2D   H2D    sing N N 268 
PNI C3D   C4D    doub Y N 269 
PNI C3D   H3D    sing N N 270 
PNI C4D   C5D    sing N N 271 
PNI C5D   C6D    doub N N 272 
PNI C6D   C7D    sing N N 273 
PNI C6D   C0D    sing N N 274 
PNI C7D   C8D    doub N N 275 
PNI C7D   H7D    sing N N 276 
PNI C8D   NPD    sing N N 277 
PNI C8D   H8D    sing N N 278 
PNI C9D   C0D    doub N N 279 
PNI C9D   NPD    sing N N 280 
PNI C9D   H9D    sing N N 281 
PNI C0D   H0D    sing N N 282 
PNI CMD   NPD    sing N N 283 
PNI CMD   HMD1   sing N N 284 
PNI CMD   HMD2   sing N N 285 
PNI CMD   HMD3   sing N N 286 
# 
loop_
_ndb_struct_conf_na.entry_id 
_ndb_struct_conf_na.feature 
1EM0 'double helix'        
1EM0 'b-form double helix' 
# 
loop_
_ndb_struct_na_base_pair.model_number 
_ndb_struct_na_base_pair.i_label_asym_id 
_ndb_struct_na_base_pair.i_label_comp_id 
_ndb_struct_na_base_pair.i_label_seq_id 
_ndb_struct_na_base_pair.i_symmetry 
_ndb_struct_na_base_pair.j_label_asym_id 
_ndb_struct_na_base_pair.j_label_comp_id 
_ndb_struct_na_base_pair.j_label_seq_id 
_ndb_struct_na_base_pair.j_symmetry 
_ndb_struct_na_base_pair.shear 
_ndb_struct_na_base_pair.stretch 
_ndb_struct_na_base_pair.stagger 
_ndb_struct_na_base_pair.buckle 
_ndb_struct_na_base_pair.propeller 
_ndb_struct_na_base_pair.opening 
_ndb_struct_na_base_pair.pair_number 
_ndb_struct_na_base_pair.pair_name 
_ndb_struct_na_base_pair.i_auth_asym_id 
_ndb_struct_na_base_pair.i_auth_seq_id 
_ndb_struct_na_base_pair.i_PDB_ins_code 
_ndb_struct_na_base_pair.j_auth_asym_id 
_ndb_struct_na_base_pair.j_auth_seq_id 
_ndb_struct_na_base_pair.j_PDB_ins_code 
_ndb_struct_na_base_pair.hbond_type_28 
_ndb_struct_na_base_pair.hbond_type_12 
1 B CBR 1 1_555 A DG  6 1_555 0.267  -0.196 -0.029 -16.632 20.648 -4.531 1  B_CBR7:DG6_A   B 7  ? A 6  ? 19 1 
1 B DC  2 1_555 A DG  5 1_555 0.265  -0.158 0.303  -10.615 -7.370 -2.919 2  B_DC8:DG5_A    B 8  ? A 5  ? 19 1 
1 B DT  3 1_555 A DA  4 1_555 -0.011 -0.085 -0.109 1.049   -1.189 10.087 3  B_DT9:DA4_A    B 9  ? A 4  ? 20 1 
1 B DA  4 1_555 A DT  3 1_555 0.121  -0.032 -0.040 0.010   -5.953 0.226  4  B_DA10:DT3_A   B 10 ? A 3  ? 20 1 
1 B DG  5 1_555 A DC  2 1_555 -0.103 -0.102 0.210  11.952  -2.662 -0.076 5  B_DG11:DC2_A   B 11 ? A 2  ? 19 1 
1 B DG  6 1_555 A CBR 1 1_555 -0.206 -0.133 0.125  4.002   -5.716 -1.459 6  B_DG12:CBR1_A  B 12 ? A 1  ? 19 1 
1 C CBR 1 1_555 D DG  6 1_555 0.178  -0.132 0.142  -4.105  -5.729 -1.447 7  C_CBR13:DG24_D C 13 ? D 24 ? 19 1 
1 C DC  2 1_555 D DG  5 1_555 0.116  -0.104 0.201  -11.622 -3.028 0.046  8  C_DC14:DG23_D  C 14 ? D 23 ? 19 1 
1 C DT  3 1_555 D DA  4 1_555 -0.101 -0.036 -0.108 0.906   -6.905 0.965  9  C_DT15:DA22_D  C 15 ? D 22 ? 20 1 
1 C DA  4 1_555 D DT  3 1_555 0.040  -0.088 -0.117 -0.794  -0.759 9.852  10 C_DA16:DT21_D  C 16 ? D 21 ? 20 1 
# 
loop_
_ndb_struct_na_base_pair_step.model_number 
_ndb_struct_na_base_pair_step.i_label_asym_id_1 
_ndb_struct_na_base_pair_step.i_label_comp_id_1 
_ndb_struct_na_base_pair_step.i_label_seq_id_1 
_ndb_struct_na_base_pair_step.i_symmetry_1 
_ndb_struct_na_base_pair_step.j_label_asym_id_1 
_ndb_struct_na_base_pair_step.j_label_comp_id_1 
_ndb_struct_na_base_pair_step.j_label_seq_id_1 
_ndb_struct_na_base_pair_step.j_symmetry_1 
_ndb_struct_na_base_pair_step.i_label_asym_id_2 
_ndb_struct_na_base_pair_step.i_label_comp_id_2 
_ndb_struct_na_base_pair_step.i_label_seq_id_2 
_ndb_struct_na_base_pair_step.i_symmetry_2 
_ndb_struct_na_base_pair_step.j_label_asym_id_2 
_ndb_struct_na_base_pair_step.j_label_comp_id_2 
_ndb_struct_na_base_pair_step.j_label_seq_id_2 
_ndb_struct_na_base_pair_step.j_symmetry_2 
_ndb_struct_na_base_pair_step.shift 
_ndb_struct_na_base_pair_step.slide 
_ndb_struct_na_base_pair_step.rise 
_ndb_struct_na_base_pair_step.tilt 
_ndb_struct_na_base_pair_step.roll 
_ndb_struct_na_base_pair_step.twist 
_ndb_struct_na_base_pair_step.x_displacement 
_ndb_struct_na_base_pair_step.y_displacement 
_ndb_struct_na_base_pair_step.helical_rise 
_ndb_struct_na_base_pair_step.inclination 
_ndb_struct_na_base_pair_step.tip 
_ndb_struct_na_base_pair_step.helical_twist 
_ndb_struct_na_base_pair_step.step_number 
_ndb_struct_na_base_pair_step.step_name 
_ndb_struct_na_base_pair_step.i_auth_asym_id_1 
_ndb_struct_na_base_pair_step.i_auth_seq_id_1 
_ndb_struct_na_base_pair_step.i_PDB_ins_code_1 
_ndb_struct_na_base_pair_step.j_auth_asym_id_1 
_ndb_struct_na_base_pair_step.j_auth_seq_id_1 
_ndb_struct_na_base_pair_step.j_PDB_ins_code_1 
_ndb_struct_na_base_pair_step.i_auth_asym_id_2 
_ndb_struct_na_base_pair_step.i_auth_seq_id_2 
_ndb_struct_na_base_pair_step.i_PDB_ins_code_2 
_ndb_struct_na_base_pair_step.j_auth_asym_id_2 
_ndb_struct_na_base_pair_step.j_auth_seq_id_2 
_ndb_struct_na_base_pair_step.j_PDB_ins_code_2 
1 B CBR 1 1_555 A DG  6 1_555 B DC  2 1_555 A DG  5 1_555 -1.031 -0.230 3.567 0.938  -14.610 27.844 2.616  2.100  3.247 -28.040 
-1.799 31.391 1 BB_CBR7DC8:DG5DG6_AA     B 7  ? A 6  ? B 8  ? A 5  ? 
1 B DC  2 1_555 A DG  5 1_555 B DT  3 1_555 A DA  4 1_555 1.596  0.212  3.303 4.688  14.827  30.201 -2.176 -1.935 3.258 26.373  
-8.339 33.886 2 BB_DC8DT9:DA4DG5_AA      B 8  ? A 5  ? B 9  ? A 4  ? 
1 B DT  3 1_555 A DA  4 1_555 B DA  4 1_555 A DT  3 1_555 -1.081 1.372  3.484 0.777  -5.301  45.885 2.221  1.447  3.296 -6.772  
-0.993 46.180 3 BB_DT9DA10:DT3DA4_AA     B 9  ? A 4  ? B 10 ? A 3  ? 
1 B DA  4 1_555 A DT  3 1_555 B DG  5 1_555 A DC  2 1_555 0.276  0.756  3.149 -2.058 4.952   19.987 -0.024 -1.653 3.196 13.945  
5.795  20.687 4 BB_DA10DG11:DC2DT3_AA    B 10 ? A 3  ? B 11 ? A 2  ? 
1 B DG  5 1_555 A DC  2 1_555 B DG  6 1_555 A CBR 1 1_555 -0.954 0.581  3.608 -1.831 0.219   42.764 0.772  1.104  3.646 0.300   
2.509  42.802 5 BB_DG11DG12:CBR1DC2_AA   B 11 ? A 2  ? B 12 ? A 1  ? 
1 B DG  6 1_555 A CBR 1 1_555 C CBR 1 1_555 D DG  6 1_555 -0.011 -1.191 3.608 -0.147 -1.316  45.345 -1.416 -0.001 3.639 -1.706  
0.190  45.364 6 BC_DG12CBR13:DG24CBR1_DA B 12 ? A 1  ? C 13 ? D 24 ? 
1 C CBR 1 1_555 D DG  6 1_555 C DC  2 1_555 D DG  5 1_555 0.952  0.583  3.590 1.753  -0.181  42.931 0.815  -1.109 3.622 -0.247  
-2.394 42.965 7 CC_CBR13DC14:DG23DG24_DD C 13 ? D 24 ? C 14 ? D 23 ? 
1 C DC  2 1_555 D DG  5 1_555 C DT  3 1_555 D DA  4 1_555 -0.240 0.787  3.124 2.857  4.373   20.123 0.339  1.867  3.157 12.251  
-8.002 20.783 8 CC_DC14DT15:DA22DG23_DD  C 14 ? D 23 ? C 15 ? D 22 ? 
1 C DT  3 1_555 D DA  4 1_555 C DA  4 1_555 D DT  3 1_555 1.089  1.377  3.490 -1.081 -4.281  45.844 2.145  -1.490 3.331 -5.481  
1.383  46.044 9 CC_DT15DA16:DT21DA22_DD  C 15 ? D 22 ? C 16 ? D 21 ? 
# 
_atom_sites.entry_id                    1EM0 
_atom_sites.fract_transf_matrix[1][1]   -0.00709522 
_atom_sites.fract_transf_matrix[1][2]   -0.00265590 
_atom_sites.fract_transf_matrix[1][3]   0.02999916 
_atom_sites.fract_transf_matrix[2][1]   -0.02445417 
_atom_sites.fract_transf_matrix[2][2]   -0.01748112 
_atom_sites.fract_transf_matrix[2][3]   -0.00733141 
_atom_sites.fract_transf_matrix[3][1]   0.00913997 
_atom_sites.fract_transf_matrix[3][2]   -0.01320223 
_atom_sites.fract_transf_matrix[3][3]   0.00099290 
_atom_sites.fract_transf_vector[1]      0.298708 
_atom_sites.fract_transf_vector[2]      0.201422 
_atom_sites.fract_transf_vector[3]      0.862369 
# 
loop_
_atom_type.symbol 
BR 
C  
H  
MG 
N  
NI 
O  
P  
# 
loop_
_atom_site.group_PDB 
_atom_site.id 
_atom_site.type_symbol 
_atom_site.label_atom_id 
_atom_site.label_alt_id 
_atom_site.label_comp_id 
_atom_site.label_asym_id 
_atom_site.label_entity_id 
_atom_site.label_seq_id 
_atom_site.pdbx_PDB_ins_code 
_atom_site.Cartn_x 
_atom_site.Cartn_y 
_atom_site.Cartn_z 
_atom_site.occupancy 
_atom_site.B_iso_or_equiv 
_atom_site.pdbx_formal_charge 
_atom_site.auth_seq_id 
_atom_site.auth_comp_id 
_atom_site.auth_asym_id 
_atom_site.auth_atom_id 
_atom_site.pdbx_PDB_model_num 
HETATM 1    BR BR     . CBR A 1 1 ? 0.813   5.647   -0.722  1.00 9.38  ? 1   CBR A BR     1 
HETATM 2    O  "O5'"  . CBR A 1 1 ? 2.524   2.807   -5.360  1.00 9.04  ? 1   CBR A "O5'"  1 
HETATM 3    N  N1     . CBR A 1 1 ? -1.108  2.741   -2.892  1.00 8.31  ? 1   CBR A N1     1 
HETATM 4    C  C6     . CBR A 1 1 ? -0.397  3.849   -2.516  1.00 8.64  ? 1   CBR A C6     1 
HETATM 5    C  C2     . CBR A 1 1 ? -1.482  1.779   -1.958  1.00 8.96  ? 1   CBR A C2     1 
HETATM 6    O  O2     . CBR A 1 1 ? -2.142  0.805   -2.282  1.00 9.51  ? 1   CBR A O2     1 
HETATM 7    N  N3     . CBR A 1 1 ? -1.188  2.056   -0.691  1.00 7.96  ? 1   CBR A N3     1 
HETATM 8    C  C4     . CBR A 1 1 ? -0.502  3.103   -0.299  1.00 7.60  ? 1   CBR A C4     1 
HETATM 9    N  N4     . CBR A 1 1 ? -0.201  3.222   1.019   1.00 8.82  ? 1   CBR A N4     1 
HETATM 10   C  C5     . CBR A 1 1 ? -0.098  4.119   -1.261  1.00 8.66  ? 1   CBR A C5     1 
HETATM 11   C  "C2'"  . CBR A 1 1 ? -1.686  3.513   -5.242  1.00 9.50  ? 1   CBR A "C2'"  1 
HETATM 12   C  "C5'"  . CBR A 1 1 ? 1.386   3.484   -5.988  1.00 8.39  ? 1   CBR A "C5'"  1 
HETATM 13   C  "C4'"  . CBR A 1 1 ? 0.234   2.591   -6.114  1.00 8.33  ? 1   CBR A "C4'"  1 
HETATM 14   O  "O4'"  . CBR A 1 1 ? -0.090  1.927   -4.854  1.00 8.73  ? 1   CBR A "O4'"  1 
HETATM 15   C  "C1'"  . CBR A 1 1 ? -1.303  2.376   -4.370  1.00 8.86  ? 1   CBR A "C1'"  1 
HETATM 16   C  "C3'"  . CBR A 1 1 ? -1.001  3.219   -6.525  1.00 9.83  ? 1   CBR A "C3'"  1 
HETATM 17   O  "O3'"  . CBR A 1 1 ? -1.792  2.269   -7.322  1.00 16.58 ? 1   CBR A "O3'"  1 
HETATM 18   H  H6     . CBR A 1 1 ? -0.112  4.438   -3.177  1.00 11.23 ? 1   CBR A H6     1 
HETATM 19   H  H41    . CBR A 1 1 ? -0.460  2.619   1.575   1.00 11.47 ? 1   CBR A H41    1 
HETATM 20   H  H42    . CBR A 1 1 ? 0.247   3.901   1.299   1.00 11.47 ? 1   CBR A H42    1 
HETATM 21   H  "H2'"  . CBR A 1 1 ? -1.380  4.355   -4.870  1.00 12.36 ? 1   CBR A "H2'"  1 
HETATM 22   H  "H2''" . CBR A 1 1 ? -2.647  3.551   -5.362  1.00 12.36 ? 1   CBR A "H2''" 1 
HETATM 23   H  "H5'"  . CBR A 1 1 ? 1.645   3.800   -6.867  1.00 10.91 ? 1   CBR A "H5'"  1 
HETATM 24   H  "H5''" . CBR A 1 1 ? 1.137   4.255   -5.454  1.00 10.91 ? 1   CBR A "H5''" 1 
HETATM 25   H  "H4'"  . CBR A 1 1 ? 0.456   1.899   -6.773  1.00 10.83 ? 1   CBR A "H4'"  1 
HETATM 26   H  "H1'"  . CBR A 1 1 ? -1.971  1.663   -4.447  1.00 11.52 ? 1   CBR A "H1'"  1 
HETATM 27   H  "H3'"  . CBR A 1 1 ? -0.827  4.043   -7.028  1.00 12.78 ? 1   CBR A "H3'"  1 
HETATM 28   H  "HO5'" . CBR A 1 1 ? 2.264   2.382   -4.708  1.00 11.76 ? 1   CBR A "HO5'" 1 
ATOM   29   P  P      . DC  A 1 2 ? -3.150  2.438   -7.959  1.00 21.11 ? 2   DC  A P      1 
ATOM   30   O  OP1    . DC  A 1 2 ? -3.060  1.471   -9.162  1.00 26.84 ? 2   DC  A OP1    1 
ATOM   31   O  OP2    . DC  A 1 2 ? -3.418  3.891   -8.092  1.00 32.86 ? 2   DC  A OP2    1 
ATOM   32   O  "O5'"  . DC  A 1 2 ? -4.165  1.810   -6.882  1.00 15.56 ? 2   DC  A "O5'"  1 
ATOM   33   C  "C5'"  . DC  A 1 2 ? -4.152  0.451   -6.491  1.00 11.11 ? 2   DC  A "C5'"  1 
ATOM   34   C  "C4'"  . DC  A 1 2 ? -5.093  0.313   -5.409  1.00 9.13  ? 2   DC  A "C4'"  1 
ATOM   35   O  "O4'"  . DC  A 1 2 ? -4.558  1.045   -4.278  1.00 10.02 ? 2   DC  A "O4'"  1 
ATOM   36   C  "C3'"  . DC  A 1 2 ? -6.510  0.697   -5.618  1.00 8.44  ? 2   DC  A "C3'"  1 
ATOM   37   O  "O3'"  . DC  A 1 2 ? -7.304  -0.565  -5.686  1.00 8.86  ? 2   DC  A "O3'"  1 
ATOM   38   C  "C2'"  . DC  A 1 2 ? -6.826  1.486   -4.343  1.00 8.80  ? 2   DC  A "C2'"  1 
ATOM   39   C  "C1'"  . DC  A 1 2 ? -5.651  1.318   -3.463  1.00 9.05  ? 2   DC  A "C1'"  1 
ATOM   40   N  N1     . DC  A 1 2 ? -5.301  2.457   -2.644  1.00 8.17  ? 2   DC  A N1     1 
ATOM   41   C  C2     . DC  A 1 2 ? -5.271  2.323   -1.220  1.00 8.42  ? 2   DC  A C2     1 
ATOM   42   O  O2     . DC  A 1 2 ? -5.788  1.361   -0.680  1.00 8.80  ? 2   DC  A O2     1 
ATOM   43   N  N3     . DC  A 1 2 ? -4.618  3.310   -0.534  1.00 7.82  ? 2   DC  A N3     1 
ATOM   44   C  C4     . DC  A 1 2 ? -4.093  4.311   -1.140  1.00 7.44  ? 2   DC  A C4     1 
ATOM   45   N  N4     . DC  A 1 2 ? -3.411  5.255   -0.419  1.00 8.53  ? 2   DC  A N4     1 
ATOM   46   C  C5     . DC  A 1 2 ? -4.259  4.544   -2.547  1.00 8.64  ? 2   DC  A C5     1 
ATOM   47   C  C6     . DC  A 1 2 ? -4.809  3.547   -3.241  1.00 8.90  ? 2   DC  A C6     1 
ATOM   48   H  "H5'"  . DC  A 1 2 ? -3.264  0.193   -6.200  1.00 14.44 ? 2   DC  A "H5'"  1 
ATOM   49   H  "H5''" . DC  A 1 2 ? -4.409  -0.116  -7.236  1.00 14.44 ? 2   DC  A "H5''" 1 
ATOM   50   H  "H4'"  . DC  A 1 2 ? -5.094  -0.633  -5.155  1.00 11.87 ? 2   DC  A "H4'"  1 
ATOM   51   H  "H3'"  . DC  A 1 2 ? -6.626  1.244   -6.424  1.00 10.97 ? 2   DC  A "H3'"  1 
ATOM   52   H  "H2'"  . DC  A 1 2 ? -6.967  2.423   -4.549  1.00 11.44 ? 2   DC  A "H2'"  1 
ATOM   53   H  "H2''" . DC  A 1 2 ? -7.625  1.138   -3.916  1.00 11.44 ? 2   DC  A "H2''" 1 
ATOM   54   H  "H1'"  . DC  A 1 2 ? -5.806  0.548   -2.877  1.00 11.76 ? 2   DC  A "H1'"  1 
ATOM   55   H  H41    . DC  A 1 2 ? -3.339  5.175   0.435   1.00 11.09 ? 2   DC  A H41    1 
ATOM   56   H  H42    . DC  A 1 2 ? -3.057  5.928   -0.819  1.00 11.09 ? 2   DC  A H42    1 
ATOM   57   H  H5     . DC  A 1 2 ? -3.999  5.340   -2.950  1.00 11.23 ? 2   DC  A H5     1 
ATOM   58   H  H6     . DC  A 1 2 ? -4.853  3.612   -4.168  1.00 11.57 ? 2   DC  A H6     1 
ATOM   59   P  P      . DT  A 1 3 ? -8.788  -0.609  -6.172  1.00 8.68  ? 3   DT  A P      1 
ATOM   60   O  OP1    . DT  A 1 3 ? -8.981  -2.014  -6.620  1.00 9.65  ? 3   DT  A OP1    1 
ATOM   61   O  OP2    . DT  A 1 3 ? -9.072  0.492   -7.078  1.00 9.25  ? 3   DT  A OP2    1 
ATOM   62   O  "O5'"  . DT  A 1 3 ? -9.647  -0.318  -4.880  1.00 8.79  ? 3   DT  A "O5'"  1 
ATOM   63   C  "C5'"  . DT  A 1 3 ? -9.715  -1.224  -3.781  1.00 9.71  ? 3   DT  A "C5'"  1 
ATOM   64   C  "C4'"  . DT  A 1 3 ? -10.354 -0.615  -2.656  1.00 8.99  ? 3   DT  A "C4'"  1 
ATOM   65   O  "O4'"  . DT  A 1 3 ? -9.433  0.424   -2.100  1.00 8.05  ? 3   DT  A "O4'"  1 
ATOM   66   C  "C3'"  . DT  A 1 3 ? -11.677 0.087   -2.950  1.00 8.19  ? 3   DT  A "C3'"  1 
ATOM   67   O  "O3'"  . DT  A 1 3 ? -12.561 -0.106  -1.876  1.00 9.36  ? 3   DT  A "O3'"  1 
ATOM   68   C  "C2'"  . DT  A 1 3 ? -11.297 1.558   -2.961  1.00 7.80  ? 3   DT  A "C2'"  1 
ATOM   69   C  "C1'"  . DT  A 1 3 ? -10.302 1.555   -1.795  1.00 7.85  ? 3   DT  A "C1'"  1 
ATOM   70   N  N1     . DT  A 1 3 ? -9.464  2.734   -1.629  1.00 7.81  ? 3   DT  A N1     1 
ATOM   71   C  C2     . DT  A 1 3 ? -8.921  2.938   -0.336  1.00 7.71  ? 3   DT  A C2     1 
ATOM   72   O  O2     . DT  A 1 3 ? -9.139  2.192   0.571   1.00 8.02  ? 3   DT  A O2     1 
ATOM   73   N  N3     . DT  A 1 3 ? -8.146  4.039   -0.207  1.00 7.83  ? 3   DT  A N3     1 
ATOM   74   C  C4     . DT  A 1 3 ? -7.863  4.991   -1.173  1.00 7.99  ? 3   DT  A C4     1 
ATOM   75   O  O4     . DT  A 1 3 ? -7.157  5.961   -0.850  1.00 9.01  ? 3   DT  A O4     1 
ATOM   76   C  C5     . DT  A 1 3 ? -8.415  4.710   -2.456  1.00 9.10  ? 3   DT  A C5     1 
ATOM   77   C  C7     . DT  A 1 3 ? -8.119  5.648   -3.635  1.00 10.78 ? 3   DT  A C7     1 
ATOM   78   C  C6     . DT  A 1 3 ? -9.137  3.626   -2.639  1.00 8.76  ? 3   DT  A C6     1 
ATOM   79   H  "H5'"  . DT  A 1 3 ? -8.818  -1.498  -3.532  1.00 12.62 ? 3   DT  A "H5'"  1 
ATOM   80   H  "H5''" . DT  A 1 3 ? -10.209 -2.015  -4.044  1.00 12.62 ? 3   DT  A "H5''" 1 
ATOM   81   H  "H4'"  . DT  A 1 3 ? -10.506 -1.300  -1.972  1.00 11.69 ? 3   DT  A "H4'"  1 
ATOM   82   H  "H3'"  . DT  A 1 3 ? -12.066 -0.201  -3.803  1.00 10.65 ? 3   DT  A "H3'"  1 
ATOM   83   H  "H2'"  . DT  A 1 3 ? -10.878 1.818   -3.796  1.00 10.15 ? 3   DT  A "H2'"  1 
ATOM   84   H  "H2''" . DT  A 1 3 ? -12.059 2.131   -2.786  1.00 10.15 ? 3   DT  A "H2''" 1 
ATOM   85   H  "H1'"  . DT  A 1 3 ? -10.783 1.378   -0.959  1.00 10.21 ? 3   DT  A "H1'"  1 
ATOM   86   H  H3     . DT  A 1 3 ? -7.787  4.163   0.565   1.00 10.18 ? 3   DT  A H3     1 
ATOM   87   H  H71    . DT  A 1 3 ? -7.566  6.373   -3.336  1.00 14.02 ? 3   DT  A H71    1 
ATOM   88   H  H72    . DT  A 1 3 ? -8.943  5.996   -3.981  1.00 14.02 ? 3   DT  A H72    1 
ATOM   89   H  H73    . DT  A 1 3 ? -7.663  5.161   -4.325  1.00 14.02 ? 3   DT  A H73    1 
ATOM   90   H  H6     . DT  A 1 3 ? -9.447  3.448   -3.497  1.00 11.39 ? 3   DT  A H6     1 
ATOM   91   P  P      . DA  A 1 4 ? -13.681 -1.258  -1.916  1.00 8.69  ? 4   DA  A P      1 
ATOM   92   O  OP1    . DA  A 1 4 ? -12.974 -2.524  -2.134  1.00 11.26 ? 4   DA  A OP1    1 
ATOM   93   O  OP2    . DA  A 1 4 ? -14.774 -0.978  -2.790  1.00 13.19 ? 4   DA  A OP2    1 
ATOM   94   O  "O5'"  . DA  A 1 4 ? -14.230 -1.114  -0.469  1.00 8.67  ? 4   DA  A "O5'"  1 
ATOM   95   C  "C5'"  . DA  A 1 4 ? -13.479 -1.645  0.657   1.00 8.82  ? 4   DA  A "C5'"  1 
ATOM   96   C  "C4'"  . DA  A 1 4 ? -13.418 -0.583  1.765   1.00 7.99  ? 4   DA  A "C4'"  1 
ATOM   97   O  "O4'"  . DA  A 1 4 ? -12.534 0.479   1.301   1.00 7.84  ? 4   DA  A "O4'"  1 
ATOM   98   C  "C3'"  . DA  A 1 4 ? -14.736 0.176   2.056   1.00 7.97  ? 4   DA  A "C3'"  1 
ATOM   99   O  "O3'"  . DA  A 1 4 ? -15.433 -0.630  3.010   1.00 9.26  ? 4   DA  A "O3'"  1 
ATOM   100  C  "C2'"  . DA  A 1 4 ? -14.204 1.487   2.659   1.00 10.12 ? 4   DA  A "C2'"  1 
ATOM   101  C  "C1'"  . DA  A 1 4 ? -12.764 1.616   2.022   1.00 9.12  ? 4   DA  A "C1'"  1 
ATOM   102  N  N9     . DA  A 1 4 ? -12.628 2.763   1.122   1.00 8.36  ? 4   DA  A N9     1 
ATOM   103  C  C8     . DA  A 1 4 ? -13.003 2.861   -0.222  1.00 7.63  ? 4   DA  A C8     1 
ATOM   104  N  N7     . DA  A 1 4 ? -12.578 3.998   -0.746  1.00 8.29  ? 4   DA  A N7     1 
ATOM   105  C  C5     . DA  A 1 4 ? -11.856 4.593   0.208   1.00 7.35  ? 4   DA  A C5     1 
ATOM   106  C  C6     . DA  A 1 4 ? -11.132 5.822   0.260   1.00 7.96  ? 4   DA  A C6     1 
ATOM   107  N  N6     . DA  A 1 4 ? -10.903 6.630   -0.776  1.00 8.49  ? 4   DA  A N6     1 
ATOM   108  N  N1     . DA  A 1 4 ? -10.509 6.087   1.442   1.00 8.21  ? 4   DA  A N1     1 
ATOM   109  C  C2     . DA  A 1 4 ? -10.650 5.289   2.495   1.00 8.80  ? 4   DA  A C2     1 
ATOM   110  N  N3     . DA  A 1 4 ? -11.352 4.112   2.572   1.00 9.37  ? 4   DA  A N3     1 
ATOM   111  C  C4     . DA  A 1 4 ? -11.893 3.848   1.369   1.00 7.79  ? 4   DA  A C4     1 
ATOM   112  H  "H5'"  . DA  A 1 4 ? -12.581 -1.880  0.374   1.00 11.46 ? 4   DA  A "H5'"  1 
ATOM   113  H  "H5''" . DA  A 1 4 ? -13.911 -2.447  0.992   1.00 11.46 ? 4   DA  A "H5''" 1 
ATOM   114  H  "H4'"  . DA  A 1 4 ? -13.068 -0.976  2.590   1.00 10.39 ? 4   DA  A "H4'"  1 
ATOM   115  H  "H3'"  . DA  A 1 4 ? -15.263 0.329   1.244   1.00 10.37 ? 4   DA  A "H3'"  1 
ATOM   116  H  "H2'"  . DA  A 1 4 ? -14.765 2.238   2.413   1.00 13.15 ? 4   DA  A "H2'"  1 
ATOM   117  H  "H2''" . DA  A 1 4 ? -14.154 1.433   3.626   1.00 13.15 ? 4   DA  A "H2''" 1 
ATOM   118  H  "H1'"  . DA  A 1 4 ? -12.099 1.686   2.738   1.00 11.86 ? 4   DA  A "H1'"  1 
ATOM   119  H  H8     . DA  A 1 4 ? -13.486 2.214   -0.685  1.00 9.92  ? 4   DA  A H8     1 
ATOM   120  H  H61    . DA  A 1 4 ? -10.372 7.301   -0.690  1.00 11.04 ? 4   DA  A H61    1 
ATOM   121  H  H62    . DA  A 1 4 ? -11.286 6.480   -1.532  1.00 11.04 ? 4   DA  A H62    1 
ATOM   122  H  H2     . DA  A 1 4 ? -10.222 5.562   3.273   1.00 11.45 ? 4   DA  A H2     1 
ATOM   123  P  P      . DG  A 1 5 ? -16.850 -0.133  3.594   1.00 8.71  ? 5   DG  A P      1 
ATOM   124  O  OP1    . DG  A 1 5 ? -17.486 -1.337  4.097   1.00 11.53 ? 5   DG  A OP1    1 
ATOM   125  O  OP2    . DG  A 1 5 ? -17.587 0.652   2.594   1.00 9.71  ? 5   DG  A OP2    1 
ATOM   126  O  "O5'"  . DG  A 1 5 ? -16.520 0.845   4.803   1.00 9.52  ? 5   DG  A "O5'"  1 
ATOM   127  C  "C5'"  . DG  A 1 5 ? -15.694 0.426   5.891   1.00 9.49  ? 5   DG  A "C5'"  1 
ATOM   128  C  "C4'"  . DG  A 1 5 ? -15.540 1.496   6.868   1.00 8.94  ? 5   DG  A "C4'"  1 
ATOM   129  O  "O4'"  . DG  A 1 5 ? -14.891 2.642   6.289   1.00 9.51  ? 5   DG  A "O4'"  1 
ATOM   130  C  "C3'"  . DG  A 1 5 ? -16.889 1.994   7.468   1.00 9.66  ? 5   DG  A "C3'"  1 
ATOM   131  O  "O3'"  . DG  A 1 5 ? -16.617 2.260   8.861   1.00 11.27 ? 5   DG  A "O3'"  1 
ATOM   132  C  "C2'"  . DG  A 1 5 ? -17.074 3.310   6.693   1.00 9.28  ? 5   DG  A "C2'"  1 
ATOM   133  C  "C1'"  . DG  A 1 5 ? -15.616 3.787   6.372   1.00 8.77  ? 5   DG  A "C1'"  1 
ATOM   134  N  N9     . DG  A 1 5 ? -15.513 4.481   5.152   1.00 8.87  ? 5   DG  A N9     1 
ATOM   135  C  C8     . DG  A 1 5 ? -15.931 4.063   3.909   1.00 8.58  ? 5   DG  A C8     1 
ATOM   136  N  N7     . DG  A 1 5 ? -15.525 4.778   2.944   1.00 8.18  ? 5   DG  A N7     1 
ATOM   137  C  C5     . DG  A 1 5 ? -14.809 5.795   3.499   1.00 8.20  ? 5   DG  A C5     1 
ATOM   138  C  C6     . DG  A 1 5 ? -14.072 6.843   2.974   1.00 8.05  ? 5   DG  A C6     1 
ATOM   139  O  O6     . DG  A 1 5 ? -13.957 7.101   1.734   1.00 8.41  ? 5   DG  A O6     1 
ATOM   140  N  N1     . DG  A 1 5 ? -13.488 7.697   3.881   1.00 8.18  ? 5   DG  A N1     1 
ATOM   141  C  C2     . DG  A 1 5 ? -13.615 7.439   5.316   1.00 8.66  ? 5   DG  A C2     1 
ATOM   142  N  N2     . DG  A 1 5 ? -12.945 8.360   6.080   1.00 9.47  ? 5   DG  A N2     1 
ATOM   143  N  N3     . DG  A 1 5 ? -14.174 6.376   5.803   1.00 9.52  ? 5   DG  A N3     1 
ATOM   144  C  C4     . DG  A 1 5 ? -14.723 5.687   4.921   1.00 8.65  ? 5   DG  A C4     1 
ATOM   145  H  "H5'"  . DG  A 1 5 ? -14.823 0.168   5.554   1.00 12.34 ? 5   DG  A "H5'"  1 
ATOM   146  H  "H5''" . DG  A 1 5 ? -16.092 -0.347  6.320   1.00 12.34 ? 5   DG  A "H5''" 1 
ATOM   147  H  "H4'"  . DG  A 1 5 ? -14.980 1.164   7.601   1.00 11.62 ? 5   DG  A "H4'"  1 
ATOM   148  H  "H3'"  . DG  A 1 5 ? -17.626 1.362   7.335   1.00 12.55 ? 5   DG  A "H3'"  1 
ATOM   149  H  "H2'"  . DG  A 1 5 ? -17.576 3.161   5.876   1.00 12.06 ? 5   DG  A "H2'"  1 
ATOM   150  H  "H2''" . DG  A 1 5 ? -17.542 3.966   7.233   1.00 12.06 ? 5   DG  A "H2''" 1 
ATOM   151  H  "H1'"  . DG  A 1 5 ? -15.277 4.345   7.104   1.00 11.41 ? 5   DG  A "H1'"  1 
ATOM   152  H  H8     . DG  A 1 5 ? -16.469 3.314   3.787   1.00 11.15 ? 5   DG  A H8     1 
ATOM   153  H  H1     . DG  A 1 5 ? -13.049 8.383   3.604   1.00 10.63 ? 5   DG  A H1     1 
ATOM   154  H  H21    . DG  A 1 5 ? -12.880 8.248   6.930   1.00 12.32 ? 5   DG  A H21    1 
ATOM   155  H  H22    . DG  A 1 5 ? -12.590 9.050   5.708   1.00 12.32 ? 5   DG  A H22    1 
ATOM   156  P  P      . DG  A 1 6 ? -17.747 2.593   9.900   1.00 12.60 ? 6   DG  A P      1 
ATOM   157  O  OP1    . DG  A 1 6 ? -17.279 2.309   11.213  1.00 20.41 ? 6   DG  A OP1    1 
ATOM   158  O  OP2    . DG  A 1 6 ? -18.952 1.914   9.504   1.00 14.81 ? 6   DG  A OP2    1 
ATOM   159  O  "O5'"  . DG  A 1 6 ? -17.988 4.103   9.677   1.00 13.43 ? 6   DG  A "O5'"  1 
ATOM   160  C  "C5'"  . DG  A 1 6 ? -16.946 5.060   10.153  1.00 13.00 ? 6   DG  A "C5'"  1 
ATOM   161  C  "C4'"  . DG  A 1 6 ? -17.004 6.476   9.801   1.00 15.86 ? 6   DG  A "C4'"  1 
ATOM   162  O  "O4'"  . DG  A 1 6 ? -16.863 6.439   8.264   1.00 13.82 ? 6   DG  A "O4'"  1 
ATOM   163  C  "C3'"  . DG  A 1 6 ? -18.103 6.834   10.006  1.00 16.33 ? 6   DG  A "C3'"  1 
ATOM   164  O  "O3'"  . DG  A 1 6 ? -18.480 8.164   10.776  1.00 23.22 ? 6   DG  A "O3'"  1 
ATOM   165  C  "C2'"  . DG  A 1 6 ? -19.078 7.214   8.740   1.00 15.79 ? 6   DG  A "C2'"  1 
ATOM   166  C  "C1'"  . DG  A 1 6 ? -17.874 7.450   7.798   1.00 15.21 ? 6   DG  A "C1'"  1 
ATOM   167  N  N9     . DG  A 1 6 ? -17.843 7.280   6.285   1.00 11.26 ? 6   DG  A N9     1 
ATOM   168  C  C8     . DG  A 1 6 ? -18.452 6.410   5.470   1.00 11.56 ? 6   DG  A C8     1 
ATOM   169  N  N7     . DG  A 1 6 ? -18.308 6.634   4.229   1.00 12.30 ? 6   DG  A N7     1 
ATOM   170  C  C5     . DG  A 1 6 ? -17.524 7.815   4.162   1.00 9.91  ? 6   DG  A C5     1 
ATOM   171  C  C6     . DG  A 1 6 ? -17.106 8.575   3.073   1.00 9.37  ? 6   DG  A C6     1 
ATOM   172  O  O6     . DG  A 1 6 ? -17.384 8.363   1.899   1.00 9.99  ? 6   DG  A O6     1 
ATOM   173  N  N1     . DG  A 1 6 ? -16.413 9.645   3.493   1.00 9.34  ? 6   DG  A N1     1 
ATOM   174  C  C2     . DG  A 1 6 ? -16.090 10.046  4.740   1.00 8.83  ? 6   DG  A C2     1 
ATOM   175  N  N2     . DG  A 1 6 ? -15.394 11.097  4.898   1.00 9.49  ? 6   DG  A N2     1 
ATOM   176  N  N3     . DG  A 1 6 ? -16.520 9.274   5.819   1.00 10.06 ? 6   DG  A N3     1 
ATOM   177  C  C4     . DG  A 1 6 ? -17.253 8.290   5.444   1.00 10.62 ? 6   DG  A C4     1 
ATOM   178  H  "H5'"  . DG  A 1 6 ? -16.090 4.726   9.844   1.00 16.90 ? 6   DG  A "H5'"  1 
ATOM   179  H  "H5''" . DG  A 1 6 ? -16.933 5.009   11.121  1.00 16.90 ? 6   DG  A "H5''" 1 
ATOM   180  H  "H4'"  . DG  A 1 6 ? -16.322 7.022   10.246  1.00 20.61 ? 6   DG  A "H4'"  1 
ATOM   181  H  "H3'"  . DG  A 1 6 ? -18.546 6.104   10.485  1.00 21.23 ? 6   DG  A "H3'"  1 
ATOM   182  H  "HO3'" . DG  A 1 6 ? -17.795 8.577   10.958  1.00 30.18 ? 6   DG  A "HO3'" 1 
ATOM   183  H  "H2'"  . DG  A 1 6 ? -19.644 6.478   8.460   1.00 20.53 ? 6   DG  A "H2'"  1 
ATOM   184  H  "H2''" . DG  A 1 6 ? -19.606 8.012   8.891   1.00 20.53 ? 6   DG  A "H2''" 1 
ATOM   185  H  "H1'"  . DG  A 1 6 ? -17.515 8.338   8.001   1.00 19.78 ? 6   DG  A "H1'"  1 
ATOM   186  H  H8     . DG  A 1 6 ? -18.946 5.690   5.791   1.00 15.02 ? 6   DG  A H8     1 
ATOM   187  H  H1     . DG  A 1 6 ? -16.129 10.159  2.865   1.00 12.14 ? 6   DG  A H1     1 
ATOM   188  H  H21    . DG  A 1 6 ? -15.174 11.352  5.690   1.00 12.34 ? 6   DG  A H21    1 
ATOM   189  H  H22    . DG  A 1 6 ? -15.143 11.554  4.214   1.00 12.34 ? 6   DG  A H22    1 
HETATM 190  BR BR     . CBR B 1 1 ? -17.777 12.540  -2.242  1.00 9.75  ? 7   CBR B BR     1 
HETATM 191  O  "O5'"  . CBR B 1 1 ? -15.300 16.231  -2.065  1.00 13.96 ? 7   CBR B "O5'"  1 
HETATM 192  N  N1     . CBR B 1 1 ? -14.987 13.557  0.592   1.00 8.61  ? 7   CBR B N1     1 
HETATM 193  C  C6     . CBR B 1 1 ? -15.820 13.598  -0.503  1.00 9.41  ? 7   CBR B C6     1 
HETATM 194  C  C2     . CBR B 1 1 ? -15.182 12.575  1.608   1.00 9.06  ? 7   CBR B C2     1 
HETATM 195  O  O2     . CBR B 1 1 ? -14.472 12.692  2.640   1.00 9.46  ? 7   CBR B O2     1 
HETATM 196  N  N3     . CBR B 1 1 ? -15.944 11.560  1.352   1.00 9.52  ? 7   CBR B N3     1 
HETATM 197  C  C4     . CBR B 1 1 ? -16.624 11.513  0.169   1.00 9.00  ? 7   CBR B C4     1 
HETATM 198  N  N4     . CBR B 1 1 ? -17.402 10.375  -0.034  1.00 8.95  ? 7   CBR B N4     1 
HETATM 199  C  C5     . CBR B 1 1 ? -16.624 12.558  -0.687  1.00 9.76  ? 7   CBR B C5     1 
HETATM 200  C  "C2'"  . CBR B 1 1 ? -13.019 14.678  -0.446  1.00 12.79 ? 7   CBR B "C2'"  1 
HETATM 201  C  "C5'"  . CBR B 1 1 ? -14.908 17.066  -1.467  1.00 13.51 ? 7   CBR B "C5'"  1 
HETATM 202  C  "C4'"  . CBR B 1 1 ? -13.985 16.786  -0.045  1.00 17.98 ? 7   CBR B "C4'"  1 
HETATM 203  O  "O4'"  . CBR B 1 1 ? -14.698 15.811  0.794   1.00 11.00 ? 7   CBR B "O4'"  1 
HETATM 204  C  "C1'"  . CBR B 1 1 ? -14.056 14.600  0.717   1.00 10.31 ? 7   CBR B "C1'"  1 
HETATM 205  C  "C3'"  A CBR B 1 1 ? -12.756 15.730  -0.356  0.57 11.66 ? 7   CBR B "C3'"  1 
HETATM 206  C  "C3'"  B CBR B 1 1 ? -12.764 16.638  -0.062  0.43 10.97 ? 7   CBR B "C3'"  1 
HETATM 207  O  "O3'"  A CBR B 1 1 ? -11.561 16.193  0.381   0.57 13.96 ? 7   CBR B "O3'"  1 
HETATM 208  O  "O3'"  B CBR B 1 1 ? -11.971 16.526  1.069   0.43 14.56 ? 7   CBR B "O3'"  1 
HETATM 209  H  H6     . CBR B 1 1 ? -15.820 14.321  -1.088  1.00 12.23 ? 7   CBR B H6     1 
HETATM 210  H  H41    . CBR B 1 1 ? -17.428 9.759   0.567   1.00 11.63 ? 7   CBR B H41    1 
HETATM 211  H  H42    . CBR B 1 1 ? -17.854 10.286  -0.759  1.00 11.63 ? 7   CBR B H42    1 
HETATM 212  H  "H2'"  . CBR B 1 1 ? -13.420 14.475  -1.306  1.00 16.63 ? 7   CBR B "H2'"  1 
HETATM 213  H  "H2''" . CBR B 1 1 ? -12.258 14.097  -0.295  1.00 16.63 ? 7   CBR B "H2''" 1 
HETATM 214  H  "H5'"  . CBR B 1 1 ? -15.669 17.612  -1.210  1.00 17.56 ? 7   CBR B "H5'"  1 
HETATM 215  H  "H5''" . CBR B 1 1 ? -14.363 17.608  -2.058  1.00 17.56 ? 7   CBR B "H5''" 1 
HETATM 216  H  "H4'"  . CBR B 1 1 ? -13.710 17.600  0.426   1.00 23.38 ? 7   CBR B "H4'"  1 
HETATM 217  H  "H1'"  . CBR B 1 1 ? -13.563 14.464  1.553   1.00 13.40 ? 7   CBR B "H1'"  1 
HETATM 218  H  "H3'"  A CBR B 1 1 ? -12.523 15.959  -1.280  0.57 15.16 ? 7   CBR B "H3'"  1 
HETATM 219  H  "H3'"  B CBR B 1 1 ? -12.326 17.123  -0.794  0.43 14.26 ? 7   CBR B "H3'"  1 
HETATM 220  H  "HO5'" . CBR B 1 1 ? -14.744 16.014  -2.629  1.00 18.14 ? 7   CBR B "HO5'" 1 
ATOM   221  P  P      A DC  B 1 2 ? -10.090 16.003  0.246   0.57 14.09 ? 8   DC  B P      1 
ATOM   222  P  P      B DC  B 1 2 ? -10.800 17.741  1.099   0.43 10.00 ? 8   DC  B P      1 
ATOM   223  O  OP1    A DC  B 1 2 ? -9.556  17.195  0.090   0.57 13.93 ? 8   DC  B OP1    1 
ATOM   224  O  OP1    B DC  B 1 2 ? -11.285 19.183  1.452   0.43 11.64 ? 8   DC  B OP1    1 
ATOM   225  O  OP2    A DC  B 1 2 ? -9.853  14.847  -0.872  0.57 10.82 ? 8   DC  B OP2    1 
ATOM   226  O  OP2    B DC  B 1 2 ? -9.858  17.742  -0.093  0.43 13.01 ? 8   DC  B OP2    1 
ATOM   227  O  "O5'"  A DC  B 1 2 ? -9.679  15.459  1.699   0.57 12.11 ? 8   DC  B "O5'"  1 
ATOM   228  O  "O5'"  B DC  B 1 2 ? -10.137 17.284  2.338   0.43 10.18 ? 8   DC  B "O5'"  1 
ATOM   229  C  "C5'"  A DC  B 1 2 ? -9.697  15.937  2.847   0.57 9.70  ? 8   DC  B "C5'"  1 
ATOM   230  C  "C5'"  B DC  B 1 2 ? -9.379  16.156  2.314   0.43 6.77  ? 8   DC  B "C5'"  1 
ATOM   231  C  "C4'"  . DC  B 1 2 ? -9.816  15.221  3.708   1.00 9.77  ? 8   DC  B "C4'"  1 
ATOM   232  O  "O4'"  . DC  B 1 2 ? -11.110 14.525  3.547   1.00 10.44 ? 8   DC  B "O4'"  1 
ATOM   233  C  "C3'"  . DC  B 1 2 ? -8.834  14.153  4.018   1.00 10.39 ? 8   DC  B "C3'"  1 
ATOM   234  O  "O3'"  . DC  B 1 2 ? -7.796  14.651  4.683   1.00 12.46 ? 8   DC  B "O3'"  1 
ATOM   235  C  "C2'"  . DC  B 1 2 ? -9.653  13.109  4.741   1.00 9.73  ? 8   DC  B "C2'"  1 
ATOM   236  C  "C1'"  . DC  B 1 2 ? -11.015 13.287  4.168   1.00 9.80  ? 8   DC  B "C1'"  1 
ATOM   237  N  N1     . DC  B 1 2 ? -11.342 12.189  3.164   1.00 8.73  ? 8   DC  B N1     1 
ATOM   238  C  C2     . DC  B 1 2 ? -11.831 10.967  3.712   1.00 8.81  ? 8   DC  B C2     1 
ATOM   239  O  O2     . DC  B 1 2 ? -11.903 10.800  4.869   1.00 10.41 ? 8   DC  B O2     1 
ATOM   240  N  N3     . DC  B 1 2 ? -12.191 10.014  2.798   1.00 8.32  ? 8   DC  B N3     1 
ATOM   241  C  C4     . DC  B 1 2 ? -12.079 10.273  1.450   1.00 8.06  ? 8   DC  B C4     1 
ATOM   242  N  N4     . DC  B 1 2 ? -12.511 9.299   0.644   1.00 8.53  ? 8   DC  B N4     1 
ATOM   243  C  C5     . DC  B 1 2 ? -11.536 11.474  0.991   1.00 8.31  ? 8   DC  B C5     1 
ATOM   244  C  C6     . DC  B 1 2 ? -11.221 12.399  1.844   1.00 8.92  ? 8   DC  B C6     1 
ATOM   245  H  "H5'"  A DC  B 1 2 ? -10.422 16.580  2.891   0.57 12.61 ? 8   DC  B "H5'"  1 
ATOM   246  H  "H5'"  B DC  B 1 2 ? -8.436  16.383  2.343   0.43 8.81  ? 8   DC  B "H5'"  1 
ATOM   247  H  "H5''" A DC  B 1 2 ? -8.870  16.426  2.979   0.57 12.61 ? 8   DC  B "H5''" 1 
ATOM   248  H  "H5''" B DC  B 1 2 ? -9.550  15.652  1.503   0.43 8.81  ? 8   DC  B "H5''" 1 
ATOM   249  H  "H4'"  . DC  B 1 2 ? -9.896  15.770  4.517   1.00 12.70 ? 8   DC  B "H4'"  1 
ATOM   250  H  "H3'"  . DC  B 1 2 ? -8.512  13.770  3.176   1.00 13.51 ? 8   DC  B "H3'"  1 
ATOM   251  H  "H2'"  . DC  B 1 2 ? -9.315  12.218  4.567   1.00 12.65 ? 8   DC  B "H2'"  1 
ATOM   252  H  "H2''" . DC  B 1 2 ? -9.654  13.267  5.698   1.00 12.65 ? 8   DC  B "H2''" 1 
ATOM   253  H  "H1'"  . DC  B 1 2 ? -11.669 13.251  4.898   1.00 12.73 ? 8   DC  B "H1'"  1 
ATOM   254  H  H41    . DC  B 1 2 ? -12.830 8.574   0.978   1.00 11.09 ? 8   DC  B H41    1 
ATOM   255  H  H42    . DC  B 1 2 ? -12.469 9.397   -0.210  1.00 11.09 ? 8   DC  B H42    1 
ATOM   256  H  H5     . DC  B 1 2 ? -11.400 11.609  0.081   1.00 10.80 ? 8   DC  B H5     1 
ATOM   257  H  H6     . DC  B 1 2 ? -10.907 13.218  1.537   1.00 11.59 ? 8   DC  B H6     1 
ATOM   258  P  P      . DT  B 1 3 ? -6.322  13.984  4.553   1.00 11.23 ? 9   DT  B P      1 
ATOM   259  O  OP1    . DT  B 1 3 ? -5.387  14.952  5.236   1.00 14.59 ? 9   DT  B OP1    1 
ATOM   260  O  OP2    . DT  B 1 3 ? -5.989  13.714  3.240   1.00 13.61 ? 9   DT  B OP2    1 
ATOM   261  O  "O5'"  . DT  B 1 3 ? -6.412  12.586  5.312   1.00 12.73 ? 9   DT  B "O5'"  1 
ATOM   262  C  "C5'"  . DT  B 1 3 ? -6.861  12.397  6.637   1.00 10.50 ? 9   DT  B "C5'"  1 
ATOM   263  C  "C4'"  . DT  B 1 3 ? -6.921  10.867  6.913   1.00 12.23 ? 9   DT  B "C4'"  1 
ATOM   264  O  "O4'"  . DT  B 1 3 ? -7.913  10.277  5.959   1.00 10.26 ? 9   DT  B "O4'"  1 
ATOM   265  C  "C3'"  . DT  B 1 3 ? -5.666  10.104  6.657   1.00 10.83 ? 9   DT  B "C3'"  1 
ATOM   266  O  "O3'"  . DT  B 1 3 ? -5.645  8.971   7.529   1.00 12.04 ? 9   DT  B "O3'"  1 
ATOM   267  C  "C2'"  . DT  B 1 3 ? -5.792  9.815   5.275   1.00 10.51 ? 9   DT  B "C2'"  1 
ATOM   268  C  "C1'"  . DT  B 1 3 ? -7.240  9.393   5.188   1.00 8.77  ? 9   DT  B "C1'"  1 
ATOM   269  N  N1     . DT  B 1 3 ? -7.778  9.363   3.837   1.00 8.53  ? 9   DT  B N1     1 
ATOM   270  C  C2     . DT  B 1 3 ? -8.658  8.343   3.487   1.00 8.35  ? 9   DT  B C2     1 
ATOM   271  O  O2     . DT  B 1 3 ? -8.918  7.443   4.183   1.00 9.53  ? 9   DT  B O2     1 
ATOM   272  N  N3     . DT  B 1 3 ? -9.036  8.350   2.149   1.00 8.42  ? 9   DT  B N3     1 
ATOM   273  C  C4     . DT  B 1 3 ? -8.751  9.295   1.202   1.00 8.03  ? 9   DT  B C4     1 
ATOM   274  O  O4     . DT  B 1 3 ? -9.185  9.125   0.066   1.00 9.11  ? 9   DT  B O4     1 
ATOM   275  C  C5     . DT  B 1 3 ? -7.931  10.405  1.669   1.00 8.92  ? 9   DT  B C5     1 
ATOM   276  C  C7     . DT  B 1 3 ? -7.652  11.509  0.719   1.00 9.56  ? 9   DT  B C7     1 
ATOM   277  C  C6     . DT  B 1 3 ? -7.535  10.362  2.986   1.00 8.55  ? 9   DT  B C6     1 
ATOM   278  H  "H5'"  . DT  B 1 3 ? -7.741  12.790  6.750   1.00 13.65 ? 9   DT  B "H5'"  1 
ATOM   279  H  "H5''" . DT  B 1 3 ? -6.252  12.824  7.259   1.00 13.65 ? 9   DT  B "H5''" 1 
ATOM   280  H  "H4'"  . DT  B 1 3 ? -7.218  10.711  7.834   1.00 15.90 ? 9   DT  B "H4'"  1 
ATOM   281  H  "H3'"  . DT  B 1 3 ? -4.883  10.672  6.817   1.00 14.08 ? 9   DT  B "H3'"  1 
ATOM   282  H  "H2'"  . DT  B 1 3 ? -5.617  10.599  4.731   1.00 13.66 ? 9   DT  B "H2'"  1 
ATOM   283  H  "H2''" . DT  B 1 3 ? -5.196  9.098   5.006   1.00 13.66 ? 9   DT  B "H2''" 1 
ATOM   284  H  "H1'"  . DT  B 1 3 ? -7.331  8.500   5.582   1.00 11.40 ? 9   DT  B "H1'"  1 
ATOM   285  H  H3     . DT  B 1 3 ? -9.506  7.681   1.885   1.00 10.94 ? 9   DT  B H3     1 
ATOM   286  H  H71    . DT  B 1 3 ? -8.061  11.314  -0.127  1.00 12.43 ? 9   DT  B H71    1 
ATOM   287  H  H72    . DT  B 1 3 ? -6.704  11.599  0.603   1.00 12.43 ? 9   DT  B H72    1 
ATOM   288  H  H73    . DT  B 1 3 ? -8.012  12.329  1.066   1.00 12.43 ? 9   DT  B H73    1 
ATOM   289  H  H6     . DT  B 1 3 ? -7.059  11.092  3.312   1.00 11.12 ? 9   DT  B H6     1 
ATOM   290  P  P      . DA  B 1 4 ? -4.689  8.870   8.759   1.00 11.12 ? 10  DA  B P      1 
ATOM   291  O  OP1    . DA  B 1 4 ? -5.049  9.862   9.803   1.00 14.12 ? 10  DA  B OP1    1 
ATOM   292  O  OP2    . DA  B 1 4 ? -3.282  8.812   8.372   1.00 13.09 ? 10  DA  B OP2    1 
ATOM   293  O  "O5'"  . DA  B 1 4 ? -4.998  7.446   9.238   1.00 9.67  ? 10  DA  B "O5'"  1 
ATOM   294  C  "C5'"  . DA  B 1 4 ? -6.324  7.062   9.894   1.00 10.40 ? 10  DA  B "C5'"  1 
ATOM   295  C  "C4'"  . DA  B 1 4 ? -6.602  5.683   9.583   1.00 8.50  ? 10  DA  B "C4'"  1 
ATOM   296  O  "O4'"  . DA  B 1 4 ? -6.912  5.525   8.172   1.00 9.48  ? 10  DA  B "O4'"  1 
ATOM   297  C  "C3'"  . DA  B 1 4 ? -5.514  4.695   9.839   1.00 9.08  ? 10  DA  B "C3'"  1 
ATOM   298  O  "O3'"  . DA  B 1 4 ? -5.999  3.582   10.572  1.00 10.14 ? 10  DA  B "O3'"  1 
ATOM   299  C  "C2'"  . DA  B 1 4 ? -4.934  4.340   8.451   1.00 8.34  ? 10  DA  B "C2'"  1 
ATOM   300  C  "C1'"  . DA  B 1 4 ? -6.102  4.552   7.558   1.00 8.25  ? 10  DA  B "C1'"  1 
ATOM   301  N  N9     . DA  B 1 4 ? -5.783  5.122   6.210   1.00 8.57  ? 10  DA  B N9     1 
ATOM   302  C  C8     . DA  B 1 4 ? -4.964  6.179   5.957   1.00 8.70  ? 10  DA  B C8     1 
ATOM   303  N  N7     . DA  B 1 4 ? -4.947  6.548   4.749   1.00 8.83  ? 10  DA  B N7     1 
ATOM   304  C  C5     . DA  B 1 4 ? -5.852  5.706   4.153   1.00 8.46  ? 10  DA  B C5     1 
ATOM   305  C  C6     . DA  B 1 4 ? -6.279  5.648   2.779   1.00 7.98  ? 10  DA  B C6     1 
ATOM   306  N  N6     . DA  B 1 4 ? -5.965  6.504   1.844   1.00 8.57  ? 10  DA  B N6     1 
ATOM   307  N  N1     . DA  B 1 4 ? -7.106  4.605   2.447   1.00 7.94  ? 10  DA  B N1     1 
ATOM   308  C  C2     . DA  B 1 4 ? -7.537  3.753   3.426   1.00 9.19  ? 10  DA  B C2     1 
ATOM   309  N  N3     . DA  B 1 4 ? -7.175  3.785   4.752   1.00 8.64  ? 10  DA  B N3     1 
ATOM   310  C  C4     . DA  B 1 4 ? -6.326  4.811   5.006   1.00 8.08  ? 10  DA  B C4     1 
ATOM   311  H  "H5'"  . DA  B 1 4 ? -7.037  7.628   9.559   1.00 13.52 ? 10  DA  B "H5'"  1 
ATOM   312  H  "H5''" . DA  B 1 4 ? -6.266  7.181   10.855  1.00 13.52 ? 10  DA  B "H5''" 1 
ATOM   313  H  "H4'"  . DA  B 1 4 ? -7.388  5.408   10.100  1.00 11.05 ? 10  DA  B "H4'"  1 
ATOM   314  H  "H3'"  . DA  B 1 4 ? -4.814  5.133   10.366  1.00 11.81 ? 10  DA  B "H3'"  1 
ATOM   315  H  "H2'"  . DA  B 1 4 ? -4.199  4.928   8.216   1.00 10.84 ? 10  DA  B "H2'"  1 
ATOM   316  H  "H2''" . DA  B 1 4 ? -4.630  3.420   8.421   1.00 10.84 ? 10  DA  B "H2''" 1 
ATOM   317  H  "H1'"  . DA  B 1 4 ? -6.603  3.716   7.458   1.00 10.73 ? 10  DA  B "H1'"  1 
ATOM   318  H  H8     . DA  B 1 4 ? -4.459  6.594   6.618   1.00 11.32 ? 10  DA  B H8     1 
ATOM   319  H  H61    . DA  B 1 4 ? -6.276  6.404   1.048   1.00 11.15 ? 10  DA  B H61    1 
ATOM   320  H  H62    . DA  B 1 4 ? -5.449  7.167   2.025   1.00 11.15 ? 10  DA  B H62    1 
ATOM   321  H  H2     . DA  B 1 4 ? -8.132  3.087   3.171   1.00 11.95 ? 10  DA  B H2     1 
ATOM   322  P  P      . DG  B 1 5 ? -5.148  2.613   11.432  1.00 10.78 ? 11  DG  B P      1 
ATOM   323  O  OP1    . DG  B 1 5 ? -6.109  1.963   12.338  1.00 15.40 ? 11  DG  B OP1    1 
ATOM   324  O  OP2    . DG  B 1 5 ? -4.030  3.309   11.971  1.00 13.88 ? 11  DG  B OP2    1 
ATOM   325  O  "O5'"  . DG  B 1 5 ? -4.586  1.556   10.432  1.00 9.86  ? 11  DG  B "O5'"  1 
ATOM   326  C  "C5'"  . DG  B 1 5 ? -5.466  0.610   9.800   1.00 8.93  ? 11  DG  B "C5'"  1 
ATOM   327  C  "C4'"  . DG  B 1 5 ? -4.893  0.043   8.575   1.00 7.61  ? 11  DG  B "C4'"  1 
ATOM   328  O  "O4'"  . DG  B 1 5 ? -4.747  1.058   7.572   1.00 7.40  ? 11  DG  B "O4'"  1 
ATOM   329  C  "C3'"  . DG  B 1 5 ? -3.437  -0.497  8.748   1.00 7.75  ? 11  DG  B "C3'"  1 
ATOM   330  O  "O3'"  . DG  B 1 5 ? -3.342  -1.766  8.085   1.00 7.52  ? 11  DG  B "O3'"  1 
ATOM   331  C  "C2'"  . DG  B 1 5 ? -2.612  0.453   7.968   1.00 8.18  ? 11  DG  B "C2'"  1 
ATOM   332  C  "C1'"  . DG  B 1 5 ? -3.559  0.844   6.892   1.00 8.04  ? 11  DG  B "C1'"  1 
ATOM   333  N  N9     . DG  B 1 5 ? -3.217  1.976   6.048   1.00 7.37  ? 11  DG  B N9     1 
ATOM   334  C  C8     . DG  B 1 5 ? -2.467  3.104   6.298   1.00 8.31  ? 11  DG  B C8     1 
ATOM   335  N  N7     . DG  B 1 5 ? -2.365  3.894   5.328   1.00 7.92  ? 11  DG  B N7     1 
ATOM   336  C  C5     . DG  B 1 5 ? -3.112  3.325   4.336   1.00 7.26  ? 11  DG  B C5     1 
ATOM   337  C  C6     . DG  B 1 5 ? -3.351  3.726   2.956   1.00 7.20  ? 11  DG  B C6     1 
ATOM   338  O  O6     . DG  B 1 5 ? -2.911  4.723   2.377   1.00 8.24  ? 11  DG  B O6     1 
ATOM   339  N  N1     . DG  B 1 5 ? -4.147  2.810   2.314   1.00 7.43  ? 11  DG  B N1     1 
ATOM   340  C  C2     . DG  B 1 5 ? -4.704  1.673   2.836   1.00 7.33  ? 11  DG  B C2     1 
ATOM   341  N  N2     . DG  B 1 5 ? -5.488  0.942   2.066   1.00 8.40  ? 11  DG  B N2     1 
ATOM   342  N  N3     . DG  B 1 5 ? -4.486  1.290   4.066   1.00 7.57  ? 11  DG  B N3     1 
ATOM   343  C  C4     . DG  B 1 5 ? -3.661  2.188   4.807   1.00 7.35  ? 11  DG  B C4     1 
ATOM   344  H  "H5'"  . DG  B 1 5 ? -6.304  1.051   9.584   1.00 11.61 ? 11  DG  B "H5'"  1 
ATOM   345  H  "H5''" . DG  B 1 5 ? -5.660  -0.108  10.422  1.00 11.61 ? 11  DG  B "H5''" 1 
ATOM   346  H  "H4'"  . DG  B 1 5 ? -5.474  -0.671  8.240   1.00 9.90  ? 11  DG  B "H4'"  1 
ATOM   347  H  "H3'"  . DG  B 1 5 ? -3.164  -0.545  9.688   1.00 10.08 ? 11  DG  B "H3'"  1 
ATOM   348  H  "H2'"  . DG  B 1 5 ? -2.347  1.217   8.504   1.00 10.64 ? 11  DG  B "H2'"  1 
ATOM   349  H  "H2''" . DG  B 1 5 ? -1.820  0.024   7.607   1.00 10.64 ? 11  DG  B "H2''" 1 
ATOM   350  H  "H1'"  . DG  B 1 5 ? -3.686  0.066   6.309   1.00 10.46 ? 11  DG  B "H1'"  1 
ATOM   351  H  H8     . DG  B 1 5 ? -2.067  3.269   7.122   1.00 10.80 ? 11  DG  B H8     1 
ATOM   352  H  H1     . DG  B 1 5 ? -4.314  2.969   1.486   1.00 9.66  ? 11  DG  B H1     1 
ATOM   353  H  H21    . DG  B 1 5 ? -5.847  0.223   2.376   1.00 10.93 ? 11  DG  B H21    1 
ATOM   354  H  H22    . DG  B 1 5 ? -5.640  1.183   1.254   1.00 10.93 ? 11  DG  B H22    1 
ATOM   355  P  P      . DG  B 1 6 ? -3.747  -3.161  8.773   1.00 7.35  ? 12  DG  B P      1 
ATOM   356  O  OP1    . DG  B 1 6 ? -4.840  -2.911  9.762   1.00 8.26  ? 12  DG  B OP1    1 
ATOM   357  O  OP2    . DG  B 1 6 ? -2.503  -3.894  9.220   1.00 8.35  ? 12  DG  B OP2    1 
ATOM   358  O  "O5'"  . DG  B 1 6 ? -4.261  -3.975  7.525   1.00 7.71  ? 12  DG  B "O5'"  1 
ATOM   359  C  "C5'"  . DG  B 1 6 ? -5.558  -3.752  6.945   1.00 7.67  ? 12  DG  B "C5'"  1 
ATOM   360  C  "C4'"  . DG  B 1 6 ? -5.629  -4.267  5.528   1.00 7.37  ? 12  DG  B "C4'"  1 
ATOM   361  O  "O4'"  . DG  B 1 6 ? -5.075  -3.285  4.588   1.00 7.48  ? 12  DG  B "O4'"  1 
ATOM   362  C  "C3'"  . DG  B 1 6 ? -4.827  -5.580  5.311   1.00 7.64  ? 12  DG  B "C3'"  1 
ATOM   363  O  "O3'"  . DG  B 1 6 ? -5.501  -6.320  4.240   1.00 8.27  ? 12  DG  B "O3'"  1 
ATOM   364  C  "C2'"  . DG  B 1 6 ? -3.502  -5.069  4.777   1.00 7.97  ? 12  DG  B "C2'"  1 
ATOM   365  C  "C1'"  . DG  B 1 6 ? -3.924  -3.838  3.980   1.00 7.73  ? 12  DG  B "C1'"  1 
ATOM   366  N  N9     . DG  B 1 6 ? -2.925  -2.775  3.942   1.00 7.35  ? 12  DG  B N9     1 
ATOM   367  C  C8     . DG  B 1 6 ? -2.262  -2.218  5.042   1.00 8.07  ? 12  DG  B C8     1 
ATOM   368  N  N7     . DG  B 1 6 ? -1.589  -1.130  4.775   1.00 8.09  ? 12  DG  B N7     1 
ATOM   369  C  C5     . DG  B 1 6 ? -1.875  -0.923  3.390   1.00 7.45  ? 12  DG  B C5     1 
ATOM   370  C  C6     . DG  B 1 6 ? -1.522  0.147   2.519   1.00 7.69  ? 12  DG  B C6     1 
ATOM   371  O  O6     . DG  B 1 6 ? -0.904  1.185   2.819   1.00 8.44  ? 12  DG  B O6     1 
ATOM   372  N  N1     . DG  B 1 6 ? -1.997  0.010   1.275   1.00 7.89  ? 12  DG  B N1     1 
ATOM   373  C  C2     . DG  B 1 6 ? -2.732  -1.148  0.817   1.00 7.63  ? 12  DG  B C2     1 
ATOM   374  N  N2     . DG  B 1 6 ? -3.076  -1.129  -0.437  1.00 8.56  ? 12  DG  B N2     1 
ATOM   375  N  N3     . DG  B 1 6 ? -3.111  -2.083  1.645   1.00 7.29  ? 12  DG  B N3     1 
ATOM   376  C  C4     . DG  B 1 6 ? -2.657  -1.916  2.887   1.00 7.51  ? 12  DG  B C4     1 
ATOM   377  H  "H5'"  . DG  B 1 6 ? -5.753  -2.802  6.952   1.00 9.98  ? 12  DG  B "H5'"  1 
ATOM   378  H  "H5''" . DG  B 1 6 ? -6.231  -4.199  7.482   1.00 9.98  ? 12  DG  B "H5''" 1 
ATOM   379  H  "H4'"  . DG  B 1 6 ? -6.567  -4.429  5.298   1.00 9.58  ? 12  DG  B "H4'"  1 
ATOM   380  H  "H3'"  . DG  B 1 6 ? -4.728  -6.105  6.131   1.00 9.93  ? 12  DG  B "H3'"  1 
ATOM   381  H  "HO3'" . DG  B 1 6 ? -6.301  -6.146  4.250   1.00 10.75 ? 12  DG  B "HO3'" 1 
ATOM   382  H  "H2'"  . DG  B 1 6 ? -2.900  -4.833  5.499   1.00 10.36 ? 12  DG  B "H2'"  1 
ATOM   383  H  "H2''" . DG  B 1 6 ? -3.074  -5.728  4.208   1.00 10.36 ? 12  DG  B "H2''" 1 
ATOM   384  H  "H1'"  . DG  B 1 6 ? -4.143  -4.108  3.064   1.00 10.05 ? 12  DG  B "H1'"  1 
ATOM   385  H  H8     . DG  B 1 6 ? -2.298  -2.590  5.893   1.00 10.50 ? 12  DG  B H8     1 
ATOM   386  H  H1     . DG  B 1 6 ? -1.856  0.648   0.716   1.00 10.26 ? 12  DG  B H1     1 
ATOM   387  H  H21    . DG  B 1 6 ? -3.577  -1.751  -0.756  1.00 11.13 ? 12  DG  B H21    1 
ATOM   388  H  H22    . DG  B 1 6 ? -2.803  -0.493  -0.948  1.00 11.13 ? 12  DG  B H22    1 
HETATM 389  BR BR     . CBR C 1 1 ? 0.293   -4.276  3.461   1.00 9.35  ? 13  CBR C BR     1 
HETATM 390  O  "O5'"  . CBR C 1 1 ? -4.785  -4.325  0.855   1.00 8.87  ? 13  CBR C "O5'"  1 
HETATM 391  N  N1     . CBR C 1 1 ? -0.667  -3.825  -0.540  1.00 8.47  ? 13  CBR C N1     1 
HETATM 392  C  C6     . CBR C 1 1 ? -0.557  -4.291  0.813   1.00 8.71  ? 13  CBR C C6     1 
HETATM 393  C  C2     . CBR C 1 1 ? 0.029   -2.648  -0.886  1.00 8.68  ? 13  CBR C C2     1 
HETATM 394  O  O2     . CBR C 1 1 ? -0.080  -2.230  -2.023  1.00 9.47  ? 13  CBR C O2     1 
HETATM 395  N  N3     . CBR C 1 1 ? 0.729   -2.032  0.042   1.00 7.85  ? 13  CBR C N3     1 
HETATM 396  C  C4     . CBR C 1 1 ? 0.807   -2.424  1.280   1.00 7.54  ? 13  CBR C C4     1 
HETATM 397  N  N4     . CBR C 1 1 ? 1.520   -1.710  2.184   1.00 8.78  ? 13  CBR C N4     1 
HETATM 398  C  C5     . CBR C 1 1 ? 0.132   -3.647  1.660   1.00 8.70  ? 13  CBR C C5     1 
HETATM 399  C  "C2'"  . CBR C 1 1 ? -1.614  -5.924  -1.530  1.00 9.69  ? 13  CBR C "C2'"  1 
HETATM 400  C  "C5'"  . CBR C 1 1 ? -4.205  -5.493  0.196   1.00 8.35  ? 13  CBR C "C5'"  1 
HETATM 401  C  "C4'"  . CBR C 1 1 ? -3.803  -5.192  -1.169  1.00 8.53  ? 13  CBR C "C4'"  1 
HETATM 402  O  "O4'"  . CBR C 1 1 ? -2.887  -4.046  -1.176  1.00 8.99  ? 13  CBR C "O4'"  1 
HETATM 403  C  "C1'"  . CBR C 1 1 ? -1.603  -4.423  -1.490  1.00 9.53  ? 13  CBR C "C1'"  1 
HETATM 404  C  "C3'"  . CBR C 1 1 ? -3.046  -6.278  -1.870  1.00 9.53  ? 13  CBR C "C3'"  1 
HETATM 405  O  "O3'"  . CBR C 1 1 ? -3.299  -6.198  -3.267  1.00 15.80 ? 13  CBR C "O3'"  1 
HETATM 406  H  H6     . CBR C 1 1 ? -0.994  -5.070  1.070   1.00 11.33 ? 13  CBR C H6     1 
HETATM 407  H  H41    . CBR C 1 1 ? 1.926   -0.992  1.941   1.00 11.41 ? 13  CBR C H41    1 
HETATM 408  H  H42    . CBR C 1 1 ? 1.566   -1.975  3.001   1.00 11.41 ? 13  CBR C H42    1 
HETATM 409  H  "H2'"  . CBR C 1 1 ? -1.361  -6.295  -0.671  1.00 12.59 ? 13  CBR C "H2'"  1 
HETATM 410  H  "H2''" . CBR C 1 1 ? -1.005  -6.256  -2.208  1.00 12.59 ? 13  CBR C "H2''" 1 
HETATM 411  H  "H5'"  . CBR C 1 1 ? -4.856  -6.212  0.188   1.00 10.85 ? 13  CBR C "H5'"  1 
HETATM 412  H  "H5''" . CBR C 1 1 ? -3.433  -5.794  0.700   1.00 10.85 ? 13  CBR C "H5''" 1 
HETATM 413  H  "H4'"  . CBR C 1 1 ? -4.599  -4.968  -1.695  1.00 11.09 ? 13  CBR C "H4'"  1 
HETATM 414  H  "H1'"  . CBR C 1 1 ? -1.391  -4.090  -2.386  1.00 12.39 ? 13  CBR C "H1'"  1 
HETATM 415  H  "H3'"  . CBR C 1 1 ? -3.285  -7.160  -1.517  1.00 12.39 ? 13  CBR C "H3'"  1 
HETATM 416  H  "HO5'" . CBR C 1 1 ? -4.274  -3.688  0.783   1.00 11.53 ? 13  CBR C "HO5'" 1 
ATOM   417  P  P      . DC  C 1 2 ? -2.759  -7.044  -4.365  1.00 18.97 ? 14  DC  C P      1 
ATOM   418  O  OP1    . DC  C 1 2 ? -3.782  -7.108  -5.393  1.00 33.71 ? 14  DC  C OP1    1 
ATOM   419  O  OP2    . DC  C 1 2 ? -2.253  -8.376  -3.597  1.00 26.08 ? 14  DC  C OP2    1 
ATOM   420  O  "O5'"  . DC  C 1 2 ? -1.451  -6.260  -4.932  1.00 15.97 ? 14  DC  C "O5'"  1 
ATOM   421  C  "C5'"  . DC  C 1 2 ? -1.595  -4.986  -5.564  1.00 11.05 ? 14  DC  C "C5'"  1 
ATOM   422  C  "C4'"  . DC  C 1 2 ? -0.278  -4.468  -5.774  1.00 9.42  ? 14  DC  C "C4'"  1 
ATOM   423  O  "O4'"  . DC  C 1 2 ? 0.324   -4.274  -4.432  1.00 10.10 ? 14  DC  C "O4'"  1 
ATOM   424  C  "C3'"  . DC  C 1 2 ? 0.676   -5.279  -6.605  1.00 8.93  ? 14  DC  C "C3'"  1 
ATOM   425  O  "O3'"  . DC  C 1 2 ? 0.813   -4.554  -7.873  1.00 8.85  ? 14  DC  C "O3'"  1 
ATOM   426  C  "C2'"  . DC  C 1 2 ? 1.934   -5.281  -5.735  1.00 8.52  ? 14  DC  C "C2'"  1 
ATOM   427  C  "C1'"  . DC  C 1 2 ? 1.742   -4.284  -4.689  1.00 9.44  ? 14  DC  C "C1'"  1 
ATOM   428  N  N1     . DC  C 1 2 ? 2.319   -4.578  -3.391  1.00 8.14  ? 14  DC  C N1     1 
ATOM   429  C  C2     . DC  C 1 2 ? 3.219   -3.618  -2.812  1.00 8.45  ? 14  DC  C C2     1 
ATOM   430  O  O2     . DC  C 1 2 ? 3.676   -2.711  -3.448  1.00 8.31  ? 14  DC  C O2     1 
ATOM   431  N  N3     . DC  C 1 2 ? 3.510   -3.824  -1.465  1.00 7.56  ? 14  DC  C N3     1 
ATOM   432  C  C4     . DC  C 1 2 ? 3.020   -4.814  -0.794  1.00 7.44  ? 14  DC  C C4     1 
ATOM   433  N  N4     . DC  C 1 2 ? 3.275   -4.938  0.487   1.00 8.38  ? 14  DC  C N4     1 
ATOM   434  C  C5     . DC  C 1 2 ? 2.226   -5.855  -1.439  1.00 8.77  ? 14  DC  C C5     1 
ATOM   435  C  C6     . DC  C 1 2 ? 1.866   -5.636  -2.718  1.00 8.63  ? 14  DC  C C6     1 
ATOM   436  H  "H5'"  . DC  C 1 2 ? -2.106  -4.385  -4.999  1.00 14.36 ? 14  DC  C "H5'"  1 
ATOM   437  H  "H5''" . DC  C 1 2 ? -2.058  -5.080  -6.411  1.00 14.36 ? 14  DC  C "H5''" 1 
ATOM   438  H  "H4'"  . DC  C 1 2 ? -0.365  -3.587  -6.193  1.00 12.24 ? 14  DC  C "H4'"  1 
ATOM   439  H  "H3'"  . DC  C 1 2 ? 0.340   -6.188  -6.749  1.00 11.61 ? 14  DC  C "H3'"  1 
ATOM   440  H  "H2'"  . DC  C 1 2 ? 2.068   -6.158  -5.341  1.00 11.08 ? 14  DC  C "H2'"  1 
ATOM   441  H  "H2''" . DC  C 1 2 ? 2.712   -5.062  -6.270  1.00 11.08 ? 14  DC  C "H2''" 1 
ATOM   442  H  "H1'"  . DC  C 1 2 ? 2.037   -3.402  -5.001  1.00 12.28 ? 14  DC  C "H1'"  1 
ATOM   443  H  H41    . DC  C 1 2 ? 3.771   -4.358  0.884   1.00 10.89 ? 14  DC  C H41    1 
ATOM   444  H  H42    . DC  C 1 2 ? 2.948   -5.599  0.929   1.00 10.89 ? 14  DC  C H42    1 
ATOM   445  H  H5     . DC  C 1 2 ? 1.980   -6.631  -0.989  1.00 11.40 ? 14  DC  C H5     1 
ATOM   446  H  H6     . DC  C 1 2 ? 1.292   -6.234  -3.140  1.00 11.22 ? 14  DC  C H6     1 
ATOM   447  P  P      . DT  C 1 3 ? 1.500   -5.203  -9.138  1.00 8.74  ? 15  DT  C P      1 
ATOM   448  O  OP1    . DT  C 1 3 ? 0.967   -4.431  -10.310 1.00 9.51  ? 15  DT  C OP1    1 
ATOM   449  O  OP2    . DT  C 1 3 ? 1.353   -6.637  -9.101  1.00 9.01  ? 15  DT  C OP2    1 
ATOM   450  O  "O5'"  . DT  C 1 3 ? 3.045   -4.911  -8.955  1.00 8.54  ? 15  DT  C "O5'"  1 
ATOM   451  C  "C5'"  . DT  C 1 3 ? 3.576   -3.585  -9.032  1.00 9.50  ? 15  DT  C "C5'"  1 
ATOM   452  C  "C4'"  . DT  C 1 3 ? 4.946   -3.583  -8.582  1.00 8.73  ? 15  DT  C "C4'"  1 
ATOM   453  O  "O4'"  . DT  C 1 3 ? 4.998   -3.810  -7.122  1.00 8.12  ? 15  DT  C "O4'"  1 
ATOM   454  C  "C3'"  . DT  C 1 3 ? 5.825   -4.601  -9.204  1.00 8.72  ? 15  DT  C "C3'"  1 
ATOM   455  O  "O3'"  . DT  C 1 3 ? 7.152   -4.129  -9.465  1.00 9.05  ? 15  DT  C "O3'"  1 
ATOM   456  C  "C2'"  . DT  C 1 3 ? 5.973   -5.659  -8.123  1.00 8.22  ? 15  DT  C "C2'"  1 
ATOM   457  C  "C1'"  . DT  C 1 3 ? 6.083   -4.735  -6.908  1.00 7.94  ? 15  DT  C "C1'"  1 
ATOM   458  N  N1     . DT  C 1 3 ? 5.929   -5.296  -5.576  1.00 7.89  ? 15  DT  C N1     1 
ATOM   459  C  C2     . DT  C 1 3 ? 6.468   -4.554  -4.512  1.00 7.87  ? 15  DT  C C2     1 
ATOM   460  O  O2     . DT  C 1 3 ? 7.042   -3.542  -4.691  1.00 7.95  ? 15  DT  C O2     1 
ATOM   461  N  N3     . DT  C 1 3 ? 6.331   -5.164  -3.280  1.00 7.82  ? 15  DT  C N3     1 
ATOM   462  C  C4     . DT  C 1 3 ? 5.745   -6.345  -3.012  1.00 8.10  ? 15  DT  C C4     1 
ATOM   463  O  O4     . DT  C 1 3 ? 5.731   -6.725  -1.811  1.00 8.88  ? 15  DT  C O4     1 
ATOM   464  C  C5     . DT  C 1 3 ? 5.240   -7.056  -4.149  1.00 8.66  ? 15  DT  C C5     1 
ATOM   465  C  C7     . DT  C 1 3 ? 4.488   -8.357  -3.915  1.00 10.87 ? 15  DT  C C7     1 
ATOM   466  C  C6     . DT  C 1 3 ? 5.294   -6.511  -5.336  1.00 8.59  ? 15  DT  C C6     1 
ATOM   467  H  "H5'"  . DT  C 1 3 ? 3.049   -2.988  -8.478  1.00 12.35 ? 15  DT  C "H5'"  1 
ATOM   468  H  "H5''" . DT  C 1 3 ? 3.533   -3.268  -9.947  1.00 12.35 ? 15  DT  C "H5''" 1 
ATOM   469  H  "H4'"  . DT  C 1 3 ? 5.325   -2.699  -8.765  1.00 11.35 ? 15  DT  C "H4'"  1 
ATOM   470  H  "H3'"  . DT  C 1 3 ? 5.417   -4.974  -10.013 1.00 11.34 ? 15  DT  C "H3'"  1 
ATOM   471  H  "H2'"  . DT  C 1 3 ? 5.195   -6.236  -8.073  1.00 10.68 ? 15  DT  C "H2'"  1 
ATOM   472  H  "H2''" . DT  C 1 3 ? 6.771   -6.195  -8.247  1.00 10.68 ? 15  DT  C "H2''" 1 
ATOM   473  H  "H1'"  . DT  C 1 3 ? 6.932   -4.247  -6.953  1.00 10.32 ? 15  DT  C "H1'"  1 
ATOM   474  H  H3     . DT  C 1 3 ? 6.657   -4.740  -2.608  1.00 10.16 ? 15  DT  C H3     1 
ATOM   475  H  H71    . DT  C 1 3 ? 4.515   -8.577  -2.981  1.00 14.13 ? 15  DT  C H71    1 
ATOM   476  H  H72    . DT  C 1 3 ? 4.899   -9.061  -4.422  1.00 14.13 ? 15  DT  C H72    1 
ATOM   477  H  H73    . DT  C 1 3 ? 3.575   -8.253  -4.192  1.00 14.13 ? 15  DT  C H73    1 
ATOM   478  H  H6     . DT  C 1 3 ? 4.891   -6.954  -6.049  1.00 11.16 ? 15  DT  C H6     1 
ATOM   479  P  P      . DA  C 1 4 ? 7.556   -3.547  -10.880 1.00 8.71  ? 16  DA  C P      1 
ATOM   480  O  OP1    . DA  C 1 4 ? 6.571   -2.490  -11.211 1.00 11.36 ? 16  DA  C OP1    1 
ATOM   481  O  OP2    . DA  C 1 4 ? 7.778   -4.526  -11.878 1.00 12.68 ? 16  DA  C OP2    1 
ATOM   482  O  "O5'"  . DA  C 1 4 ? 8.953   -2.965  -10.503 1.00 8.70  ? 16  DA  C "O5'"  1 
ATOM   483  C  "C5'"  . DA  C 1 4 ? 9.091   -1.702  -9.806  1.00 9.13  ? 16  DA  C "C5'"  1 
ATOM   484  C  "C4'"  . DA  C 1 4 ? 10.052  -1.859  -8.632  1.00 8.54  ? 16  DA  C "C4'"  1 
ATOM   485  O  "O4'"  . DA  C 1 4 ? 9.412   -2.712  -7.661  1.00 8.10  ? 16  DA  C "O4'"  1 
ATOM   486  C  "C3'"  . DA  C 1 4 ? 11.403  -2.621  -8.938  1.00 8.14  ? 16  DA  C "C3'"  1 
ATOM   487  O  "O3'"  . DA  C 1 4 ? 12.265  -1.676  -9.448  1.00 8.79  ? 16  DA  C "O3'"  1 
ATOM   488  C  "C2'"  . DA  C 1 4 ? 11.765  -3.143  -7.556  1.00 9.93  ? 16  DA  C "C2'"  1 
ATOM   489  C  "C1'"  . DA  C 1 4 ? 10.375  -3.239  -6.825  1.00 8.94  ? 16  DA  C "C1'"  1 
ATOM   490  N  N9     . DA  C 1 4 ? 9.980   -4.612  -6.478  1.00 7.94  ? 16  DA  C N9     1 
ATOM   491  C  C8     . DA  C 1 4 ? 9.346   -5.575  -7.263  1.00 7.83  ? 16  DA  C C8     1 
ATOM   492  N  N7     . DA  C 1 4 ? 8.987   -6.611  -6.580  1.00 8.75  ? 16  DA  C N7     1 
ATOM   493  C  C5     . DA  C 1 4 ? 9.309   -6.346  -5.302  1.00 7.74  ? 16  DA  C C5     1 
ATOM   494  C  C6     . DA  C 1 4 ? 9.162   -7.054  -4.059  1.00 7.63  ? 16  DA  C C6     1 
ATOM   495  N  N6     . DA  C 1 4 ? 8.571   -8.228  -3.913  1.00 9.08  ? 16  DA  C N6     1 
ATOM   496  N  N1     . DA  C 1 4 ? 9.643   -6.422  -2.954  1.00 8.06  ? 16  DA  C N1     1 
ATOM   497  C  C2     . DA  C 1 4 ? 10.199  -5.241  -3.048  1.00 8.99  ? 16  DA  C C2     1 
ATOM   498  N  N3     . DA  C 1 4 ? 10.448  -4.452  -4.133  1.00 9.25  ? 16  DA  C N3     1 
ATOM   499  C  C4     . DA  C 1 4 ? 9.926   -5.088  -5.219  1.00 8.28  ? 16  DA  C C4     1 
ATOM   500  H  "H5'"  . DA  C 1 4 ? 8.224   -1.412  -9.482  1.00 11.87 ? 16  DA  C "H5'"  1 
ATOM   501  H  "H5''" . DA  C 1 4 ? 9.428   -1.028  -10.415 1.00 11.87 ? 16  DA  C "H5''" 1 
ATOM   502  H  "H4'"  . DA  C 1 4 ? 10.242  -0.984  -8.236  1.00 11.10 ? 16  DA  C "H4'"  1 
ATOM   503  H  "H3'"  . DA  C 1 4 ? 11.264  -3.356  -9.572  1.00 10.58 ? 16  DA  C "H3'"  1 
ATOM   504  H  "H2'"  . DA  C 1 4 ? 12.190  -4.013  -7.612  1.00 12.91 ? 16  DA  C "H2'"  1 
ATOM   505  H  "H2''" . DA  C 1 4 ? 12.359  -2.529  -7.096  1.00 12.91 ? 16  DA  C "H2''" 1 
ATOM   506  H  "H1'"  . DA  C 1 4 ? 10.410  -2.703  -6.006  1.00 11.62 ? 16  DA  C "H1'"  1 
ATOM   507  H  H8     . DA  C 1 4 ? 9.198   -5.482  -8.176  1.00 10.18 ? 16  DA  C H8     1 
ATOM   508  H  H61    . DA  C 1 4 ? 8.496   -8.578  -3.131  1.00 11.80 ? 16  DA  C H61    1 
ATOM   509  H  H62    . DA  C 1 4 ? 8.260   -8.641  -4.601  1.00 11.80 ? 16  DA  C H62    1 
ATOM   510  H  H2     . DA  C 1 4 ? 10.470  -4.877  -2.236  1.00 11.69 ? 16  DA  C H2     1 
ATOM   511  P  P      . DG  C 1 5 ? 13.753  -2.078  -9.870  1.00 8.68  ? 17  DG  C P      1 
ATOM   512  O  OP1    . DG  C 1 5 ? 14.198  -1.047  -10.768 1.00 10.18 ? 17  DG  C OP1    1 
ATOM   513  O  OP2    . DG  C 1 5 ? 13.793  -3.460  -10.401 1.00 9.98  ? 17  DG  C OP2    1 
ATOM   514  O  "O5'"  . DG  C 1 5 ? 14.611  -2.041  -8.539  1.00 9.08  ? 17  DG  C "O5'"  1 
ATOM   515  C  "C5'"  . DG  C 1 5 ? 14.698  -0.885  -7.723  1.00 9.28  ? 17  DG  C "C5'"  1 
ATOM   516  C  "C4'"  . DG  C 1 5 ? 15.528  -1.103  -6.536  1.00 9.64  ? 17  DG  C "C4'"  1 
ATOM   517  O  "O4'"  . DG  C 1 5 ? 15.000  -2.114  -5.726  1.00 9.51  ? 17  DG  C "O4'"  1 
ATOM   518  C  "C3'"  . DG  C 1 5 ? 16.987  -1.508  -6.866  1.00 9.98  ? 17  DG  C "C3'"  1 
ATOM   519  O  "O3'"  . DG  C 1 5 ? 17.799  -0.811  -5.908  1.00 11.29 ? 17  DG  C "O3'"  1 
ATOM   520  C  "C2'"  . DG  C 1 5 ? 16.951  -3.014  -6.637  1.00 9.21  ? 17  DG  C "C2'"  1 
ATOM   521  C  "C1'"  . DG  C 1 5 ? 15.868  -3.161  -5.532  1.00 8.61  ? 17  DG  C "C1'"  1 
ATOM   522  N  N9     . DG  C 1 5 ? 15.154  -4.397  -5.587  1.00 8.92  ? 17  DG  C N9     1 
ATOM   523  C  C8     . DG  C 1 5 ? 14.491  -4.905  -6.668  1.00 8.48  ? 17  DG  C C8     1 
ATOM   524  N  N7     . DG  C 1 5 ? 13.751  -5.899  -6.438  1.00 8.19  ? 17  DG  C N7     1 
ATOM   525  C  C5     . DG  C 1 5 ? 13.896  -6.145  -5.115  1.00 7.74  ? 17  DG  C C5     1 
ATOM   526  C  C6     . DG  C 1 5 ? 13.300  -7.093  -4.225  1.00 8.18  ? 17  DG  C C6     1 
ATOM   527  O  O6     . DG  C 1 5 ? 12.478  -7.929  -4.572  1.00 8.64  ? 17  DG  C O6     1 
ATOM   528  N  N1     . DG  C 1 5 ? 13.783  -7.052  -2.916  1.00 8.65  ? 17  DG  C N1     1 
ATOM   529  C  C2     . DG  C 1 5 ? 14.722  -6.032  -2.511  1.00 8.68  ? 17  DG  C C2     1 
ATOM   530  N  N2     . DG  C 1 5 ? 15.052  -6.152  -1.188  1.00 9.46  ? 17  DG  C N2     1 
ATOM   531  N  N3     . DG  C 1 5 ? 15.202  -5.134  -3.254  1.00 9.59  ? 17  DG  C N3     1 
ATOM   532  C  C4     . DG  C 1 5 ? 14.777  -5.217  -4.516  1.00 8.78  ? 17  DG  C C4     1 
ATOM   533  H  "H5'"  . DG  C 1 5 ? 13.806  -0.625  -7.444  1.00 12.07 ? 17  DG  C "H5'"  1 
ATOM   534  H  "H5''" . DG  C 1 5 ? 15.071  -0.155  -8.242  1.00 12.07 ? 17  DG  C "H5''" 1 
ATOM   535  H  "H4'"  . DG  C 1 5 ? 15.549  -0.271  -6.017  1.00 12.53 ? 17  DG  C "H4'"  1 
ATOM   536  H  "H3'"  . DG  C 1 5 ? 17.232  -1.283  -7.788  1.00 12.97 ? 17  DG  C "H3'"  1 
ATOM   537  H  "H2'"  . DG  C 1 5 ? 16.695  -3.485  -7.444  1.00 11.97 ? 17  DG  C "H2'"  1 
ATOM   538  H  "H2''" . DG  C 1 5 ? 17.811  -3.344  -6.334  1.00 11.97 ? 17  DG  C "H2''" 1 
ATOM   539  H  "H1'"  . DG  C 1 5 ? 16.291  -3.071  -4.653  1.00 11.20 ? 17  DG  C "H1'"  1 
ATOM   540  H  H8     . DG  C 1 5 ? 14.580  -4.542  -7.518  1.00 11.02 ? 17  DG  C H8     1 
ATOM   541  H  H1     . DG  C 1 5 ? 13.520  -7.640  -2.346  1.00 11.24 ? 17  DG  C H1     1 
ATOM   542  H  H21    . DG  C 1 5 ? 15.608  -5.602  -0.831  1.00 12.30 ? 17  DG  C H21    1 
ATOM   543  H  H22    . DG  C 1 5 ? 14.704  -6.779  -0.713  1.00 12.30 ? 17  DG  C H22    1 
ATOM   544  P  P      . DG  C 1 6 ? 19.377  -0.781  -6.013  1.00 12.81 ? 18  DG  C P      1 
ATOM   545  O  OP1    . DG  C 1 6 ? 19.799  0.368   -5.325  1.00 18.97 ? 18  DG  C OP1    1 
ATOM   546  O  OP2    . DG  C 1 6 ? 19.689  -0.822  -7.406  1.00 17.53 ? 18  DG  C OP2    1 
ATOM   547  O  "O5'"  . DG  C 1 6 ? 19.854  -2.132  -5.361  1.00 13.53 ? 18  DG  C "O5'"  1 
ATOM   548  C  "C5'"  . DG  C 1 6 ? 19.523  -2.153  -3.793  1.00 15.74 ? 18  DG  C "C5'"  1 
ATOM   549  C  "C4'"  . DG  C 1 6 ? 19.846  -3.728  -3.366  1.00 15.28 ? 18  DG  C "C4'"  1 
ATOM   550  O  "O4'"  . DG  C 1 6 ? 18.799  -4.496  -4.019  1.00 14.01 ? 18  DG  C "O4'"  1 
ATOM   551  C  "C3'"  . DG  C 1 6 ? 20.934  -4.111  -3.736  1.00 14.14 ? 18  DG  C "C3'"  1 
ATOM   552  O  "O3'"  . DG  C 1 6 ? 21.895  -4.709  -2.814  1.00 19.34 ? 18  DG  C "O3'"  1 
ATOM   553  C  "C2'"  . DG  C 1 6 ? 20.871  -5.096  -4.863  1.00 18.22 ? 18  DG  C "C2'"  1 
ATOM   554  C  "C1'"  . DG  C 1 6 ? 19.372  -5.833  -4.210  1.00 15.12 ? 18  DG  C "C1'"  1 
ATOM   555  N  N9     . DG  C 1 6 ? 18.300  -6.541  -5.054  1.00 11.46 ? 18  DG  C N9     1 
ATOM   556  C  C8     . DG  C 1 6 ? 17.945  -6.447  -6.269  1.00 11.38 ? 18  DG  C C8     1 
ATOM   557  N  N7     . DG  C 1 6 ? 17.039  -7.329  -6.594  1.00 12.64 ? 18  DG  C N7     1 
ATOM   558  C  C5     . DG  C 1 6 ? 16.728  -8.031  -5.473  1.00 10.32 ? 18  DG  C C5     1 
ATOM   559  C  C6     . DG  C 1 6 ? 15.896  -9.164  -5.229  1.00 9.67  ? 18  DG  C C6     1 
ATOM   560  O  O6     . DG  C 1 6 ? 15.259  -9.718  -6.082  1.00 10.70 ? 18  DG  C O6     1 
ATOM   561  N  N1     . DG  C 1 6 ? 16.017  -9.558  -3.978  1.00 9.39  ? 18  DG  C N1     1 
ATOM   562  C  C2     . DG  C 1 6 ? 16.768  -9.061  -2.948  1.00 9.43  ? 18  DG  C C2     1 
ATOM   563  N  N2     . DG  C 1 6 ? 16.688  -9.580  -1.801  1.00 9.21  ? 18  DG  C N2     1 
ATOM   564  N  N3     . DG  C 1 6 ? 17.577  -7.980  -3.179  1.00 9.90  ? 18  DG  C N3     1 
ATOM   565  C  C4     . DG  C 1 6 ? 17.549  -7.574  -4.384  1.00 10.51 ? 18  DG  C C4     1 
ATOM   566  H  "H5'"  . DG  C 1 6 ? 18.595  -1.929  -3.628  1.00 20.46 ? 18  DG  C "H5'"  1 
ATOM   567  H  "H5''" . DG  C 1 6 ? 20.092  -1.534  -3.308  1.00 20.46 ? 18  DG  C "H5''" 1 
ATOM   568  H  "H4'"  . DG  C 1 6 ? 19.774  -3.828  -2.393  1.00 19.86 ? 18  DG  C "H4'"  1 
ATOM   569  H  "H3'"  . DG  C 1 6 ? 21.379  -3.320  -4.104  1.00 18.38 ? 18  DG  C "H3'"  1 
ATOM   570  H  "HO3'" . DG  C 1 6 ? 21.493  -5.077  -2.202  1.00 25.14 ? 18  DG  C "HO3'" 1 
ATOM   571  H  "H2'"  . DG  C 1 6 ? 20.747  -4.680  -5.730  1.00 23.69 ? 18  DG  C "H2'"  1 
ATOM   572  H  "H2''" . DG  C 1 6 ? 21.623  -5.707  -4.880  1.00 23.69 ? 18  DG  C "H2''" 1 
ATOM   573  H  "H1'"  . DG  C 1 6 ? 19.529  -6.291  -3.357  1.00 19.66 ? 18  DG  C "H1'"  1 
ATOM   574  H  H8     . DG  C 1 6 ? 18.293  -5.821  -6.862  1.00 14.79 ? 18  DG  C H8     1 
ATOM   575  H  H1     . DG  C 1 6 ? 15.543  -10.245 -3.773  1.00 12.20 ? 18  DG  C H1     1 
ATOM   576  H  H21    . DG  C 1 6 ? 17.146  -9.256  -1.150  1.00 11.97 ? 18  DG  C H21    1 
ATOM   577  H  H22    . DG  C 1 6 ? 16.176  -10.259 -1.672  1.00 11.97 ? 18  DG  C H22    1 
HETATM 578  BR BR     . CBR D 1 1 ? 13.849  -15.461 -5.830  1.00 9.73  ? 19  CBR D BR     1 
HETATM 579  O  "O5'"  . CBR D 1 1 ? 13.300  -17.573 -1.876  1.00 14.70 ? 19  CBR D "O5'"  1 
HETATM 580  N  N1     . CBR D 1 1 ? 14.118  -13.840 -2.079  1.00 9.25  ? 19  CBR D N1     1 
HETATM 581  C  C6     . CBR D 1 1 ? 13.966  -14.757 -3.090  1.00 8.45  ? 19  CBR D C6     1 
HETATM 582  C  C2     . CBR D 1 1 ? 14.691  -12.569 -2.283  1.00 8.89  ? 19  CBR D C2     1 
HETATM 583  O  O2     . CBR D 1 1 ? 14.944  -11.880 -1.283  1.00 9.25  ? 19  CBR D O2     1 
HETATM 584  N  N3     . CBR D 1 1 ? 14.746  -12.164 -3.519  1.00 9.48  ? 19  CBR D N3     1 
HETATM 585  C  C4     . CBR D 1 1 ? 14.436  -12.982 -4.553  1.00 9.24  ? 19  CBR D C4     1 
HETATM 586  N  N4     . CBR D 1 1 ? 14.534  -12.405 -5.803  1.00 9.04  ? 19  CBR D N4     1 
HETATM 587  C  C5     . CBR D 1 1 ? 14.073  -14.319 -4.330  1.00 9.71  ? 19  CBR D C5     1 
HETATM 588  C  "C2'"  . CBR D 1 1 ? 12.422  -14.838 -0.607  1.00 12.23 ? 19  CBR D "C2'"  1 
HETATM 589  C  "C5'"  . CBR D 1 1 ? 13.730  -17.760 -0.827  1.00 15.52 ? 19  CBR D "C5'"  1 
HETATM 590  C  "C4'"  . CBR D 1 1 ? 13.853  -16.408 0.173   1.00 14.13 ? 19  CBR D "C4'"  1 
HETATM 591  O  "O4'"  . CBR D 1 1 ? 14.700  -15.423 -0.469  1.00 11.11 ? 19  CBR D "O4'"  1 
HETATM 592  C  "C1'"  . CBR D 1 1 ? 13.871  -14.297 -0.750  1.00 10.89 ? 19  CBR D "C1'"  1 
HETATM 593  C  "C3'"  C CBR D 1 1 ? 12.673  -15.440 0.241   0.53 11.63 ? 19  CBR D "C3'"  1 
HETATM 594  C  "C3'"  D CBR D 1 1 ? 13.012  -15.997 0.949   0.47 12.01 ? 19  CBR D "C3'"  1 
HETATM 595  O  "O3'"  C CBR D 1 1 ? 12.498  -14.956 1.605   0.53 19.02 ? 19  CBR D "O3'"  1 
HETATM 596  O  "O3'"  D CBR D 1 1 ? 13.230  -15.224 1.924   0.47 12.14 ? 19  CBR D "O3'"  1 
HETATM 597  H  H6     . CBR D 1 1 ? 13.795  -15.652 -2.908  1.00 10.98 ? 19  CBR D H6     1 
HETATM 598  H  H41    . CBR D 1 1 ? 14.777  -11.584 -5.880  1.00 11.75 ? 19  CBR D H41    1 
HETATM 599  H  H42    . CBR D 1 1 ? 14.352  -12.867 -6.506  1.00 11.75 ? 19  CBR D H42    1 
HETATM 600  H  "H2'"  . CBR D 1 1 ? 12.133  -15.359 -1.372  1.00 15.90 ? 19  CBR D "H2'"  1 
HETATM 601  H  "H2''" . CBR D 1 1 ? 11.775  -14.145 -0.404  1.00 15.90 ? 19  CBR D "H2''" 1 
HETATM 602  H  "H5'"  . CBR D 1 1 ? 14.614  -18.148 -0.925  1.00 20.17 ? 19  CBR D "H5'"  1 
HETATM 603  H  "H5''" . CBR D 1 1 ? 13.173  -18.417 -0.383  1.00 20.17 ? 19  CBR D "H5''" 1 
HETATM 604  H  "H4'"  . CBR D 1 1 ? 14.182  -16.643 1.065   1.00 18.37 ? 19  CBR D "H4'"  1 
HETATM 605  H  "H1'"  . CBR D 1 1 ? 14.036  -13.579 -0.104  1.00 14.16 ? 19  CBR D "H1'"  1 
HETATM 606  H  "H3'"  C CBR D 1 1 ? 11.935  -16.084 0.203   0.53 15.12 ? 19  CBR D "H3'"  1 
HETATM 607  H  "H3'"  D CBR D 1 1 ? 12.348  -16.684 1.167   0.47 15.62 ? 19  CBR D "H3'"  1 
HETATM 608  H  "HO5'" . CBR D 1 1 ? 12.574  -17.199 -1.810  1.00 19.11 ? 19  CBR D "HO5'" 1 
ATOM   609  P  P      C DC  D 1 2 ? 11.159  -14.645 2.488   0.53 13.43 ? 20  DC  D P      1 
ATOM   610  P  P      D DC  D 1 2 ? 12.728  -15.662 3.419   0.47 10.27 ? 20  DC  D P      1 
ATOM   611  O  OP1    C DC  D 1 2 ? 10.956  -15.496 3.706   0.53 22.87 ? 20  DC  D OP1    1 
ATOM   612  O  OP1    D DC  D 1 2 ? 13.746  -16.694 4.049   0.47 12.98 ? 20  DC  D OP1    1 
ATOM   613  O  OP2    C DC  D 1 2 ? 9.947   -14.387 1.489   0.53 11.29 ? 20  DC  D OP2    1 
ATOM   614  O  OP2    D DC  D 1 2 ? 11.251  -15.822 3.255   0.47 10.45 ? 20  DC  D OP2    1 
ATOM   615  O  "O5'"  C DC  D 1 2 ? 11.641  -13.303 3.057   0.53 12.03 ? 20  DC  D "O5'"  1 
ATOM   616  O  "O5'"  D DC  D 1 2 ? 13.015  -14.332 4.203   0.47 10.12 ? 20  DC  D "O5'"  1 
ATOM   617  C  "C5'"  C DC  D 1 2 ? 12.892  -12.907 3.941   0.53 10.30 ? 20  DC  D "C5'"  1 
ATOM   618  C  "C5'"  D DC  D 1 2 ? 12.222  -13.288 3.995   0.47 7.32  ? 20  DC  D "C5'"  1 
ATOM   619  C  "C4'"  . DC  D 1 2 ? 13.197  -11.933 3.807   1.00 9.57  ? 20  DC  D "C4'"  1 
ATOM   620  O  "O4'"  . DC  D 1 2 ? 13.755  -11.850 2.490   1.00 10.62 ? 20  DC  D "O4'"  1 
ATOM   621  C  "C3'"  . DC  D 1 2 ? 12.368  -10.722 4.011   1.00 10.44 ? 20  DC  D "C3'"  1 
ATOM   622  O  "O3'"  . DC  D 1 2 ? 12.235  -10.403 5.326   1.00 11.52 ? 20  DC  D "O3'"  1 
ATOM   623  C  "C2'"  . DC  D 1 2 ? 13.142  -9.714  3.167   1.00 9.83  ? 20  DC  D "C2'"  1 
ATOM   624  C  "C1'"  . DC  D 1 2 ? 13.752  -10.477 2.123   1.00 9.44  ? 20  DC  D "C1'"  1 
ATOM   625  N  N1     . DC  D 1 2 ? 13.019  -10.306 0.805   1.00 8.86  ? 20  DC  D N1     1 
ATOM   626  C  C2     . DC  D 1 2 ? 13.393  -9.235  0.047   1.00 8.80  ? 20  DC  D C2     1 
ATOM   627  O  O2     . DC  D 1 2 ? 14.208  -8.457  0.399   1.00 9.96  ? 20  DC  D O2     1 
ATOM   628  N  N3     . DC  D 1 2 ? 12.749  -9.100  -1.235  1.00 8.81  ? 20  DC  D N3     1 
ATOM   629  C  C4     . DC  D 1 2 ? 11.848  -10.052 -1.622  1.00 7.94  ? 20  DC  D C4     1 
ATOM   630  N  N4     . DC  D 1 2 ? 11.331  -9.896  -2.826  1.00 8.50  ? 20  DC  D N4     1 
ATOM   631  C  C5     . DC  D 1 2 ? 11.492  -11.111 -0.747  1.00 8.34  ? 20  DC  D C5     1 
ATOM   632  C  C6     . DC  D 1 2 ? 12.065  -11.253 0.417   1.00 9.05  ? 20  DC  D C6     1 
ATOM   633  H  "H5'"  C DC  D 1 2 ? 13.629  -13.498 3.726   0.53 13.38 ? 20  DC  D "H5'"  1 
ATOM   634  H  "H5'"  D DC  D 1 2 ? 11.623  -13.168 4.749   0.47 9.52  ? 20  DC  D "H5'"  1 
ATOM   635  H  "H5''" C DC  D 1 2 ? 12.669  -13.039 4.876   0.53 13.38 ? 20  DC  D "H5''" 1 
ATOM   636  H  "H5''" D DC  D 1 2 ? 11.688  -13.429 3.198   0.47 9.52  ? 20  DC  D "H5''" 1 
ATOM   637  H  "H4'"  . DC  D 1 2 ? 13.959  -11.821 4.411   1.00 12.44 ? 20  DC  D "H4'"  1 
ATOM   638  H  "H3'"  . DC  D 1 2 ? 11.481  -10.863 3.617   1.00 13.57 ? 20  DC  D "H3'"  1 
ATOM   639  H  "H2'"  . DC  D 1 2 ? 12.543  -9.047  2.798   1.00 12.78 ? 20  DC  D "H2'"  1 
ATOM   640  H  "H2''" . DC  D 1 2 ? 13.815  -9.267  3.702   1.00 12.78 ? 20  DC  D "H2''" 1 
ATOM   641  H  "H1'"  . DC  D 1 2 ? 14.680  -10.177 2.011   1.00 12.27 ? 20  DC  D "H1'"  1 
ATOM   642  H  H41    . DC  D 1 2 ? 11.567  -9.227  -3.313  1.00 11.05 ? 20  DC  D H41    1 
ATOM   643  H  H42    . DC  D 1 2 ? 10.757  -10.463 -3.125  1.00 11.05 ? 20  DC  D H42    1 
ATOM   644  H  H5     . DC  D 1 2 ? 10.836  -11.716 -1.010  1.00 10.84 ? 20  DC  D H5     1 
ATOM   645  H  H6     . DC  D 1 2 ? 11.846  -11.965 0.974   1.00 11.76 ? 20  DC  D H6     1 
ATOM   646  P  P      . DT  D 1 3 ? 10.995  -9.592  5.863   1.00 11.15 ? 21  DT  D P      1 
ATOM   647  O  OP1    . DT  D 1 3 ? 11.093  -9.648  7.356   1.00 14.79 ? 21  DT  D OP1    1 
ATOM   648  O  OP2    . DT  D 1 3 ? 9.818   -10.021 5.329   1.00 13.77 ? 21  DT  D OP2    1 
ATOM   649  O  "O5'"  . DT  D 1 3 ? 11.169  -8.121  5.321   1.00 11.25 ? 21  DT  D "O5'"  1 
ATOM   650  C  "C5'"  . DT  D 1 3 ? 12.377  -7.304  5.545   1.00 10.77 ? 21  DT  D "C5'"  1 
ATOM   651  C  "C4'"  . DT  D 1 3 ? 12.142  -5.966  4.728   1.00 12.21 ? 21  DT  D "C4'"  1 
ATOM   652  O  "O4'"  . DT  D 1 3 ? 12.051  -6.403  3.286   1.00 10.58 ? 21  DT  D "O4'"  1 
ATOM   653  C  "C3'"  . DT  D 1 3 ? 10.972  -5.202  5.001   1.00 10.82 ? 21  DT  D "C3'"  1 
ATOM   654  O  "O3'"  . DT  D 1 3 ? 11.181  -3.799  4.784   1.00 10.68 ? 21  DT  D "O3'"  1 
ATOM   655  C  "C2'"  . DT  D 1 3 ? 9.936   -5.829  4.106   1.00 10.91 ? 21  DT  D "C2'"  1 
ATOM   656  C  "C1'"  . DT  D 1 3 ? 10.811  -5.913  2.873   1.00 8.88  ? 21  DT  D "C1'"  1 
ATOM   657  N  N1     . DT  D 1 3 ? 10.252  -6.822  1.871   1.00 8.76  ? 21  DT  D N1     1 
ATOM   658  C  C2     . DT  D 1 3 ? 10.335  -6.454  0.530   1.00 8.56  ? 21  DT  D C2     1 
ATOM   659  O  O2     . DT  D 1 3 ? 10.767  -5.433  0.156   1.00 9.35  ? 21  DT  D O2     1 
ATOM   660  N  N3     . DT  D 1 3 ? 9.734   -7.349  -0.341  1.00 8.23  ? 21  DT  D N3     1 
ATOM   661  C  C4     . DT  D 1 3 ? 9.124   -8.510  -0.034  1.00 7.93  ? 21  DT  D C4     1 
ATOM   662  O  O4     . DT  D 1 3 ? 8.619   -9.206  -0.931  1.00 9.29  ? 21  DT  D O4     1 
ATOM   663  C  C5     . DT  D 1 3 ? 9.171   -8.941  1.396   1.00 8.46  ? 21  DT  D C5     1 
ATOM   664  C  C7     . DT  D 1 3 ? 8.603   -10.231 1.793   1.00 9.63  ? 21  DT  D C7     1 
ATOM   665  C  C6     . DT  D 1 3 ? 9.798   -8.020  2.242   1.00 8.37  ? 21  DT  D C6     1 
ATOM   666  H  "H5'"  . DT  D 1 3 ? 13.166  -7.768  5.223   1.00 13.99 ? 21  DT  D "H5'"  1 
ATOM   667  H  "H5''" . DT  D 1 3 ? 12.490  -7.113  6.489   1.00 13.99 ? 21  DT  D "H5''" 1 
ATOM   668  H  "H4'"  . DT  D 1 3 ? 12.928  -5.390  4.834   1.00 15.87 ? 21  DT  D "H4'"  1 
ATOM   669  H  "H3'"  . DT  D 1 3 ? 10.711  -5.343  5.934   1.00 14.07 ? 21  DT  D "H3'"  1 
ATOM   670  H  "H2'"  . DT  D 1 3 ? 9.653   -6.701  4.421   1.00 14.18 ? 21  DT  D "H2'"  1 
ATOM   671  H  "H2''" . DT  D 1 3 ? 9.164   -5.256  3.974   1.00 14.18 ? 21  DT  D "H2''" 1 
ATOM   672  H  "H1'"  . DT  D 1 3 ? 10.921  -5.020  2.484   1.00 11.54 ? 21  DT  D "H1'"  1 
ATOM   673  H  H3     . DT  D 1 3 ? 9.754   -7.138  -1.175  1.00 10.70 ? 21  DT  D H3     1 
ATOM   674  H  H71    . DT  D 1 3 ? 8.265   -10.684 1.018   1.00 12.52 ? 21  DT  D H71    1 
ATOM   675  H  H72    . DT  D 1 3 ? 7.888   -10.087 2.417   1.00 12.52 ? 21  DT  D H72    1 
ATOM   676  H  H73    . DT  D 1 3 ? 9.284   -10.767 2.206   1.00 12.52 ? 21  DT  D H73    1 
ATOM   677  H  H6     . DT  D 1 3 ? 9.905   -8.262  3.133   1.00 10.89 ? 21  DT  D H6     1 
ATOM   678  P  P      . DA  D 1 4 ? 11.329  -2.761  5.929   1.00 11.13 ? 22  DA  D P      1 
ATOM   679  O  OP1    . DA  D 1 4 ? 12.549  -3.055  6.753   1.00 14.31 ? 22  DA  D OP1    1 
ATOM   680  O  OP2    . DA  D 1 4 ? 10.127  -2.579  6.689   1.00 13.49 ? 22  DA  D OP2    1 
ATOM   681  O  "O5'"  . DA  D 1 4 ? 11.532  -1.463  5.103   1.00 9.95  ? 22  DA  D "O5'"  1 
ATOM   682  C  "C5'"  . DA  D 1 4 ? 12.744  -1.182  4.341   1.00 10.29 ? 22  DA  D "C5'"  1 
ATOM   683  C  "C4'"  . DA  D 1 4 ? 12.364  -0.370  3.133   1.00 8.72  ? 22  DA  D "C4'"  1 
ATOM   684  O  "O4'"  . DA  D 1 4 ? 11.578  -1.121  2.221   1.00 9.45  ? 22  DA  D "O4'"  1 
ATOM   685  C  "C3'"  . DA  D 1 4 ? 11.519  0.860   3.454   1.00 9.70  ? 22  DA  D "C3'"  1 
ATOM   686  O  "O3'"  . DA  D 1 4 ? 12.036  2.007   2.784   1.00 10.08 ? 22  DA  D "O3'"  1 
ATOM   687  C  "C2'"  . DA  D 1 4 ? 10.092  0.528   3.001   1.00 8.58  ? 22  DA  D "C2'"  1 
ATOM   688  C  "C1'"  . DA  D 1 4 ? 10.334  -0.519  1.906   1.00 8.30  ? 22  DA  D "C1'"  1 
ATOM   689  N  N9     . DA  D 1 4 ? 9.352   -1.633  1.839   1.00 8.26  ? 22  DA  D N9     1 
ATOM   690  C  C8     . DA  D 1 4 ? 8.893   -2.381  2.891   1.00 8.89  ? 22  DA  D C8     1 
ATOM   691  N  N7     . DA  D 1 4 ? 8.187   -3.351  2.584   1.00 8.57  ? 22  DA  D N7     1 
ATOM   692  C  C5     . DA  D 1 4 ? 8.164   -3.306  1.227   1.00 8.53  ? 22  DA  D C5     1 
ATOM   693  C  C6     . DA  D 1 4 ? 7.528   -4.180  0.236   1.00 7.45  ? 22  DA  D C6     1 
ATOM   694  N  N6     . DA  D 1 4 ? 6.917   -5.296  0.542   1.00 8.38  ? 22  DA  D N6     1 
ATOM   695  N  N1     . DA  D 1 4 ? 7.594   -3.776  -1.066  1.00 7.80  ? 22  DA  D N1     1 
ATOM   696  C  C2     . DA  D 1 4 ? 8.250   -2.658  -1.387  1.00 8.93  ? 22  DA  D C2     1 
ATOM   697  N  N3     . DA  D 1 4 ? 8.990   -1.848  -0.528  1.00 8.22  ? 22  DA  D N3     1 
ATOM   698  C  C4     . DA  D 1 4 ? 8.812   -2.240  0.748   1.00 7.93  ? 22  DA  D C4     1 
ATOM   699  H  "H5'"  . DA  D 1 4 ? 13.162  -2.013  4.065   1.00 13.38 ? 22  DA  D "H5'"  1 
ATOM   700  H  "H5''" . DA  D 1 4 ? 13.374  -0.688  4.889   1.00 13.38 ? 22  DA  D "H5''" 1 
ATOM   701  H  "H4'"  . DA  D 1 4 ? 13.182  -0.080  2.678   1.00 11.34 ? 22  DA  D "H4'"  1 
ATOM   702  H  "H3'"  . DA  D 1 4 ? 11.526  1.018   4.421   1.00 12.61 ? 22  DA  D "H3'"  1 
ATOM   703  H  "H2'"  . DA  D 1 4 ? 9.567   0.161   3.729   1.00 11.15 ? 22  DA  D "H2'"  1 
ATOM   704  H  "H2''" . DA  D 1 4 ? 9.644   1.312   2.645   1.00 11.15 ? 22  DA  D "H2''" 1 
ATOM   705  H  "H1'"  . DA  D 1 4 ? 10.393  -0.078  1.034   1.00 10.79 ? 22  DA  D "H1'"  1 
ATOM   706  H  H8     . DA  D 1 4 ? 9.097   -2.174  3.774   1.00 11.55 ? 22  DA  D H8     1 
ATOM   707  H  H61    . DA  D 1 4 ? 6.557   -5.773  -0.076  1.00 10.89 ? 22  DA  D H61    1 
ATOM   708  H  H62    . DA  D 1 4 ? 6.875   -5.552  1.362   1.00 10.89 ? 22  DA  D H62    1 
ATOM   709  H  H2     . DA  D 1 4 ? 8.209   -2.392  -2.276  1.00 11.61 ? 22  DA  D H2     1 
ATOM   710  P  P      . DG  D 1 5 ? 11.786  3.481   3.208   1.00 10.99 ? 23  DG  D P      1 
ATOM   711  O  OP1    . DG  D 1 5 ? 12.880  4.270   2.615   1.00 13.77 ? 23  DG  D OP1    1 
ATOM   712  O  OP2    . DG  D 1 5 ? 11.533  3.566   4.646   1.00 14.60 ? 23  DG  D OP2    1 
ATOM   713  O  "O5'"  . DG  D 1 5 ? 10.447  3.858   2.525   1.00 9.77  ? 23  DG  D "O5'"  1 
ATOM   714  C  "C5'"  . DG  D 1 5 ? 10.405  3.986   1.097   1.00 8.99  ? 23  DG  D "C5'"  1 
ATOM   715  C  "C4'"  . DG  D 1 5 ? 8.971   3.865   0.573   1.00 7.80  ? 23  DG  D "C4'"  1 
ATOM   716  O  "O4'"  . DG  D 1 5 ? 8.508   2.553   0.826   1.00 7.49  ? 23  DG  D "O4'"  1 
ATOM   717  C  "C3'"  . DG  D 1 5 ? 7.975   4.797   1.352   1.00 7.49  ? 23  DG  D "C3'"  1 
ATOM   718  O  "O3'"  . DG  D 1 5 ? 7.095   5.410   0.383   1.00 7.82  ? 23  DG  D "O3'"  1 
ATOM   719  C  "C2'"  . DG  D 1 5 ? 7.100   3.802   2.106   1.00 8.23  ? 23  DG  D "C2'"  1 
ATOM   720  C  "C1'"  . DG  D 1 5 ? 7.110   2.650   1.181   1.00 7.42  ? 23  DG  D "C1'"  1 
ATOM   721  N  N9     . DG  D 1 5 ? 6.651   1.367   1.693   1.00 7.73  ? 23  DG  D N9     1 
ATOM   722  C  C8     . DG  D 1 5 ? 6.627   0.870   2.989   1.00 7.99  ? 23  DG  D C8     1 
ATOM   723  N  N7     . DG  D 1 5 ? 6.109   -0.298  3.042   1.00 8.01  ? 23  DG  D N7     1 
ATOM   724  C  C5     . DG  D 1 5 ? 5.792   -0.625  1.758   1.00 7.24  ? 23  DG  D C5     1 
ATOM   725  C  C6     . DG  D 1 5 ? 5.111   -1.795  1.210   1.00 7.03  ? 23  DG  D C6     1 
ATOM   726  O  O6     . DG  D 1 5 ? 4.707   -2.782  1.812   1.00 7.96  ? 23  DG  D O6     1 
ATOM   727  N  N1     . DG  D 1 5 ? 4.975   -1.658  -0.138  1.00 7.29  ? 23  DG  D N1     1 
ATOM   728  C  C2     . DG  D 1 5 ? 5.421   -0.656  -0.958  1.00 7.43  ? 23  DG  D C2     1 
ATOM   729  N  N2     . DG  D 1 5 ? 5.233   -0.739  -2.239  1.00 8.33  ? 23  DG  D N2     1 
ATOM   730  N  N3     . DG  D 1 5 ? 6.021   0.429   -0.456  1.00 7.47  ? 23  DG  D N3     1 
ATOM   731  C  C4     . DG  D 1 5 ? 6.151   0.388   0.931   1.00 7.30  ? 23  DG  D C4     1 
ATOM   732  H  "H5'"  . DG  D 1 5 ? 10.955  3.296   0.694   1.00 11.69 ? 23  DG  D "H5'"  1 
ATOM   733  H  "H5''" . DG  D 1 5 ? 10.770  4.847   0.839   1.00 11.69 ? 23  DG  D "H5''" 1 
ATOM   734  H  "H4'"  . DG  D 1 5 ? 8.941   4.058   -0.387  1.00 10.15 ? 23  DG  D "H4'"  1 
ATOM   735  H  "H3'"  . DG  D 1 5 ? 8.423   5.445   1.936   1.00 9.74  ? 23  DG  D "H3'"  1 
ATOM   736  H  "H2'"  . DG  D 1 5 ? 7.484   3.572   2.966   1.00 10.70 ? 23  DG  D "H2'"  1 
ATOM   737  H  "H2''" . DG  D 1 5 ? 6.203   4.146   2.236   1.00 10.70 ? 23  DG  D "H2''" 1 
ATOM   738  H  "H1'"  . DG  D 1 5 ? 6.593   2.878   0.380   1.00 9.64  ? 23  DG  D "H1'"  1 
ATOM   739  H  H8     . DG  D 1 5 ? 6.952   1.331   3.730   1.00 10.39 ? 23  DG  D H8     1 
ATOM   740  H  H1     . DG  D 1 5 ? 4.548   -2.292  -0.531  1.00 9.48  ? 23  DG  D H1     1 
ATOM   741  H  H21    . DG  D 1 5 ? 5.494   -0.103  -2.754  1.00 10.83 ? 23  DG  D H21    1 
ATOM   742  H  H22    . DG  D 1 5 ? 4.848   -1.432  -2.573  1.00 10.83 ? 23  DG  D H22    1 
ATOM   743  P  P      . DG  D 1 6 ? 7.486   6.765   -0.388  1.00 7.49  ? 24  DG  D P      1 
ATOM   744  O  OP1    . DG  D 1 6 ? 8.950   6.847   -0.523  1.00 8.03  ? 24  DG  D OP1    1 
ATOM   745  O  OP2    . DG  D 1 6 ? 6.763   7.903   0.248   1.00 8.16  ? 24  DG  D OP2    1 
ATOM   746  O  "O5'"  . DG  D 1 6 ? 6.757   6.546   -1.776  1.00 7.44  ? 24  DG  D "O5'"  1 
ATOM   747  C  "C5'"  . DG  D 1 6 ? 7.343   5.643   -2.774  1.00 7.36  ? 24  DG  D "C5'"  1 
ATOM   748  C  "C4'"  . DG  D 1 6 ? 6.294   5.221   -3.787  1.00 7.22  ? 24  DG  D "C4'"  1 
ATOM   749  O  "O4'"  . DG  D 1 6 ? 5.515   4.096   -3.263  1.00 7.40  ? 24  DG  D "O4'"  1 
ATOM   750  C  "C3'"  . DG  D 1 6 ? 5.225   6.326   -4.120  1.00 7.58  ? 24  DG  D "C3'"  1 
ATOM   751  O  "O3'"  . DG  D 1 6 ? 4.757   6.113   -5.451  1.00 8.29  ? 24  DG  D "O3'"  1 
ATOM   752  C  "C2'"  . DG  D 1 6 ? 4.085   5.978   -3.123  1.00 7.95  ? 24  DG  D "C2'"  1 
ATOM   753  C  "C1'"  . DG  D 1 6 ? 4.167   4.497   -3.090  1.00 7.36  ? 24  DG  D "C1'"  1 
ATOM   754  N  N9     . DG  D 1 6 ? 3.738   3.900   -1.806  1.00 7.74  ? 24  DG  D N9     1 
ATOM   755  C  C8     . DG  D 1 6 ? 4.188   4.270   -0.554  1.00 8.15  ? 24  DG  D C8     1 
ATOM   756  N  N7     . DG  D 1 6 ? 3.820   3.469   0.417   1.00 8.21  ? 24  DG  D N7     1 
ATOM   757  C  C5     . DG  D 1 6 ? 3.161   2.420   -0.273  1.00 7.45  ? 24  DG  D C5     1 
ATOM   758  C  C6     . DG  D 1 6 ? 2.615   1.219   0.216   1.00 7.46  ? 24  DG  D C6     1 
ATOM   759  O  O6     . DG  D 1 6 ? 2.666   0.748   1.330   1.00 8.11  ? 24  DG  D O6     1 
ATOM   760  N  N1     . DG  D 1 6 ? 2.038   0.462   -0.801  1.00 7.62  ? 24  DG  D N1     1 
ATOM   761  C  C2     . DG  D 1 6 ? 1.973   0.884   -2.156  1.00 7.08  ? 24  DG  D C2     1 
ATOM   762  N  N2     . DG  D 1 6 ? 1.325   0.033   -2.968  1.00 8.69  ? 24  DG  D N2     1 
ATOM   763  N  N3     . DG  D 1 6 ? 2.508   1.984   -2.561  1.00 7.12  ? 24  DG  D N3     1 
ATOM   764  C  C4     . DG  D 1 6 ? 3.092   2.705   -1.617  1.00 7.48  ? 24  DG  D C4     1 
ATOM   765  H  "H5'"  . DG  D 1 6 ? 7.701   4.858   -2.332  1.00 9.56  ? 24  DG  D "H5'"  1 
ATOM   766  H  "H5''" . DG  D 1 6 ? 8.073   6.091   -3.230  1.00 9.56  ? 24  DG  D "H5''" 1 
ATOM   767  H  "H4'"  . DG  D 1 6 ? 6.740   4.944   -4.615  1.00 9.39  ? 24  DG  D "H4'"  1 
ATOM   768  H  "H3'"  . DG  D 1 6 ? 5.572   7.233   -3.987  1.00 9.86  ? 24  DG  D "H3'"  1 
ATOM   769  H  "HO3'" . DG  D 1 6 ? 5.306   6.410   -5.984  1.00 10.78 ? 24  DG  D "HO3'" 1 
ATOM   770  H  "H2'"  . DG  D 1 6 ? 4.249   6.363   -2.248  1.00 10.34 ? 24  DG  D "H2'"  1 
ATOM   771  H  "H2''" . DG  D 1 6 ? 3.224   6.279   -3.451  1.00 10.34 ? 24  DG  D "H2''" 1 
ATOM   772  H  "H1'"  . DG  D 1 6 ? 3.623   4.126   -3.816  1.00 9.57  ? 24  DG  D "H1'"  1 
ATOM   773  H  H8     . DG  D 1 6 ? 4.708   5.026   -0.410  1.00 10.60 ? 24  DG  D H8     1 
ATOM   774  H  H1     . DG  D 1 6 ? 1.701   -0.303  -0.597  1.00 9.90  ? 24  DG  D H1     1 
ATOM   775  H  H21    . DG  D 1 6 ? 1.250   0.212   -3.806  1.00 11.30 ? 24  DG  D H21    1 
ATOM   776  H  H22    . DG  D 1 6 ? 0.984   -0.690  -2.650  1.00 11.30 ? 24  DG  D H22    1 
HETATM 777  MG MG     . MG  E 2 . ? -12.425 1.471   -10.049 1.00 10.82 ? 27  MG  A MG     1 
HETATM 778  NI NI     . PNI F 3 . ? -19.024 12.998  2.642   1.00 8.20  ? 25  PNI B NI     1 
HETATM 779  N  NA     . PNI F 3 . ? -19.671 11.349  3.348   1.00 8.56  ? 25  PNI B NA     1 
HETATM 780  C  C1A    . PNI F 3 . ? -19.788 10.999  4.680   1.00 8.55  ? 25  PNI B C1A    1 
HETATM 781  C  C2A    . PNI F 3 . ? -20.406 9.742   4.809   1.00 9.23  ? 25  PNI B C2A    1 
HETATM 782  C  C3A    . PNI F 3 . ? -20.549 9.245   3.612   1.00 9.87  ? 25  PNI B C3A    1 
HETATM 783  C  C4A    . PNI F 3 . ? -20.197 10.277  2.664   1.00 8.39  ? 25  PNI B C4A    1 
HETATM 784  C  C5A    . PNI F 3 . ? -20.498 10.322  1.311   1.00 8.39  ? 25  PNI B C5A    1 
HETATM 785  C  C6A    . PNI F 3 . ? -21.079 9.030   0.650   1.00 8.03  ? 25  PNI B C6A    1 
HETATM 786  C  C7A    . PNI F 3 . ? -20.338 7.894   0.549   1.00 7.86  ? 25  PNI B C7A    1 
HETATM 787  C  C8A    . PNI F 3 . ? -20.835 6.827   -0.113  1.00 9.15  ? 25  PNI B C8A    1 
HETATM 788  N  NPA    . PNI F 3 . ? -22.101 6.842   -0.703  1.00 8.61  ? 25  PNI B NPA    1 
HETATM 789  C  C9A    . PNI F 3 . ? -22.855 7.989   -0.612  1.00 9.71  ? 25  PNI B C9A    1 
HETATM 790  C  C0A    . PNI F 3 . ? -22.383 9.075   0.070   1.00 8.48  ? 25  PNI B C0A    1 
HETATM 791  C  CMA    . PNI F 3 . ? -22.680 5.691   -1.360  1.00 10.79 ? 25  PNI B CMA    1 
HETATM 792  N  NB     . PNI F 3 . ? -19.945 12.662  0.997   1.00 8.16  ? 25  PNI B NB     1 
HETATM 793  C  C1B    . PNI F 3 . ? -20.463 11.393  0.549   1.00 8.72  ? 25  PNI B C1B    1 
HETATM 794  C  C2B    . PNI F 3 . ? -21.002 11.561  -0.794  1.00 9.05  ? 25  PNI B C2B    1 
HETATM 795  C  C3B    . PNI F 3 . ? -20.909 12.839  -1.181  1.00 9.65  ? 25  PNI B C3B    1 
HETATM 796  C  C4B    . PNI F 3 . ? -20.198 13.581  -0.029  1.00 8.83  ? 25  PNI B C4B    1 
HETATM 797  C  C5B    . PNI F 3 . ? -19.739 14.814  -0.104  1.00 8.15  ? 25  PNI B C5B    1 
HETATM 798  C  C6B    . PNI F 3 . ? -19.977 15.635  -1.312  1.00 8.49  ? 25  PNI B C6B    1 
HETATM 799  C  C7B    . PNI F 3 . ? -18.916 16.129  -2.119  1.00 9.80  ? 25  PNI B C7B    1 
HETATM 800  C  C8B    . PNI F 3 . ? -19.143 16.881  -3.158  1.00 10.14 ? 25  PNI B C8B    1 
HETATM 801  N  NPB    . PNI F 3 . ? -20.483 17.086  -3.565  1.00 9.45  ? 25  PNI B NPB    1 
HETATM 802  C  C9B    . PNI F 3 . ? -21.459 16.571  -2.888  1.00 9.73  ? 25  PNI B C9B    1 
HETATM 803  C  C0B    . PNI F 3 . ? -21.246 15.861  -1.775  1.00 8.82  ? 25  PNI B C0B    1 
HETATM 804  C  CMB    . PNI F 3 . ? -20.875 17.897  -4.813  1.00 11.85 ? 25  PNI B CMB    1 
HETATM 805  N  NC     . PNI F 3 . ? -18.391 14.695  1.951   1.00 8.69  ? 25  PNI B NC     1 
HETATM 806  C  C1C    . PNI F 3 . ? -18.840 15.338  0.795   1.00 8.86  ? 25  PNI B C1C    1 
HETATM 807  C  C2C    . PNI F 3 . ? -18.238 16.589  0.705   1.00 9.94  ? 25  PNI B C2C    1 
HETATM 808  C  C3C    . PNI F 3 . ? -17.315 16.771  1.689   1.00 10.80 ? 25  PNI B C3C    1 
HETATM 809  C  C4C    . PNI F 3 . ? -17.410 15.552  2.533   1.00 9.70  ? 25  PNI B C4C    1 
HETATM 810  C  C5C    . PNI F 3 . ? -16.733 15.324  3.675   1.00 9.33  ? 25  PNI B C5C    1 
HETATM 811  C  C6C    . PNI F 3 . ? -15.620 16.221  4.079   1.00 10.02 ? 25  PNI B C6C    1 
HETATM 812  C  C7C    . PNI F 3 . ? -15.922 17.554  4.367   1.00 12.91 ? 25  PNI B C7C    1 
HETATM 813  C  C8C    . PNI F 3 . ? -14.831 18.426  4.716   1.00 12.97 ? 25  PNI B C8C    1 
HETATM 814  N  NPC    . PNI F 3 . ? -13.609 17.953  4.737   1.00 11.07 ? 25  PNI B NPC    1 
HETATM 815  C  C9C    . PNI F 3 . ? -13.374 16.596  4.560   1.00 12.45 ? 25  PNI B C9C    1 
HETATM 816  C  C0C    . PNI F 3 . ? -14.343 15.807  4.187   1.00 9.69  ? 25  PNI B C0C    1 
HETATM 817  C  CMC    . PNI F 3 . ? -12.420 18.875  5.018   1.00 15.77 ? 25  PNI B CMC    1 
HETATM 818  N  ND     . PNI F 3 . ? -18.103 13.385  4.320   1.00 9.23  ? 25  PNI B ND     1 
HETATM 819  C  C1D    . PNI F 3 . ? -17.155 14.298  4.512   1.00 9.71  ? 25  PNI B C1D    1 
HETATM 820  C  C2D    . PNI F 3 . ? -16.773 14.267  5.949   1.00 10.68 ? 25  PNI B C2D    1 
HETATM 821  C  C3D    . PNI F 3 . ? -17.559 13.439  6.562   1.00 9.76  ? 25  PNI B C3D    1 
HETATM 822  C  C4D    . PNI F 3 . ? -18.372 12.798  5.537   1.00 9.14  ? 25  PNI B C4D    1 
HETATM 823  C  C5D    . PNI F 3 . ? -19.286 11.766  5.740   1.00 9.49  ? 25  PNI B C5D    1 
HETATM 824  C  C6D    . PNI F 3 . ? -19.642 11.368  7.113   1.00 10.67 ? 25  PNI B C6D    1 
HETATM 825  C  C7D    . PNI F 3 . ? -20.911 11.498  7.548   1.00 10.84 ? 25  PNI B C7D    1 
HETATM 826  C  C8D    . PNI F 3 . ? -21.129 11.251  8.891   1.00 12.58 ? 25  PNI B C8D    1 
HETATM 827  C  C9D    . PNI F 3 . ? -19.208 10.691  9.418   1.00 12.78 ? 25  PNI B C9D    1 
HETATM 828  C  C0D    . PNI F 3 . ? -18.661 10.969  8.019   1.00 11.95 ? 25  PNI B C0D    1 
HETATM 829  C  CMD    . PNI F 3 . ? -20.521 10.573  11.202  1.00 17.45 ? 25  PNI B CMD    1 
HETATM 830  N  NPD    . PNI F 3 . ? -20.347 10.782  9.708   1.00 13.44 ? 25  PNI B NPD    1 
HETATM 831  H  H2A    . PNI F 3 . ? -20.665 9.337   5.605   1.00 12.00 ? 25  PNI B H2A    1 
HETATM 832  H  H3A    . PNI F 3 . ? -20.827 8.383   3.407   1.00 12.83 ? 25  PNI B H3A    1 
HETATM 833  H  H7A    . PNI F 3 . ? -19.494 7.852   0.936   1.00 10.21 ? 25  PNI B H7A    1 
HETATM 834  H  H8A    . PNI F 3 . ? -20.318 6.056   -0.179  1.00 11.90 ? 25  PNI B H8A    1 
HETATM 835  H  H9A    . PNI F 3 . ? -23.691 8.026   -1.016  1.00 12.62 ? 25  PNI B H9A    1 
HETATM 836  H  H0A    . PNI F 3 . ? -22.906 9.839   0.156   1.00 11.02 ? 25  PNI B H0A    1 
HETATM 837  H  HMA1   . PNI F 3 . ? -23.553 5.918   -1.691  1.00 14.03 ? 25  PNI B HMA1   1 
HETATM 838  H  HMA2   . PNI F 3 . ? -22.754 4.968   -0.733  1.00 14.03 ? 25  PNI B HMA2   1 
HETATM 839  H  HMA3   . PNI F 3 . ? -22.119 5.425   -2.093  1.00 14.03 ? 25  PNI B HMA3   1 
HETATM 840  H  H2B    . PNI F 3 . ? -21.363 10.877  -1.310  1.00 11.77 ? 25  PNI B H2B    1 
HETATM 841  H  H3B    . PNI F 3 . ? -21.209 13.205  -1.980  1.00 12.55 ? 25  PNI B H3B    1 
HETATM 842  H  H7B    . PNI F 3 . ? -18.038 15.911  -1.900  1.00 12.74 ? 25  PNI B H7B    1 
HETATM 843  H  H8B    . PNI F 3 . ? -18.440 17.275  -3.622  1.00 13.18 ? 25  PNI B H8B    1 
HETATM 844  H  H9B    . PNI F 3 . ? -22.332 16.697  -3.185  1.00 12.65 ? 25  PNI B H9B    1 
HETATM 845  H  H0B    . PNI F 3 . ? -21.971 15.516  -1.306  1.00 11.46 ? 25  PNI B H0B    1 
HETATM 846  H  HMB1   . PNI F 3 . ? -20.080 18.189  -5.267  1.00 15.41 ? 25  PNI B HMB1   1 
HETATM 847  H  HMB2   . PNI F 3 . ? -21.391 18.662  -4.549  1.00 15.41 ? 25  PNI B HMB2   1 
HETATM 848  H  HMB3   . PNI F 3 . ? -21.396 17.347  -5.402  1.00 15.41 ? 25  PNI B HMB3   1 
HETATM 849  H  H2C    . PNI F 3 . ? -18.441 17.221  0.054   1.00 12.93 ? 25  PNI B H2C    1 
HETATM 850  H  H3C    . PNI F 3 . ? -16.748 17.499  1.807   1.00 14.04 ? 25  PNI B H3C    1 
HETATM 851  H  H7C    . PNI F 3 . ? -16.797 17.868  4.333   1.00 16.79 ? 25  PNI B H7C    1 
HETATM 852  H  H8C    . PNI F 3 . ? -14.991 19.317  4.925   1.00 16.87 ? 25  PNI B H8C    1 
HETATM 853  H  H9C    . PNI F 3 . ? -12.524 16.249  4.708   1.00 16.19 ? 25  PNI B H9C    1 
HETATM 854  H  H0C    . PNI F 3 . ? -14.144 14.922  3.988   1.00 12.60 ? 25  PNI B H0C    1 
HETATM 855  H  HMC1   . PNI F 3 . ? -12.739 19.760  5.208   1.00 20.51 ? 25  PNI B HMC1   1 
HETATM 856  H  HMC2   . PNI F 3 . ? -11.846 18.901  4.248   1.00 20.51 ? 25  PNI B HMC2   1 
HETATM 857  H  HMC3   . PNI F 3 . ? -11.927 18.542  5.772   1.00 20.51 ? 25  PNI B HMC3   1 
HETATM 858  H  H2D    . PNI F 3 . ? -16.087 14.757  6.342   1.00 13.89 ? 25  PNI B H2D    1 
HETATM 859  H  H3D    . PNI F 3 . ? -17.597 13.285  7.479   1.00 12.69 ? 25  PNI B H3D    1 
HETATM 860  H  H7D    . PNI F 3 . ? -21.602 11.740  6.976   1.00 14.09 ? 25  PNI B H7D    1 
HETATM 861  H  H8D    . PNI F 3 . ? -21.974 11.468  9.213   1.00 16.36 ? 25  PNI B H8D    1 
HETATM 862  H  H9D    . PNI F 3 . ? -18.605 10.435  10.079  1.00 16.61 ? 25  PNI B H9D    1 
HETATM 863  H  H0D    . PNI F 3 . ? -17.695 10.874  7.777   1.00 15.54 ? 25  PNI B H0D    1 
HETATM 864  H  HMD1   . PNI F 3 . ? -21.450 10.654  11.431  1.00 22.69 ? 25  PNI B HMD1   1 
HETATM 865  H  HMD2   . PNI F 3 . ? -20.015 11.235  11.678  1.00 22.69 ? 25  PNI B HMD2   1 
HETATM 866  H  HMD3   . PNI F 3 . ? -20.208 9.697   11.442  1.00 22.69 ? 25  PNI B HMD3   1 
HETATM 867  MG MG     . MG  G 2 . ? 1.918   -10.015 -12.159 1.00 10.90 ? 28  MG  C MG     1 
HETATM 868  NI NI     . PNI H 3 . ? 18.137  -13.328 -4.180  1.00 8.23  ? 26  PNI D NI     1 
HETATM 869  N  NA     . PNI H 3 . ? 17.572  -14.270 -5.765  1.00 7.83  ? 26  PNI D NA     1 
HETATM 870  C  C1A    . PNI H 3 . ? 17.298  -15.598 -5.893  1.00 9.10  ? 26  PNI D C1A    1 
HETATM 871  C  C2A    . PNI H 3 . ? 16.830  -15.941 -7.246  1.00 9.50  ? 26  PNI D C2A    1 
HETATM 872  C  C3A    . PNI H 3 . ? 16.816  -14.722 -7.908  1.00 9.17  ? 26  PNI D C3A    1 
HETATM 873  C  C4A    . PNI H 3 . ? 17.269  -13.707 -7.067  1.00 8.75  ? 26  PNI D C4A    1 
HETATM 874  C  C5A    . PNI H 3 . ? 17.526  -12.455 -7.359  1.00 8.83  ? 26  PNI D C5A    1 
HETATM 875  C  C6A    . PNI H 3 . ? 17.180  -11.991 -8.768  1.00 7.83  ? 26  PNI D C6A    1 
HETATM 876  C  C7A    . PNI H 3 . ? 17.641  -12.699 -9.908  1.00 8.79  ? 26  PNI D C7A    1 
HETATM 877  C  C8A    . PNI H 3 . ? 17.214  -12.362 -11.143 1.00 9.49  ? 26  PNI D C8A    1 
HETATM 878  N  NPA    . PNI H 3 . ? 16.315  -11.373 -11.330 1.00 8.69  ? 26  PNI D NPA    1 
HETATM 879  C  C9A    . PNI H 3 . ? 15.869  -10.653 -10.257 1.00 9.41  ? 26  PNI D C9A    1 
HETATM 880  C  C0A    . PNI H 3 . ? 16.246  -10.929 -8.966  1.00 7.94  ? 26  PNI D C0A    1 
HETATM 881  C  CMA    . PNI H 3 . ? 15.960  -10.981 -12.675 1.00 11.29 ? 26  PNI D CMA    1 
HETATM 882  N  NB     . PNI H 3 . ? 18.627  -11.815 -5.267  1.00 8.26  ? 26  PNI D NB     1 
HETATM 883  C  C1B    . PNI H 3 . ? 18.225  -11.525 -6.535  1.00 9.14  ? 26  PNI D C1B    1 
HETATM 884  C  C2B    . PNI H 3 . ? 18.800  -10.303 -6.971  1.00 9.34  ? 26  PNI D C2B    1 
HETATM 885  C  C3B    . PNI H 3 . ? 19.685  -9.940  -6.004  1.00 9.07  ? 26  PNI D C3B    1 
HETATM 886  C  C4B    . PNI H 3 . ? 19.518  -10.833 -4.920  1.00 8.69  ? 26  PNI D C4B    1 
HETATM 887  C  C5B    . PNI H 3 . ? 20.051  -10.652 -3.647  1.00 9.19  ? 26  PNI D C5B    1 
HETATM 888  C  C6B    . PNI H 3 . ? 21.151  -9.689  -3.518  1.00 10.08 ? 26  PNI D C6B    1 
HETATM 889  C  C7B    . PNI H 3 . ? 22.344  -9.824  -4.118  1.00 10.03 ? 26  PNI D C7B    1 
HETATM 890  C  C8B    . PNI H 3 . ? 23.455  -8.988  -3.989  1.00 14.19 ? 26  PNI D C8B    1 
HETATM 891  N  NPB    . PNI H 3 . ? 23.167  -7.905  -3.073  1.00 13.46 ? 26  PNI D NPB    1 
HETATM 892  C  C9B    . PNI H 3 . ? 22.163  -7.731  -2.446  1.00 12.92 ? 26  PNI D C9B    1 
HETATM 893  C  C0B    . PNI H 3 . ? 20.989  -8.600  -2.605  1.00 10.87 ? 26  PNI D C0B    1 
HETATM 894  C  CMB    . PNI H 3 . ? 24.387  -7.127  -2.748  1.00 18.32 ? 26  PNI D CMB    1 
HETATM 895  N  NC     . PNI H 3 . ? 18.759  -12.414 -2.543  1.00 9.59  ? 26  PNI D NC     1 
HETATM 896  C  C1C    . PNI H 3 . ? 19.623  -11.320 -2.605  1.00 9.67  ? 26  PNI D C1C    1 
HETATM 897  C  C2C    . PNI H 3 . ? 19.914  -11.042 -1.136  1.00 10.12 ? 26  PNI D C2C    1 
HETATM 898  C  C3C    . PNI H 3 . ? 19.185  -11.820 -0.318  1.00 10.74 ? 26  PNI D C3C    1 
HETATM 899  C  C4C    . PNI H 3 . ? 18.475  -12.808 -1.295  1.00 9.43  ? 26  PNI D C4C    1 
HETATM 900  C  C5C    . PNI H 3 . ? 17.916  -13.873 -0.833  1.00 9.29  ? 26  PNI D C5C    1 
HETATM 901  C  C6C    . PNI H 3 . ? 17.614  -14.012 0.625   1.00 9.79  ? 26  PNI D C6C    1 
HETATM 902  C  C7C    . PNI H 3 . ? 16.733  -13.344 1.298   1.00 9.77  ? 26  PNI D C7C    1 
HETATM 903  C  C8C    . PNI H 3 . ? 16.480  -13.520 2.569   1.00 12.36 ? 26  PNI D C8C    1 
HETATM 904  N  NPC    . PNI H 3 . ? 17.143  -14.499 3.319   1.00 11.02 ? 26  PNI D NPC    1 
HETATM 905  C  C9C    . PNI H 3 . ? 18.055  -15.156 2.832   1.00 11.64 ? 26  PNI D C9C    1 
HETATM 906  C  C0C    . PNI H 3 . ? 18.458  -14.916 1.296   1.00 12.94 ? 26  PNI D C0C    1 
HETATM 907  C  CMC    . PNI H 3 . ? 16.805  -14.663 4.767   1.00 16.82 ? 26  PNI D CMC    1 
HETATM 908  N  ND     . PNI H 3 . ? 17.679  -14.857 -3.101  1.00 8.95  ? 26  PNI D ND     1 
HETATM 909  C  C1D    . PNI H 3 . ? 17.654  -14.948 -1.650  1.00 9.48  ? 26  PNI D C1D    1 
HETATM 910  C  C2D    . PNI H 3 . ? 17.331  -16.313 -1.299  1.00 10.36 ? 26  PNI D C2D    1 
HETATM 911  C  C3D    . PNI H 3 . ? 17.265  -17.008 -2.414  1.00 9.50  ? 26  PNI D C3D    1 
HETATM 912  C  C4D    . PNI H 3 . ? 17.410  -16.105 -3.539  1.00 8.92  ? 26  PNI D C4D    1 
HETATM 913  C  C5D    . PNI H 3 . ? 17.257  -16.528 -4.840  1.00 8.14  ? 26  PNI D C5D    1 
HETATM 914  C  C6D    . PNI H 3 . ? 16.857  -17.948 -5.092  1.00 8.48  ? 26  PNI D C6D    1 
HETATM 915  C  C7D    . PNI H 3 . ? 15.696  -18.467 -4.460  1.00 9.71  ? 26  PNI D C7D    1 
HETATM 916  C  C8D    . PNI H 3 . ? 15.337  -19.703 -4.720  1.00 10.33 ? 26  PNI D C8D    1 
HETATM 917  C  C9D    . PNI H 3 . ? 17.045  -19.984 -6.272  1.00 9.80  ? 26  PNI D C9D    1 
HETATM 918  C  C0D    . PNI H 3 . ? 17.465  -18.658 -6.055  1.00 9.56  ? 26  PNI D C0D    1 
HETATM 919  C  CMD    . PNI H 3 . ? 15.588  -21.889 -5.838  1.00 11.44 ? 26  PNI D CMD    1 
HETATM 920  N  NPD    . PNI H 3 . ? 16.045  -20.475 -5.620  1.00 9.77  ? 26  PNI D NPD    1 
HETATM 921  H  H2A    . PNI H 3 . ? 16.598  -16.778 -7.577  1.00 12.36 ? 26  PNI D H2A    1 
HETATM 922  H  H3A    . PNI H 3 . ? 16.545  -14.600 -8.789  1.00 11.91 ? 26  PNI D H3A    1 
HETATM 923  H  H7A    . PNI H 3 . ? 18.242  -13.401 -9.804  1.00 11.43 ? 26  PNI D H7A    1 
HETATM 924  H  H8A    . PNI H 3 . ? 17.548  -12.820 -11.880 1.00 12.34 ? 26  PNI D H8A    1 
HETATM 925  H  H9A    . PNI H 3 . ? 15.284  -9.946  -10.408 1.00 12.23 ? 26  PNI D H9A    1 
HETATM 926  H  H0A    . PNI H 3 . ? 15.906  -10.444 -8.249  1.00 10.32 ? 26  PNI D H0A    1 
HETATM 927  H  HMA1   . PNI H 3 . ? 16.397  -11.561 -13.303 1.00 14.67 ? 26  PNI D HMA1   1 
HETATM 928  H  HMA2   . PNI H 3 . ? 16.238  -10.075 -12.828 1.00 14.67 ? 26  PNI D HMA2   1 
HETATM 929  H  HMA3   . PNI H 3 . ? 15.009  -11.047 -12.788 1.00 14.67 ? 26  PNI D HMA3   1 
HETATM 930  H  H2B    . PNI H 3 . ? 18.610  -9.845  -7.757  1.00 12.14 ? 26  PNI D H2B    1 
HETATM 931  H  H3B    . PNI H 3 . ? 20.289  -9.233  -6.048  1.00 11.79 ? 26  PNI D H3B    1 
HETATM 932  H  H7B    . PNI H 3 . ? 22.442  -10.555 -4.683  1.00 13.04 ? 26  PNI D H7B    1 
HETATM 933  H  H8B    . PNI H 3 . ? 24.265  -9.109  -4.429  1.00 18.44 ? 26  PNI D H8B    1 
HETATM 934  H  H9B    . PNI H 3 . ? 22.124  -7.026  -1.841  1.00 16.80 ? 26  PNI D H9B    1 
HETATM 935  H  H0B    . PNI H 3 . ? 20.196  -8.451  -2.145  1.00 14.14 ? 26  PNI D H0B    1 
HETATM 936  H  HMB1   . PNI H 3 . ? 25.131  -7.475  -3.245  1.00 23.81 ? 26  PNI D HMB1   1 
HETATM 937  H  HMB2   . PNI H 3 . ? 24.569  -7.194  -1.809  1.00 23.81 ? 26  PNI D HMB2   1 
HETATM 938  H  HMB3   . PNI H 3 . ? 24.251  -6.205  -2.983  1.00 23.81 ? 26  PNI D HMB3   1 
HETATM 939  H  H2C    . PNI H 3 . ? 20.526  -10.407 -0.839  1.00 13.16 ? 26  PNI D H2C    1 
HETATM 940  H  H3C    . PNI H 3 . ? 19.118  -11.780 0.609   1.00 13.97 ? 26  PNI D H3C    1 
HETATM 941  H  H7C    . PNI H 3 . ? 16.247  -12.692 0.847   1.00 12.70 ? 26  PNI D H7C    1 
HETATM 942  H  H8C    . PNI H 3 . ? 15.843  -12.984 2.983   1.00 16.06 ? 26  PNI D H8C    1 
HETATM 943  H  H9C    . PNI H 3 . ? 18.509  -15.785 3.345   1.00 15.14 ? 26  PNI D H9C    1 
HETATM 944  H  H0C    . PNI H 3 . ? 19.181  -15.335 0.887   1.00 16.82 ? 26  PNI D H0C    1 
HETATM 945  H  HMC1   . PNI H 3 . ? 17.384  -15.320 5.159   1.00 21.86 ? 26  PNI D HMC1   1 
HETATM 946  H  HMC2   . PNI H 3 . ? 15.892  -14.948 4.852   1.00 21.86 ? 26  PNI D HMC2   1 
HETATM 947  H  HMC3   . PNI H 3 . ? 16.920  -13.823 5.219   1.00 21.86 ? 26  PNI D HMC3   1 
HETATM 948  H  H2D    . PNI H 3 . ? 17.195  -16.641 -0.440  1.00 13.47 ? 26  PNI D H2D    1 
HETATM 949  H  H3D    . PNI H 3 . ? 17.145  -17.929 -2.472  1.00 12.35 ? 26  PNI D H3D    1 
HETATM 950  H  H7D    . PNI H 3 . ? 15.200  -17.944 -3.873  1.00 12.62 ? 26  PNI D H7D    1 
HETATM 951  H  H8D    . PNI H 3 . ? 14.594  -20.065 -4.293  1.00 13.44 ? 26  PNI D H8D    1 
HETATM 952  H  H9D    . PNI H 3 . ? 17.492  -20.512 -6.893  1.00 12.74 ? 26  PNI D H9D    1 
HETATM 953  H  H0D    . PNI H 3 . ? 18.199  -18.256 -6.603  1.00 12.42 ? 26  PNI D H0D    1 
HETATM 954  H  HMD1   . PNI H 3 . ? 14.800  -22.055 -5.316  1.00 14.87 ? 26  PNI D HMD1   1 
HETATM 955  H  HMD2   . PNI H 3 . ? 16.283  -22.496 -5.570  1.00 14.87 ? 26  PNI D HMD2   1 
HETATM 956  H  HMD3   . PNI H 3 . ? 15.390  -22.022 -6.768  1.00 14.87 ? 26  PNI D HMD3   1 
HETATM 957  O  O      . HOH I 4 . ? -2.234  7.801   -1.266  1.00 10.71 ? 506 HOH A O      1 
HETATM 958  O  O      . HOH I 4 . ? -16.707 2.051   0.189   1.00 10.57 ? 507 HOH A O      1 
HETATM 959  O  O      . HOH I 4 . ? -1.956  -1.398  -3.826  1.00 13.73 ? 511 HOH A O      1 
HETATM 960  O  O      . HOH I 4 . ? 1.031   4.688   3.180   1.00 10.81 ? 518 HOH A O      1 
HETATM 961  O  O      . HOH I 4 . ? -9.746  2.987   -5.959  1.00 11.01 ? 521 HOH A O      1 
HETATM 962  O  O      . HOH I 4 . ? -13.066 0.626   -6.204  1.00 14.68 ? 522 HOH A O      1 
HETATM 963  O  O      . HOH I 4 . ? -9.234  -1.200  -10.652 1.00 11.89 ? 524 HOH A O      1 
HETATM 964  O  O      . HOH I 4 . ? -12.408 -4.062  -4.370  1.00 12.95 ? 529 HOH A O      1 
HETATM 965  O  O      . HOH I 4 . ? -0.034  6.514   -4.607  1.00 13.00 ? 530 HOH A O      1 
HETATM 966  O  O      . HOH I 4 . ? -12.454 3.397   -5.848  1.00 10.63 ? 535 HOH A O      1 
HETATM 967  O  O      . HOH I 4 . ? -6.295  8.166   -2.184  1.00 16.52 ? 538 HOH A O      1 
HETATM 968  O  O      . HOH I 4 . ? -4.389  9.390   -0.740  1.00 10.86 ? 544 HOH A O      1 
HETATM 969  O  O      . HOH I 4 . ? -13.230 5.917   8.615   1.00 15.71 ? 548 HOH A O      1 
HETATM 970  O  O      . HOH I 4 . ? -19.320 2.678   3.282   1.00 15.59 ? 549 HOH A O      1 
HETATM 971  O  O      . HOH I 4 . ? -7.703  0.794   -9.398  1.00 14.75 ? 552 HOH A O      1 
HETATM 972  O  O      . HOH I 4 . ? -8.078  4.690   -7.273  1.00 14.38 ? 557 HOH A O      1 
HETATM 973  O  O      . HOH I 4 . ? -6.841  -2.953  -8.130  1.00 17.25 ? 569 HOH A O      1 
HETATM 974  O  O      . HOH I 4 . ? -19.330 -3.030  2.943   1.00 21.96 ? 570 HOH A O      1 
HETATM 975  O  O      . HOH I 4 . ? -11.187 5.400   -9.664  1.00 19.72 ? 571 HOH A O      1 
HETATM 976  O  O      . HOH I 4 . ? -18.306 -2.140  6.630   1.00 19.10 ? 577 HOH A O      1 
HETATM 977  O  O      . HOH I 4 . ? -17.719 -1.013  8.928   1.00 19.82 ? 579 HOH A O      1 
HETATM 978  O  O      . HOH I 4 . ? -14.390 11.948  7.607   1.00 21.78 ? 581 HOH A O      1 
HETATM 979  O  O      . HOH I 4 . ? -18.331 -2.351  11.154  1.00 13.46 ? 583 HOH A O      1 
HETATM 980  O  O      . HOH I 4 . ? -22.114 1.806   1.932   1.00 26.76 ? 592 HOH A O      1 
HETATM 981  O  O      . HOH I 4 . ? -12.683 -6.931  -4.559  1.00 19.52 ? 595 HOH A O      1 
HETATM 982  O  O      . HOH I 4 . ? 1.069   2.573   -9.717  1.00 25.74 ? 604 HOH A O      1 
HETATM 983  O  O      . HOH I 4 . ? -9.542  -4.366  -5.072  1.00 19.72 ? 607 HOH A O      1 
HETATM 984  O  O      . HOH I 4 . ? 0.146   -0.925  -5.823  1.00 19.73 ? 608 HOH A O      1 
HETATM 985  O  O      . HOH I 4 . ? -5.485  4.813   -6.211  1.00 23.80 ? 611 HOH A O      1 
HETATM 986  O  O      . HOH I 4 . ? -20.265 3.992   7.577   1.00 27.42 ? 612 HOH A O      1 
HETATM 987  O  O      . HOH I 4 . ? -0.120  -0.462  -8.125  1.00 21.83 ? 614 HOH A O      1 
HETATM 988  O  O      . HOH I 4 . ? -20.100 -4.099  10.135  1.00 16.29 ? 621 HOH A O      1 
HETATM 989  O  O      . HOH I 4 . ? -15.906 13.196  9.987   1.00 30.88 ? 624 HOH A O      1 
HETATM 990  O  O      . HOH I 4 . ? -7.523  3.910   -9.778  1.00 20.85 ? 626 HOH A O      1 
HETATM 991  O  O      . HOH I 4 . ? -5.593  8.014   -4.648  1.00 25.27 ? 629 HOH A O      1 
HETATM 992  O  O      . HOH I 4 . ? -18.660 -5.054  7.753   1.00 24.39 ? 632 HOH A O      1 
HETATM 993  O  O      . HOH I 4 . ? -20.096 1.782   5.545   1.00 30.01 ? 634 HOH A O      1 
HETATM 994  O  O      . HOH I 4 . ? -12.898 5.087   -11.163 1.00 30.23 ? 635 HOH A O      1 
HETATM 995  O  O      . HOH I 4 . ? -13.484 8.510   9.201   1.00 29.76 ? 636 HOH A O      1 
HETATM 996  O  O      . HOH I 4 . ? -5.474  -0.697  -9.211  1.00 20.51 ? 637 HOH A O      1 
HETATM 997  O  O      . HOH I 4 . ? -0.327  5.170   -9.073  1.00 22.14 ? 638 HOH A O      1 
HETATM 998  O  O      . HOH I 4 . ? -10.625 -3.614  -0.706  1.00 31.16 ? 646 HOH A O      1 
HETATM 999  O  O      . HOH I 4 . ? 1.871   2.266   -12.393 1.00 28.08 ? 649 HOH A O      1 
HETATM 1000 O  O      . HOH I 4 . ? -15.335 9.839   8.558   1.00 22.12 ? 655 HOH A O      1 
HETATM 1001 O  O      . HOH I 4 . ? -13.798 5.216   11.153  1.00 27.04 ? 659 HOH A O      1 
HETATM 1002 O  O      . HOH I 4 . ? -2.736  -1.942  -8.490  1.00 27.36 ? 660 HOH A O      1 
HETATM 1003 O  O      . HOH I 4 . ? -16.229 1.433   15.576  1.00 35.01 ? 662 HOH A O      1 
HETATM 1004 O  O      . HOH I 4 . ? -2.741  8.726   -7.556  1.00 23.58 ? 663 HOH A O      1 
HETATM 1005 O  O      . HOH I 4 . ? 4.992   1.626   -13.224 1.00 26.30 ? 667 HOH A O      1 
HETATM 1006 O  O      . HOH I 4 . ? -20.341 -4.598  4.514   1.00 28.04 ? 669 HOH A O      1 
HETATM 1007 O  O      . HOH I 4 . ? -17.991 2.426   13.432  1.00 41.86 ? 673 HOH A O      1 
HETATM 1008 O  O      . HOH I 4 . ? -20.595 -0.569  6.637   1.00 31.75 ? 690 HOH A O      1 
HETATM 1009 O  O      . HOH I 4 . ? -21.203 -2.573  1.869   1.00 36.59 ? 691 HOH A O      1 
HETATM 1010 O  O      . HOH I 4 . ? -20.448 0.492   8.519   1.00 47.54 ? 696 HOH A O      1 
HETATM 1011 O  O      . HOH I 4 . ? -0.789  6.809   -7.136  1.00 50.00 ? 701 HOH A O      1 
HETATM 1012 O  O      . HOH I 4 . ? -11.510 0.172   -11.384 1.00 11.40 ? 703 HOH A O      1 
HETATM 1013 O  O      . HOH I 4 . ? -13.337 2.693   -8.735  1.00 12.20 ? 704 HOH A O      1 
HETATM 1014 O  O      . HOH I 4 . ? -14.014 0.111   -9.879  1.00 9.59  ? 705 HOH A O      1 
HETATM 1015 O  O      . HOH I 4 . ? -10.819 2.742   -10.316 1.00 13.21 ? 706 HOH A O      1 
HETATM 1016 O  O      . HOH I 4 . ? -13.483 2.407   -11.643 1.00 12.16 ? 707 HOH A O      1 
HETATM 1017 O  O      . HOH I 4 . ? -11.611 0.434   -8.386  1.00 9.99  ? 708 HOH A O      1 
HETATM 1018 O  O      . HOH J 4 . ? -6.426  -0.849  4.393   1.00 8.38  ? 501 HOH B O      1 
HETATM 1019 O  O      . HOH J 4 . ? -4.048  11.859  2.926   1.00 11.08 ? 502 HOH B O      1 
HETATM 1020 O  O      . HOH J 4 . ? -1.152  -5.365  7.364   1.00 9.44  ? 508 HOH B O      1 
HETATM 1021 O  O      . HOH J 4 . ? -7.633  -6.048  2.278   1.00 10.91 ? 510 HOH B O      1 
HETATM 1022 O  O      . HOH J 4 . ? 0.442   -0.458  6.507   1.00 11.64 ? 515 HOH B O      1 
HETATM 1023 O  O      . HOH J 4 . ? 0.719   2.390   4.696   1.00 10.79 ? 517 HOH B O      1 
HETATM 1024 O  O      . HOH J 4 . ? -4.134  -2.071  12.248  1.00 12.00 ? 527 HOH B O      1 
HETATM 1025 O  O      . HOH J 4 . ? -4.305  9.185   2.034   1.00 9.68  ? 528 HOH B O      1 
HETATM 1026 O  O      . HOH J 4 . ? -8.452  10.089  -2.390  1.00 13.39 ? 536 HOH B O      1 
HETATM 1027 O  O      . HOH J 4 . ? -5.940  15.106  0.716   1.00 14.44 ? 540 HOH B O      1 
HETATM 1028 O  O      . HOH J 4 . ? -10.859 13.797  -3.127  1.00 13.09 ? 541 HOH B O      1 
HETATM 1029 O  O      . HOH J 4 . ? -0.525  -2.653  10.470  1.00 14.62 ? 545 HOH B O      1 
HETATM 1030 O  O      . HOH J 4 . ? -1.693  -0.836  12.206  1.00 20.81 ? 556 HOH B O      1 
HETATM 1031 O  O      . HOH J 4 . ? -16.404 20.036  1.779   1.00 20.59 ? 558 HOH B O      1 
HETATM 1032 O  O      . HOH J 4 . ? 0.813   1.997   7.448   1.00 15.28 ? 563 HOH B O      1 
HETATM 1033 O  O      . HOH J 4 . ? -7.238  14.452  -1.387  1.00 14.57 ? 566 HOH B O      1 
HETATM 1034 O  O      . HOH J 4 . ? -4.240  15.465  7.079   1.00 16.27 ? 567 HOH B O      1 
HETATM 1035 O  O      . HOH J 4 . ? -6.935  12.446  -3.064  1.00 30.55 ? 573 HOH B O      1 
HETATM 1036 O  O      . HOH J 4 . ? 1.305   -2.426  8.290   1.00 13.87 ? 575 HOH B O      1 
HETATM 1037 O  O      . HOH J 4 . ? -5.790  9.557   12.654  1.00 17.79 ? 580 HOH B O      1 
HETATM 1038 O  O      . HOH J 4 . ? -5.420  7.166   13.734  1.00 13.26 ? 582 HOH B O      1 
HETATM 1039 O  O      . HOH J 4 . ? -0.876  3.469   9.117   1.00 22.07 ? 586 HOH B O      1 
HETATM 1040 O  O      . HOH J 4 . ? -3.296  5.852   12.908  1.00 23.09 ? 589 HOH B O      1 
HETATM 1041 O  O      . HOH J 4 . ? -11.362 11.807  7.502   1.00 19.38 ? 590 HOH B O      1 
HETATM 1042 O  O      . HOH J 4 . ? 1.036   -3.442  12.598  1.00 22.02 ? 591 HOH B O      1 
HETATM 1043 O  O      . HOH J 4 . ? -0.679  9.910   8.304   1.00 18.67 ? 599 HOH B O      1 
HETATM 1044 O  O      . HOH J 4 . ? -9.905  13.996  8.219   1.00 18.27 ? 601 HOH B O      1 
HETATM 1045 O  O      . HOH J 4 . ? -3.366  14.995  0.024   1.00 23.86 ? 602 HOH B O      1 
HETATM 1046 O  O      . HOH J 4 . ? -1.628  -0.949  14.061  1.00 54.10 ? 606 HOH B O      1 
HETATM 1047 O  O      . HOH J 4 . ? -13.717 20.502  2.188   1.00 26.81 ? 609 HOH B O      1 
HETATM 1048 O  O      . HOH J 4 . ? -6.409  17.625  1.195   1.00 19.35 ? 619 HOH B O      1 
HETATM 1049 O  O      . HOH J 4 . ? -7.880  5.883   13.521  1.00 17.56 ? 622 HOH B O      1 
HETATM 1050 O  O      . HOH J 4 . ? -12.567 17.442  -3.820  1.00 20.96 ? 630 HOH B O      1 
HETATM 1051 O  O      . HOH J 4 . ? -9.075  14.395  -4.603  1.00 28.88 ? 640 HOH B O      1 
HETATM 1052 O  O      . HOH J 4 . ? -9.440  6.721   11.327  1.00 15.76 ? 642 HOH B O      1 
HETATM 1053 O  O      . HOH J 4 . ? -1.951  6.266   8.951   1.00 24.32 ? 643 HOH B O      1 
HETATM 1054 O  O      . HOH J 4 . ? -1.756  2.071   11.633  1.00 20.21 ? 644 HOH B O      1 
HETATM 1055 O  O      . HOH J 4 . ? 3.845   2.207   5.627   1.00 38.14 ? 650 HOH B O      1 
HETATM 1056 O  O      . HOH J 4 . ? 3.047   -1.790  13.716  1.00 37.78 ? 651 HOH B O      1 
HETATM 1057 O  O      . HOH J 4 . ? -20.920 11.710  14.461  1.00 40.00 ? 653 HOH B O      1 
HETATM 1058 O  O      . HOH J 4 . ? -5.988  17.468  4.036   1.00 26.25 ? 658 HOH B O      1 
HETATM 1059 O  O      . HOH J 4 . ? -11.226 10.174  9.602   1.00 28.63 ? 671 HOH B O      1 
HETATM 1060 O  O      . HOH J 4 . ? -11.239 18.925  -2.204  1.00 37.09 ? 676 HOH B O      1 
HETATM 1061 O  O      . HOH J 4 . ? -5.579  11.461  -5.330  1.00 29.06 ? 678 HOH B O      1 
HETATM 1062 O  O      . HOH J 4 . ? 1.710   -0.476  16.608  1.00 45.42 ? 679 HOH B O      1 
HETATM 1063 O  O      . HOH J 4 . ? -4.031  11.756  -8.062  1.00 28.20 ? 682 HOH B O      1 
HETATM 1064 O  O      . HOH J 4 . ? 0.634   3.208   12.625  1.00 55.48 ? 684 HOH B O      1 
HETATM 1065 O  O      . HOH J 4 . ? -0.136  0.385   11.378  1.00 42.50 ? 695 HOH B O      1 
HETATM 1066 O  O      . HOH K 4 . ? 11.948  -5.710  -10.058 1.00 10.66 ? 505 HOH C O      1 
HETATM 1067 O  O      . HOH K 4 . ? 2.574   -7.086  2.368   1.00 10.38 ? 509 HOH C O      1 
HETATM 1068 O  O      . HOH K 4 . ? 4.275   -2.436  -12.783 1.00 13.06 ? 519 HOH C O      1 
HETATM 1069 O  O      . HOH K 4 . ? -1.350  -7.474  -11.805 1.00 12.11 ? 520 HOH C O      1 
HETATM 1070 O  O      . HOH K 4 . ? 3.238   -8.098  -7.591  1.00 10.55 ? 523 HOH C O      1 
HETATM 1071 O  O      . HOH K 4 . ? 4.727   -7.274  -11.333 1.00 14.11 ? 526 HOH C O      1 
HETATM 1072 O  O      . HOH K 4 . ? -1.542  -7.375  1.665   1.00 12.95 ? 531 HOH C O      1 
HETATM 1073 O  O      . HOH K 4 . ? 4.848   -8.980  -0.553  1.00 16.08 ? 537 HOH C O      1 
HETATM 1074 O  O      . HOH K 4 . ? 5.315   -9.065  -9.162  1.00 10.84 ? 539 HOH C O      1 
HETATM 1075 O  O      . HOH K 4 . ? 2.532   -1.206  4.859   1.00 10.53 ? 542 HOH C O      1 
HETATM 1076 O  O      . HOH K 4 . ? 4.867   -8.579  2.086   1.00 10.71 ? 543 HOH C O      1 
HETATM 1077 O  O      . HOH K 4 . ? 16.359  -2.955  -1.660  1.00 16.99 ? 546 HOH C O      1 
HETATM 1078 O  O      . HOH K 4 . ? -0.948  -7.930  -9.027  1.00 15.70 ? 550 HOH C O      1 
HETATM 1079 O  O      . HOH K 4 . ? 16.022  -5.015  -10.070 1.00 17.20 ? 553 HOH C O      1 
HETATM 1080 O  O      . HOH K 4 . ? 1.651   -9.673  -6.086  1.00 15.78 ? 560 HOH C O      1 
HETATM 1081 O  O      . HOH K 4 . ? -1.874  -4.031  -10.043 1.00 18.88 ? 564 HOH C O      1 
HETATM 1082 O  O      . HOH K 4 . ? 14.379  -1.098  -13.467 1.00 20.80 ? 565 HOH C O      1 
HETATM 1083 O  O      . HOH K 4 . ? 2.455   -12.389 -8.859  1.00 19.74 ? 572 HOH C O      1 
HETATM 1084 O  O      . HOH K 4 . ? 16.143  0.952   -10.729 1.00 20.99 ? 574 HOH C O      1 
HETATM 1085 O  O      . HOH K 4 . ? 17.774  1.471   -8.518  1.00 22.23 ? 587 HOH C O      1 
HETATM 1086 O  O      . HOH K 4 . ? 18.190  -8.590  0.580   1.00 21.55 ? 593 HOH C O      1 
HETATM 1087 O  O      . HOH K 4 . ? 3.082   -11.580 -4.610  1.00 22.70 ? 596 HOH C O      1 
HETATM 1088 O  O      . HOH K 4 . ? -5.764  -3.983  -4.267  1.00 25.22 ? 598 HOH C O      1 
HETATM 1089 O  O      . HOH K 4 . ? 20.028  -3.873  -7.973  1.00 25.17 ? 600 HOH C O      1 
HETATM 1090 O  O      . HOH K 4 . ? 0.801   -8.582  -3.833  1.00 26.60 ? 610 HOH C O      1 
HETATM 1091 O  O      . HOH K 4 . ? 2.076   -13.953 -11.062 1.00 20.79 ? 615 HOH C O      1 
HETATM 1092 O  O      . HOH K 4 . ? -4.488  -2.201  -3.020  1.00 18.09 ? 620 HOH C O      1 
HETATM 1093 O  O      . HOH K 4 . ? -0.481  -10.359 -7.439  1.00 23.88 ? 623 HOH C O      1 
HETATM 1094 O  O      . HOH K 4 . ? 2.565   -10.281 -1.355  1.00 24.95 ? 625 HOH C O      1 
HETATM 1095 O  O      . HOH K 4 . ? 21.051  -8.507  1.307   1.00 19.22 ? 627 HOH C O      1 
HETATM 1096 O  O      . HOH K 4 . ? 16.378  3.437   -12.165 1.00 25.51 ? 628 HOH C O      1 
HETATM 1097 O  O      . HOH K 4 . ? -2.893  -5.980  -8.424  1.00 25.33 ? 631 HOH C O      1 
HETATM 1098 O  O      . HOH K 4 . ? -4.715  -9.093  -1.482  1.00 19.01 ? 633 HOH C O      1 
HETATM 1099 O  O      . HOH K 4 . ? -1.436  -9.354  -0.521  1.00 29.01 ? 645 HOH C O      1 
HETATM 1100 O  O      . HOH K 4 . ? 18.848  -6.701  -0.628  1.00 24.75 ? 654 HOH C O      1 
HETATM 1101 O  O      . HOH K 4 . ? 15.859  0.915   -14.355 1.00 35.69 ? 656 HOH C O      1 
HETATM 1102 O  O      . HOH K 4 . ? -4.905  -4.695  -6.808  1.00 26.05 ? 657 HOH C O      1 
HETATM 1103 O  O      . HOH K 4 . ? 0.799   -13.045 -4.705  1.00 45.20 ? 664 HOH C O      1 
HETATM 1104 O  O      . HOH K 4 . ? 0.163   -15.027 0.267   1.00 33.63 ? 665 HOH C O      1 
HETATM 1105 O  O      . HOH K 4 . ? 18.630  6.487   -14.529 1.00 26.96 ? 668 HOH C O      1 
HETATM 1106 O  O      . HOH K 4 . ? 16.842  4.040   -15.089 1.00 36.69 ? 674 HOH C O      1 
HETATM 1107 O  O      . HOH K 4 . ? 19.962  -1.401  -10.189 1.00 40.94 ? 677 HOH C O      1 
HETATM 1108 O  O      . HOH K 4 . ? 26.056  -3.961  -1.259  1.00 36.03 ? 686 HOH C O      1 
HETATM 1109 O  O      . HOH K 4 . ? 19.447  -1.303  -13.637 1.00 35.70 ? 687 HOH C O      1 
HETATM 1110 O  O      . HOH K 4 . ? -1.083  -11.599 -0.205  1.00 21.99 ? 688 HOH C O      1 
HETATM 1111 O  O      . HOH K 4 . ? 18.569  -4.879  -10.087 1.00 26.55 ? 689 HOH C O      1 
HETATM 1112 O  O      . HOH K 4 . ? 0.981   -15.123 -2.154  1.00 44.31 ? 692 HOH C O      1 
HETATM 1113 O  O      . HOH K 4 . ? 22.170  1.120   -5.237  1.00 50.00 ? 699 HOH C O      1 
HETATM 1114 O  O      . HOH K 4 . ? 22.105  -0.915  -8.817  1.00 50.00 ? 702 HOH C O      1 
HETATM 1115 O  O      . HOH K 4 . ? 0.075   -9.525  -12.887 1.00 11.35 ? 709 HOH C O      1 
HETATM 1116 O  O      . HOH K 4 . ? 3.764   -10.440 -11.451 1.00 11.68 ? 710 HOH C O      1 
HETATM 1117 O  O      . HOH K 4 . ? 1.867   -11.895 -13.047 1.00 11.10 ? 711 HOH C O      1 
HETATM 1118 O  O      . HOH K 4 . ? 2.210   -8.013  -11.444 1.00 10.31 ? 712 HOH C O      1 
HETATM 1119 O  O      . HOH K 4 . ? 0.924   -10.711 -10.537 1.00 12.88 ? 713 HOH C O      1 
HETATM 1120 O  O      . HOH K 4 . ? 2.758   -9.282  -13.956 1.00 9.41  ? 714 HOH C O      1 
HETATM 1121 O  O      . HOH L 4 . ? 13.648  -13.027 -8.600  1.00 8.43  ? 503 HOH D O      1 
HETATM 1122 O  O      . HOH L 4 . ? 7.722   -8.278  5.409   1.00 11.27 ? 504 HOH D O      1 
HETATM 1123 O  O      . HOH L 4 . ? 4.153   8.367   -0.542  1.00 9.81  ? 512 HOH D O      1 
HETATM 1124 O  O      . HOH L 4 . ? 4.978   4.211   -7.644  1.00 10.88 ? 513 HOH D O      1 
HETATM 1125 O  O      . HOH L 4 . ? 3.158   1.335   3.969   1.00 10.19 ? 514 HOH D O      1 
HETATM 1126 O  O      . HOH L 4 . ? 3.766   4.567   2.966   1.00 11.71 ? 516 HOH D O      1 
HETATM 1127 O  O      . HOH L 4 . ? 6.632   -6.780  3.311   1.00 9.72  ? 525 HOH D O      1 
HETATM 1128 O  O      . HOH L 4 . ? 10.354  7.850   1.591   1.00 11.85 ? 532 HOH D O      1 
HETATM 1129 O  O      . HOH L 4 . ? 8.503   -12.506 5.016   1.00 13.71 ? 533 HOH D O      1 
HETATM 1130 O  O      . HOH L 4 . ? 6.709   -11.148 -1.023  1.00 13.45 ? 534 HOH D O      1 
HETATM 1131 O  O      . HOH L 4 . ? 6.612   8.195   2.871   1.00 14.89 ? 547 HOH D O      1 
HETATM 1132 O  O      . HOH L 4 . ? 4.835   3.177   5.073   1.00 14.07 ? 551 HOH D O      1 
HETATM 1133 O  O      . HOH L 4 . ? 17.700  -18.422 1.410   1.00 23.51 ? 554 HOH D O      1 
HETATM 1134 O  O      . HOH L 4 . ? 11.977  -4.689  9.286   1.00 18.74 ? 555 HOH D O      1 
HETATM 1135 O  O      . HOH L 4 . ? 15.808  -11.097 5.734   1.00 15.86 ? 559 HOH D O      1 
HETATM 1136 O  O      . HOH L 4 . ? 8.959   7.435   3.871   1.00 15.50 ? 561 HOH D O      1 
HETATM 1137 O  O      . HOH L 4 . ? 8.866   -15.027 -0.821  1.00 13.12 ? 562 HOH D O      1 
HETATM 1138 O  O      . HOH L 4 . ? 10.963  -6.926  8.570   1.00 17.49 ? 568 HOH D O      1 
HETATM 1139 O  O      . HOH L 4 . ? 7.787   -13.568 2.795   1.00 15.24 ? 576 HOH D O      1 
HETATM 1140 O  O      . HOH L 4 . ? 3.908   7.245   3.225   1.00 13.68 ? 578 HOH D O      1 
HETATM 1141 O  O      . HOH L 4 . ? 7.506   3.009   5.503   1.00 19.32 ? 584 HOH D O      1 
HETATM 1142 O  O      . HOH L 4 . ? 10.974  -18.605 -0.503  1.00 16.07 ? 585 HOH D O      1 
HETATM 1143 O  O      . HOH L 4 . ? 8.786   -2.729  9.002   1.00 23.73 ? 588 HOH D O      1 
HETATM 1144 O  O      . HOH L 4 . ? 16.016  -8.325  5.085   1.00 22.03 ? 594 HOH D O      1 
HETATM 1145 O  O      . HOH L 4 . ? 12.395  2.372   6.959   1.00 24.99 ? 597 HOH D O      1 
HETATM 1146 O  O      . HOH L 4 . ? 15.960  -7.664  2.318   1.00 24.00 ? 603 HOH D O      1 
HETATM 1147 O  O      . HOH L 4 . ? 14.874  -1.417  7.286   1.00 18.94 ? 605 HOH D O      1 
HETATM 1148 O  O      . HOH L 4 . ? 17.269  -20.530 -0.500  1.00 27.57 ? 613 HOH D O      1 
HETATM 1149 O  O      . HOH L 4 . ? 14.326  -15.414 6.958   1.00 23.85 ? 616 HOH D O      1 
HETATM 1150 O  O      . HOH L 4 . ? 9.729   -14.087 6.212   1.00 28.13 ? 617 HOH D O      1 
HETATM 1151 O  O      . HOH L 4 . ? 8.877   0.005   6.512   1.00 23.99 ? 618 HOH D O      1 
HETATM 1152 O  O      . HOH L 4 . ? 16.848  -5.210  2.487   1.00 27.83 ? 639 HOH D O      1 
HETATM 1153 O  O      . HOH L 4 . ? 13.559  -21.738 -2.490  1.00 16.65 ? 641 HOH D O      1 
HETATM 1154 O  O      . HOH L 4 . ? 9.918   -3.913  11.041  1.00 27.20 ? 647 HOH D O      1 
HETATM 1155 O  O      . HOH L 4 . ? 16.046  -17.586 3.514   1.00 25.06 ? 648 HOH D O      1 
HETATM 1156 O  O      . HOH L 4 . ? 9.604   5.914   8.079   1.00 35.81 ? 652 HOH D O      1 
HETATM 1157 O  O      . HOH L 4 . ? 10.218  9.509   5.144   1.00 29.16 ? 661 HOH D O      1 
HETATM 1158 O  O      . HOH L 4 . ? 18.876  -9.452  -11.014 1.00 33.27 ? 666 HOH D O      1 
HETATM 1159 O  O      . HOH L 4 . ? 20.076  -8.105  -9.253  1.00 58.54 ? 670 HOH D O      1 
HETATM 1160 O  O      . HOH L 4 . ? 15.483  -4.155  4.154   1.00 30.81 ? 672 HOH D O      1 
HETATM 1161 O  O      . HOH L 4 . ? 14.417  -21.653 0.134   1.00 33.17 ? 675 HOH D O      1 
HETATM 1162 O  O      . HOH L 4 . ? 6.744   -15.987 -0.089  1.00 28.36 ? 680 HOH D O      1 
HETATM 1163 O  O      . HOH L 4 . ? 17.062  -7.737  -11.444 1.00 27.81 ? 681 HOH D O      1 
HETATM 1164 O  O      . HOH L 4 . ? 27.956  -6.421  -2.151  1.00 39.76 ? 683 HOH D O      1 
HETATM 1165 O  O      . HOH L 4 . ? 8.827   4.494   5.947   1.00 50.46 ? 685 HOH D O      1 
HETATM 1166 O  O      . HOH L 4 . ? 11.929  5.263   5.792   1.00 37.89 ? 693 HOH D O      1 
HETATM 1167 O  O      . HOH L 4 . ? 18.976  -4.994  4.155   1.00 48.83 ? 694 HOH D O      1 
HETATM 1168 O  O      . HOH L 4 . ? 6.149   -15.691 3.377   1.00 27.83 ? 697 HOH D O      1 
HETATM 1169 O  O      . HOH L 4 . ? 9.349   -17.386 1.847   1.00 45.38 ? 698 HOH D O      1 
HETATM 1170 O  O      . HOH L 4 . ? 9.142   -5.961  12.308  1.00 50.00 ? 700 HOH D O      1 
# 
loop_
_atom_site_anisotrop.id 
_atom_site_anisotrop.type_symbol 
_atom_site_anisotrop.pdbx_label_atom_id 
_atom_site_anisotrop.pdbx_label_alt_id 
_atom_site_anisotrop.pdbx_label_comp_id 
_atom_site_anisotrop.pdbx_label_asym_id 
_atom_site_anisotrop.pdbx_label_seq_id 
_atom_site_anisotrop.pdbx_PDB_ins_code 
_atom_site_anisotrop.U[1][1] 
_atom_site_anisotrop.U[2][2] 
_atom_site_anisotrop.U[3][3] 
_atom_site_anisotrop.U[1][2] 
_atom_site_anisotrop.U[1][3] 
_atom_site_anisotrop.U[2][3] 
_atom_site_anisotrop.pdbx_auth_seq_id 
_atom_site_anisotrop.pdbx_auth_comp_id 
_atom_site_anisotrop.pdbx_auth_asym_id 
_atom_site_anisotrop.pdbx_auth_atom_id 
1   BR BR    . CBR A 1 ? 0.1229 0.0904 0.1431 0.0099  0.0147  0.0095  1  CBR A BR    
17  O  "O3'" . CBR A 1 ? 0.1849 0.3390 0.1063 -0.1070 -0.0191 0.0311  1  CBR A "O3'" 
29  P  P     . DC  A 2 ? 0.1619 0.4988 0.1414 -0.1267 -0.0506 0.0800  2  DC  A P     
30  O  OP1   . DC  A 2 ? 0.2280 0.6135 0.1782 -0.1860 -0.0646 -0.0123 2  DC  A OP1   
31  O  OP2   . DC  A 2 ? 0.2919 0.5304 0.4264 -0.0241 -0.1285 0.3360  2  DC  A OP2   
32  O  "O5'" . DC  A 2 ? 0.1178 0.2976 0.1758 -0.0302 0.0042  0.0118  2  DC  A "O5'" 
37  O  "O3'" . DC  A 2 ? 0.1062 0.1074 0.1230 0.0237  -0.0060 -0.0166 2  DC  A "O3'" 
59  P  P     . DT  A 3 ? 0.0951 0.1111 0.1236 0.0186  -0.0122 -0.0197 3  DT  A P     
60  O  OP1   . DT  A 3 ? 0.1081 0.1032 0.1554 0.0179  -0.0064 -0.0218 3  DT  A OP1   
61  O  OP2   . DT  A 3 ? 0.1169 0.1191 0.1155 0.0188  -0.0008 -0.0128 3  DT  A OP2   
62  O  "O5'" . DT  A 3 ? 0.1094 0.0961 0.1284 0.0088  -0.0005 -0.0158 3  DT  A "O5'" 
67  O  "O3'" . DT  A 3 ? 0.1237 0.1028 0.1292 -0.0089 -0.0091 -0.0132 3  DT  A "O3'" 
91  P  P     . DA  A 4 ? 0.0969 0.1048 0.1285 0.0049  -0.0122 -0.0070 4  DA  A P     
92  O  OP1   . DA  A 4 ? 0.1450 0.1109 0.1719 0.0228  0.0029  -0.0077 4  DA  A OP1   
93  O  OP2   . DA  A 4 ? 0.1087 0.2478 0.1449 0.0200  -0.0288 -0.0402 4  DA  A OP2   
94  O  "O5'" . DA  A 4 ? 0.0929 0.1112 0.1253 0.0040  -0.0111 -0.0047 4  DA  A "O5'" 
99  O  "O3'" . DA  A 4 ? 0.1036 0.1142 0.1339 -0.0036 -0.0096 0.0244  4  DA  A "O3'" 
123 P  P     . DG  A 5 ? 0.0944 0.1079 0.1288 0.0094  -0.0003 0.0171  5  DG  A P     
124 O  OP1   . DG  A 5 ? 0.1439 0.1368 0.1574 -0.0095 -0.0002 0.0312  5  DG  A OP1   
125 O  OP2   . DG  A 5 ? 0.1088 0.1220 0.1381 0.0193  -0.0276 0.0213  5  DG  A OP2   
126 O  "O5'" . DG  A 5 ? 0.1253 0.1084 0.1280 0.0253  -0.0350 0.0024  5  DG  A "O5'" 
131 O  "O3'" . DG  A 5 ? 0.1512 0.1697 0.1073 0.0613  -0.0014 0.0177  5  DG  A "O3'" 
156 P  P     . DG  A 6 ? 0.2051 0.1361 0.1376 0.0570  0.0273  0.0386  6  DG  A P     
157 O  OP1   . DG  A 6 ? 0.3718 0.2194 0.1844 0.1806  0.0846  0.1135  6  DG  A OP1   
158 O  OP2   . DG  A 6 ? 0.2244 0.1597 0.1786 0.0171  0.0379  0.0282  6  DG  A OP2   
159 O  "O5'" . DG  A 6 ? 0.2033 0.1858 0.1210 0.0757  0.0317  0.0535  6  DG  A "O5'" 
190 BR BR    . CBR B 1 ? 0.1364 0.1286 0.1054 0.0626  -0.0223 -0.0138 7  CBR B BR    
207 O  "O3'" A CBR B 1 ? 0.1222 0.2637 0.1444 -0.0171 -0.0262 -0.0100 7  CBR B "O3'" 
208 O  "O3'" B CBR B 1 ? 0.0901 0.3474 0.1158 -0.0417 0.0098  0.0640  7  CBR B "O3'" 
221 P  P     A DC  B 2 ? 0.1286 0.1877 0.2191 0.0251  -0.0389 0.0246  8  DC  B P     
222 P  P     B DC  B 2 ? 0.1146 0.1357 0.1295 -0.0016 0.0036  0.0186  8  DC  B P     
223 O  OP1   A DC  B 2 ? 0.2038 0.0618 0.2638 0.0192  0.0546  0.0560  8  DC  B OP1   
224 O  OP1   B DC  B 2 ? 0.1508 0.1155 0.1759 0.0770  0.0068  0.0260  8  DC  B OP1   
225 O  OP2   A DC  B 2 ? 0.0606 0.1866 0.1638 0.0213  -0.0196 -0.0457 8  DC  B OP2   
226 O  OP2   B DC  B 2 ? 0.2075 0.0837 0.2031 0.0594  0.0616  0.0580  8  DC  B OP2   
227 O  "O5'" A DC  B 2 ? 0.1138 0.1126 0.2339 0.0126  0.0307  -0.0144 8  DC  B "O5'" 
228 O  "O5'" B DC  B 2 ? 0.1669 0.0927 0.1272 0.0482  0.0134  -0.0084 8  DC  B "O5'" 
234 O  "O3'" . DC  B 2 ? 0.1230 0.1159 0.2347 0.0012  -0.0226 -0.0358 8  DC  B "O3'" 
258 P  P     . DT  B 3 ? 0.1057 0.1294 0.1915 0.0012  -0.0159 0.0143  9  DT  B P     
259 O  OP1   . DT  B 3 ? 0.1717 0.1127 0.2699 -0.0132 -0.0205 0.0127  9  DT  B OP1   
260 O  OP2   . DT  B 3 ? 0.1162 0.2165 0.1843 0.0249  0.0301  0.0229  9  DT  B OP2   
261 O  "O5'" . DT  B 3 ? 0.1113 0.1363 0.2359 0.0274  -0.0076 -0.0278 9  DT  B "O5'" 
266 O  "O3'" . DT  B 3 ? 0.1629 0.0926 0.2019 -0.0228 -0.0725 0.0318  9  DT  B "O3'" 
290 P  P     . DA  B 4 ? 0.1687 0.0833 0.1704 0.0006  -0.0748 0.0046  10 DA  B P     
291 O  OP1   . DA  B 4 ? 0.2062 0.0942 0.2361 0.0306  -0.1034 -0.0009 10 DA  B OP1   
292 O  OP2   . DA  B 4 ? 0.1314 0.1684 0.1975 -0.0193 -0.0418 0.0562  10 DA  B OP2   
293 O  "O5'" . DA  B 4 ? 0.1271 0.0901 0.1501 0.0253  -0.0340 -0.0083 10 DA  B "O5'" 
298 O  "O3'" . DA  B 4 ? 0.1488 0.1048 0.1317 0.0220  0.0285  -0.0164 10 DA  B "O3'" 
322 P  P     . DG  B 5 ? 0.1917 0.1127 0.1049 0.0426  0.0055  -0.0030 11 DG  B P     
323 O  OP1   . DG  B 5 ? 0.3391 0.1278 0.1184 -0.0057 0.0472  0.0037  11 DG  B OP1   
324 O  OP2   . DG  B 5 ? 0.2907 0.1314 0.1055 0.0691  -0.0401 -0.0190 11 DG  B OP2   
325 O  "O5'" . DG  B 5 ? 0.1713 0.0891 0.1141 0.0262  -0.0071 0.0095  11 DG  B "O5'" 
330 O  "O3'" . DG  B 5 ? 0.1057 0.0736 0.1063 0.0265  0.0046  0.0077  11 DG  B "O3'" 
355 P  P     . DG  B 6 ? 0.1035 0.0779 0.0978 0.0213  -0.0053 0.0088  12 DG  B P     
356 O  OP1   . DG  B 6 ? 0.1217 0.0945 0.0975 0.0224  0.0085  0.0027  12 DG  B OP1   
357 O  OP2   . DG  B 6 ? 0.1267 0.0865 0.1041 0.0300  -0.0137 0.0029  12 DG  B OP2   
358 O  "O5'" . DG  B 6 ? 0.1165 0.0766 0.0997 0.0335  -0.0088 0.0025  12 DG  B "O5'" 
389 BR BR    . CBR C 1 ? 0.1125 0.1033 0.1395 0.0163  0.0060  0.0239  13 CBR C BR    
405 O  "O3'" . CBR C 1 ? 0.2125 0.2489 0.1389 -0.1165 0.0145  -0.0303 13 CBR C "O3'" 
417 P  P     . DC  C 2 ? 0.2790 0.2700 0.1717 -0.1396 0.0893  -0.1110 14 DC  C P     
418 O  OP1   . DC  C 2 ? 0.4238 0.7011 0.1558 -0.3260 0.1039  -0.2009 14 DC  C OP1   
419 O  OP2   . DC  C 2 ? 0.4990 0.1590 0.3328 -0.0693 0.1352  -0.1083 14 DC  C OP2   
420 O  "O5'" . DC  C 2 ? 0.1666 0.2905 0.1495 -0.0625 0.0555  -0.0718 14 DC  C "O5'" 
425 O  "O3'" . DC  C 2 ? 0.1069 0.1143 0.1151 0.0401  -0.0093 -0.0059 14 DC  C "O3'" 
447 P  P     . DT  C 3 ? 0.1084 0.1216 0.1021 0.0304  -0.0041 -0.0134 15 DT  C P     
448 O  OP1   . DT  C 3 ? 0.1201 0.1322 0.1091 0.0266  -0.0093 0.0014  15 DT  C OP1   
449 O  OP2   . DT  C 3 ? 0.0929 0.1206 0.1288 0.0189  0.0007  0.0008  15 DT  C OP2   
450 O  "O5'" . DT  C 3 ? 0.1046 0.1121 0.1076 0.0248  0.0008  0.0080  15 DT  C "O5'" 
455 O  "O3'" . DT  C 3 ? 0.1271 0.1124 0.1044 0.0167  -0.0089 0.0018  15 DT  C "O3'" 
479 P  P     . DA  C 4 ? 0.1135 0.1174 0.0999 0.0176  0.0034  -0.0033 16 DA  C P     
480 O  OP1   . DA  C 4 ? 0.1493 0.1328 0.1494 0.0310  0.0094  0.0315  16 DA  C OP1   
481 O  OP2   . DA  C 4 ? 0.1508 0.1967 0.1343 0.0130  0.0146  -0.0729 16 DA  C OP2   
482 O  "O5'" . DA  C 4 ? 0.1128 0.1144 0.1034 0.0057  0.0088  -0.0097 16 DA  C "O5'" 
487 O  "O3'" . DA  C 4 ? 0.1241 0.0867 0.1232 0.0055  0.0157  -0.0106 16 DA  C "O3'" 
511 P  P     . DG  C 5 ? 0.1183 0.0919 0.1198 0.0110  0.0191  -0.0029 17 DG  C P     
512 O  OP1   . DG  C 5 ? 0.1407 0.0992 0.1469 0.0052  0.0057  0.0042  17 DG  C OP1   
513 O  OP2   . DG  C 5 ? 0.1504 0.1054 0.1236 0.0184  0.0080  -0.0242 17 DG  C OP2   
514 O  "O5'" . DG  C 5 ? 0.1458 0.0815 0.1178 0.0366  -0.0149 -0.0157 17 DG  C "O5'" 
519 O  "O3'" . DG  C 5 ? 0.1244 0.1092 0.1955 0.0004  -0.0198 -0.0321 17 DG  C "O3'" 
544 P  P     . DG  C 6 ? 0.1349 0.0919 0.2597 0.0001  -0.0190 0.0097  18 DG  C P     
545 O  OP1   . DG  C 6 ? 0.1976 0.0873 0.4358 -0.0112 -0.0599 -0.0158 18 DG  C OP1   
546 O  OP2   . DG  C 6 ? 0.1639 0.1805 0.3217 -0.0170 0.0019  0.0852  18 DG  C OP2   
547 O  "O5'" . DG  C 6 ? 0.1144 0.0955 0.3045 0.0041  -0.0151 -0.0337 18 DG  C "O5'" 
578 BR BR    . CBR D 1 ? 0.1148 0.1005 0.1543 0.0368  -0.0328 -0.0381 19 CBR D BR    
595 O  "O3'" C CBR D 1 ? 0.1414 0.4597 0.1216 0.1106  0.0093  -0.1173 19 CBR D "O3'" 
596 O  "O3'" D CBR D 1 ? 0.1514 0.1305 0.1793 0.0004  0.0220  -0.0113 19 CBR D "O3'" 
609 P  P     C DC  D 2 ? 0.2055 0.1473 0.1574 0.0493  0.0316  -0.0257 20 DC  D P     
610 P  P     D DC  D 2 ? 0.1214 0.1232 0.1458 -0.0091 0.0107  0.0005  20 DC  D P     
611 O  OP1   C DC  D 2 ? 0.4513 0.1661 0.2516 0.0847  0.2421  0.0719  20 DC  D OP1   
612 O  OP1   D DC  D 2 ? 0.1299 0.0570 0.3062 0.0534  -0.0008 0.0014  20 DC  D OP1   
613 O  OP2   C DC  D 2 ? 0.0960 0.2337 0.0994 0.0314  0.0131  -0.0558 20 DC  D OP2   
614 O  OP2   D DC  D 2 ? 0.1302 0.1590 0.1077 0.0375  0.0302  0.0043  20 DC  D OP2   
615 O  "O5'" C DC  D 2 ? 0.1537 0.1681 0.1353 0.0300  0.0181  0.0362  20 DC  D "O5'" 
616 O  "O5'" D DC  D 2 ? 0.1160 0.1001 0.1687 0.0494  -0.0144 0.0352  20 DC  D "O5'" 
622 O  "O3'" . DC  D 2 ? 0.1710 0.1559 0.1106 0.0440  0.0074  0.0174  20 DC  D "O3'" 
646 P  P     . DT  D 3 ? 0.1635 0.1332 0.1271 0.0280  0.0311  -0.0005 21 DT  D P     
647 O  OP1   . DT  D 3 ? 0.2598 0.1639 0.1385 0.0094  0.0483  0.0361  21 DT  D OP1   
648 O  OP2   . DT  D 3 ? 0.1238 0.1554 0.2438 -0.0232 0.0658  -0.0367 21 DT  D OP2   
649 O  "O5'" . DT  D 3 ? 0.1559 0.1360 0.1356 0.0349  0.0174  0.0056  21 DT  D "O5'" 
654 O  "O3'" . DT  D 3 ? 0.2046 0.0950 0.1063 0.0143  0.0082  0.0175  21 DT  D "O3'" 
678 P  P     . DA  D 4 ? 0.2257 0.0954 0.1015 0.0346  -0.0197 0.0009  22 DA  D P     
679 O  OP1   . DA  D 4 ? 0.2768 0.1464 0.1206 0.1034  -0.0293 0.0027  22 DA  D OP1   
680 O  OP2   . DA  D 4 ? 0.2537 0.1162 0.1428 -0.0036 0.0574  -0.0155 22 DA  D OP2   
681 O  "O5'" . DA  D 4 ? 0.1732 0.0976 0.1072 0.0365  -0.0204 -0.0045 22 DA  D "O5'" 
686 O  "O3'" . DA  D 4 ? 0.0981 0.1299 0.1549 0.0147  -0.0216 0.0208  22 DA  D "O3'" 
710 P  P     . DG  D 5 ? 0.1316 0.1017 0.1843 0.0031  -0.0498 0.0052  23 DG  D P     
711 O  OP1   . DG  D 5 ? 0.1337 0.1463 0.2431 -0.0275 -0.0536 0.0315  23 DG  D OP1   
712 O  OP2   . DG  D 5 ? 0.2328 0.1117 0.2101 0.0247  -0.1215 -0.0268 23 DG  D OP2   
713 O  "O5'" . DG  D 5 ? 0.1265 0.0949 0.1499 0.0125  -0.0214 0.0028  23 DG  D "O5'" 
718 O  "O3'" . DG  D 5 ? 0.0982 0.0696 0.1296 0.0153  -0.0108 0.0057  23 DG  D "O3'" 
743 P  P     . DG  D 6 ? 0.1027 0.0699 0.1120 0.0130  -0.0068 -0.0016 24 DG  D P     
744 O  OP1   . DG  D 6 ? 0.0908 0.0825 0.1316 0.0105  -0.0080 -0.0002 24 DG  D OP1   
745 O  OP2   . DG  D 6 ? 0.1175 0.0691 0.1235 0.0234  -0.0166 -0.0057 24 DG  D OP2   
746 O  "O5'" . DG  D 6 ? 0.0964 0.0689 0.1172 0.0234  -0.0214 -0.0047 24 DG  D "O5'" 
777 MG MG    . MG  E . ? 0.1051 0.0977 0.2083 0.0009  -0.0437 0.0088  27 MG  A MG    
778 NI NI    . PNI F . ? 0.1054 0.1115 0.0948 0.0492  0.0024  -0.0002 25 PNI B NI    
867 MG MG    . MG  G . ? 0.2008 0.1101 0.1032 0.0430  0.0312  0.0102  28 MG  C MG    
868 NI NI    . PNI H . ? 0.0812 0.0852 0.1462 0.0243  -0.0123 -0.0208 26 PNI D NI    
# 
